data_5VNW
#
_entry.id   5VNW
#
_cell.length_a   66.338
_cell.length_b   72.150
_cell.length_c   108.513
_cell.angle_alpha   96.14
_cell.angle_beta   104.60
_cell.angle_gamma   104.02
#
_symmetry.space_group_name_H-M   'P 1'
#
loop_
_entity.id
_entity.type
_entity.pdbx_description
1 polymer 'Serum albumin'
2 polymer Nb.b201
3 non-polymer GLYCEROL
4 non-polymer 'PALMITIC ACID'
5 non-polymer 'LAURIC ACID'
6 non-polymer 'butanoic acid'
7 water water
#
loop_
_entity_poly.entity_id
_entity_poly.type
_entity_poly.pdbx_seq_one_letter_code
_entity_poly.pdbx_strand_id
1 'polypeptide(L)'
;DAHKSEVAHRFKDLGEENFKALVLIAFAQYLQQCPFEDHVKLVNEVTEFAKTCVADESAENCDKSLHTLFGDKLCTVATL
RETYGEMADCCAKQEPERNECFLQHKDDNPNLPRLVRPEVDVMCTAFHDNEETFLKKYLYEIARRHPYFYAPELLFFAKR
YKAAFTECCQAADKAACLLPKLDELRDEGKASSAKQRLKCASLQKFGERAFKAWAVARLSQRFPKAEFAEVSKLVTDLTK
VHTECCHGDLLECADDRADLAKYICENQDSISSKLKECCEKPLLEKSHCIAEVENDEMPADLPSLAADFVESKDVCKNYA
EAKDVFLGMFLYEYARRHPDYSVVLLLRLAKTYETTLEKCCAAADPHECYAKVFDEFKPLVEEPQNLIKQNCELFEQLGE
YKFQNALLVRYTKKVPQVSTPTLVEVSRNLGKVGSKCCKHPEAKRMPCAEDYLSVVLNQLCVLHEKTPVSDRVTKCCTES
LVNRRPCFSALEVDETYVPKEFNAETFTFHADICTLSEKERQIKKQTALVELVKHKPKATKEQLKAVMDDFAAFVEKCCK
ADDKETCFAEEGKKLVAASQAALGL
;
A,B
2 'polypeptide(L)'
;QVQLQESGGGLVQAGGSLRLSCAASGYISDAYYMGWYRQAPGKEREFVATITHGTNTYYADSVKGRFTISRDNAKNTVYL
QMNSLKPEDTAVYYCAVLETRSYSFRYWGQGTQVTVSSLE
;
C,D
#
loop_
_chem_comp.id
_chem_comp.type
_chem_comp.name
_chem_comp.formula
BUA non-polymer 'butanoic acid' 'C4 H8 O2'
DAO non-polymer 'LAURIC ACID' 'C12 H24 O2'
GOL non-polymer GLYCEROL 'C3 H8 O3'
PLM non-polymer 'PALMITIC ACID' 'C16 H32 O2'
#
# COMPACT_ATOMS: atom_id res chain seq x y z
N ALA A 2 -60.66 6.83 -53.36
CA ALA A 2 -61.07 6.26 -54.65
C ALA A 2 -61.44 4.79 -54.49
N HIS A 3 -61.83 4.40 -53.29
CA HIS A 3 -62.18 3.02 -52.98
C HIS A 3 -63.50 2.98 -52.22
N LYS A 4 -64.07 1.78 -52.14
CA LYS A 4 -65.32 1.60 -51.41
C LYS A 4 -65.15 1.92 -49.94
N SER A 5 -64.09 1.38 -49.33
CA SER A 5 -63.76 1.66 -47.93
C SER A 5 -62.28 2.04 -47.87
N GLU A 6 -62.01 3.33 -47.64
CA GLU A 6 -60.64 3.82 -47.65
C GLU A 6 -59.84 3.26 -46.48
N VAL A 7 -60.45 3.17 -45.29
CA VAL A 7 -59.73 2.69 -44.12
C VAL A 7 -59.50 1.18 -44.23
N ALA A 8 -60.45 0.45 -44.81
CA ALA A 8 -60.29 -1.00 -44.94
C ALA A 8 -59.26 -1.35 -46.01
N HIS A 9 -59.08 -0.48 -47.00
CA HIS A 9 -58.11 -0.75 -48.06
C HIS A 9 -56.69 -0.44 -47.61
N ARG A 10 -56.48 0.70 -46.96
CA ARG A 10 -55.16 1.04 -46.45
C ARG A 10 -54.71 0.08 -45.37
N PHE A 11 -55.65 -0.47 -44.60
CA PHE A 11 -55.29 -1.46 -43.59
C PHE A 11 -54.79 -2.74 -44.22
N LYS A 12 -55.38 -3.14 -45.36
CA LYS A 12 -54.94 -4.34 -46.03
C LYS A 12 -53.61 -4.14 -46.76
N ASP A 13 -53.41 -2.95 -47.32
CA ASP A 13 -52.16 -2.68 -48.03
C ASP A 13 -50.98 -2.60 -47.09
N LEU A 14 -51.17 -1.99 -45.91
CA LEU A 14 -50.09 -1.80 -44.95
C LEU A 14 -49.94 -2.93 -43.97
N GLY A 15 -50.99 -3.74 -43.75
CA GLY A 15 -51.00 -4.71 -42.69
C GLY A 15 -51.22 -4.05 -41.35
N GLU A 16 -51.49 -4.89 -40.35
CA GLU A 16 -51.72 -4.38 -39.00
C GLU A 16 -50.48 -3.74 -38.40
N GLU A 17 -49.29 -4.29 -38.68
CA GLU A 17 -48.05 -3.76 -38.14
C GLU A 17 -47.85 -2.30 -38.56
N ASN A 18 -47.80 -2.06 -39.87
CA ASN A 18 -47.52 -0.72 -40.36
C ASN A 18 -48.68 0.24 -40.10
N PHE A 19 -49.92 -0.26 -40.11
CA PHE A 19 -51.07 0.60 -39.87
C PHE A 19 -51.02 1.16 -38.45
N LYS A 20 -50.77 0.30 -37.46
CA LYS A 20 -50.68 0.76 -36.08
C LYS A 20 -49.58 1.79 -35.91
N ALA A 21 -48.41 1.55 -36.53
CA ALA A 21 -47.28 2.46 -36.34
C ALA A 21 -47.52 3.79 -37.02
N LEU A 22 -48.07 3.78 -38.24
CA LEU A 22 -48.33 5.03 -38.95
C LEU A 22 -49.38 5.87 -38.24
N VAL A 23 -50.37 5.22 -37.62
CA VAL A 23 -51.37 5.97 -36.85
C VAL A 23 -50.77 6.49 -35.55
N LEU A 24 -49.87 5.71 -34.95
CA LEU A 24 -49.19 6.16 -33.73
C LEU A 24 -48.28 7.35 -34.02
N ILE A 25 -47.54 7.30 -35.13
CA ILE A 25 -46.67 8.41 -35.49
C ILE A 25 -47.49 9.65 -35.82
N ALA A 26 -48.63 9.47 -36.51
CA ALA A 26 -49.44 10.61 -36.91
C ALA A 26 -50.02 11.33 -35.69
N PHE A 27 -50.57 10.57 -34.74
CA PHE A 27 -51.15 11.19 -33.56
C PHE A 27 -50.10 11.92 -32.72
N ALA A 28 -48.90 11.32 -32.59
CA ALA A 28 -47.84 11.97 -31.83
C ALA A 28 -47.37 13.25 -32.50
N GLN A 29 -47.43 13.31 -33.83
CA GLN A 29 -47.01 14.50 -34.54
C GLN A 29 -48.06 15.61 -34.46
N TYR A 30 -49.34 15.25 -34.44
CA TYR A 30 -50.39 16.27 -34.32
C TYR A 30 -50.59 16.69 -32.87
N LEU A 31 -50.71 15.72 -31.97
CA LEU A 31 -50.91 15.99 -30.55
C LEU A 31 -49.60 15.68 -29.83
N GLN A 32 -48.70 16.66 -29.83
CA GLN A 32 -47.34 16.42 -29.35
C GLN A 32 -47.25 16.39 -27.83
N GLN A 33 -48.17 17.05 -27.14
CA GLN A 33 -48.11 17.20 -25.69
C GLN A 33 -48.92 16.17 -24.93
N CYS A 34 -49.61 15.27 -25.63
CA CYS A 34 -50.40 14.26 -24.93
C CYS A 34 -49.51 13.10 -24.47
N PRO A 35 -49.86 12.47 -23.36
CA PRO A 35 -49.04 11.36 -22.85
C PRO A 35 -49.08 10.16 -23.79
N PHE A 36 -48.16 9.23 -23.53
CA PHE A 36 -47.99 8.08 -24.41
C PHE A 36 -49.18 7.13 -24.33
N GLU A 37 -49.64 6.83 -23.12
CA GLU A 37 -50.73 5.85 -22.96
C GLU A 37 -52.02 6.35 -23.60
N ASP A 38 -52.22 7.66 -23.64
CA ASP A 38 -53.43 8.20 -24.28
C ASP A 38 -53.39 8.00 -25.79
N HIS A 39 -52.22 8.19 -26.41
CA HIS A 39 -52.09 7.92 -27.83
C HIS A 39 -52.26 6.43 -28.13
N VAL A 40 -51.80 5.57 -27.22
CA VAL A 40 -51.96 4.12 -27.42
C VAL A 40 -53.44 3.77 -27.48
N LYS A 41 -54.23 4.31 -26.56
CA LYS A 41 -55.67 4.02 -26.58
C LYS A 41 -56.33 4.59 -27.83
N LEU A 42 -55.79 5.69 -28.38
CA LEU A 42 -56.34 6.23 -29.62
C LEU A 42 -55.98 5.35 -30.81
N VAL A 43 -54.77 4.81 -30.83
CA VAL A 43 -54.35 3.93 -31.92
C VAL A 43 -55.21 2.68 -31.95
N ASN A 44 -55.42 2.06 -30.78
CA ASN A 44 -56.20 0.83 -30.72
C ASN A 44 -57.67 1.07 -31.06
N GLU A 45 -58.18 2.29 -30.85
CA GLU A 45 -59.54 2.61 -31.25
C GLU A 45 -59.65 2.71 -32.77
N VAL A 46 -58.73 3.42 -33.40
CA VAL A 46 -58.72 3.51 -34.85
C VAL A 46 -58.43 2.16 -35.49
N THR A 47 -57.51 1.40 -34.89
CA THR A 47 -57.18 0.09 -35.44
C THR A 47 -58.36 -0.87 -35.36
N GLU A 48 -59.06 -0.87 -34.23
CA GLU A 48 -60.22 -1.76 -34.09
C GLU A 48 -61.36 -1.35 -35.02
N PHE A 49 -61.49 -0.05 -35.30
CA PHE A 49 -62.49 0.41 -36.25
C PHE A 49 -62.16 -0.07 -37.66
N ALA A 50 -60.87 -0.10 -38.01
CA ALA A 50 -60.47 -0.60 -39.32
C ALA A 50 -60.85 -2.07 -39.47
N LYS A 51 -60.71 -2.86 -38.40
CA LYS A 51 -61.04 -4.28 -38.48
C LYS A 51 -62.53 -4.49 -38.74
N THR A 52 -63.37 -3.56 -38.31
CA THR A 52 -64.80 -3.67 -38.61
C THR A 52 -65.05 -3.48 -40.10
N CYS A 53 -64.32 -2.56 -40.73
CA CYS A 53 -64.48 -2.33 -42.16
C CYS A 53 -63.83 -3.43 -42.99
N VAL A 54 -62.78 -4.05 -42.48
CA VAL A 54 -62.18 -5.20 -43.18
C VAL A 54 -63.14 -6.36 -43.21
N ALA A 55 -63.94 -6.53 -42.15
CA ALA A 55 -64.92 -7.61 -42.09
C ALA A 55 -66.21 -7.26 -42.82
N ASP A 56 -66.55 -5.97 -42.92
CA ASP A 56 -67.74 -5.53 -43.64
C ASP A 56 -67.53 -4.08 -44.03
N GLU A 57 -67.31 -3.83 -45.32
CA GLU A 57 -67.04 -2.47 -45.79
C GLU A 57 -68.29 -1.59 -45.77
N SER A 58 -69.47 -2.15 -45.55
CA SER A 58 -70.70 -1.39 -45.48
C SER A 58 -71.07 -1.00 -44.05
N ALA A 59 -70.19 -1.23 -43.09
CA ALA A 59 -70.48 -0.92 -41.70
C ALA A 59 -70.51 0.59 -41.48
N GLU A 60 -70.71 1.00 -40.23
CA GLU A 60 -70.85 2.40 -39.91
C GLU A 60 -69.51 3.13 -40.05
N ASN A 61 -69.55 4.31 -40.67
CA ASN A 61 -68.41 5.19 -40.86
C ASN A 61 -67.31 4.58 -41.73
N CYS A 62 -67.55 3.41 -42.31
CA CYS A 62 -66.54 2.79 -43.16
C CYS A 62 -66.43 3.48 -44.52
N ASP A 63 -67.47 4.20 -44.94
CA ASP A 63 -67.42 4.92 -46.21
C ASP A 63 -66.60 6.20 -46.13
N LYS A 64 -66.31 6.68 -44.93
CA LYS A 64 -65.58 7.93 -44.78
C LYS A 64 -64.09 7.72 -45.05
N SER A 65 -63.46 8.76 -45.59
CA SER A 65 -62.03 8.72 -45.84
C SER A 65 -61.24 8.74 -44.53
N LEU A 66 -59.97 8.34 -44.61
CA LEU A 66 -59.14 8.32 -43.42
C LEU A 66 -58.83 9.73 -42.92
N HIS A 67 -58.92 10.74 -43.79
CA HIS A 67 -58.69 12.11 -43.35
C HIS A 67 -59.75 12.55 -42.35
N THR A 68 -61.03 12.37 -42.69
CA THR A 68 -62.09 12.79 -41.78
C THR A 68 -62.21 11.86 -40.58
N LEU A 69 -61.80 10.60 -40.73
CA LEU A 69 -61.81 9.68 -39.58
C LEU A 69 -60.69 10.03 -38.60
N PHE A 70 -59.53 10.44 -39.12
CA PHE A 70 -58.45 10.90 -38.26
C PHE A 70 -58.70 12.33 -37.78
N GLY A 71 -59.46 13.11 -38.53
CA GLY A 71 -59.75 14.48 -38.17
C GLY A 71 -60.65 14.60 -36.95
N ASP A 72 -61.84 14.01 -37.00
CA ASP A 72 -62.74 14.05 -35.86
C ASP A 72 -62.21 13.24 -34.69
N LYS A 73 -61.27 12.32 -34.93
CA LYS A 73 -60.62 11.63 -33.84
C LYS A 73 -59.67 12.55 -33.09
N LEU A 74 -59.14 13.57 -33.76
CA LEU A 74 -58.41 14.61 -33.06
C LEU A 74 -59.35 15.48 -32.25
N CYS A 75 -60.62 15.58 -32.67
CA CYS A 75 -61.63 16.38 -31.98
C CYS A 75 -62.34 15.60 -30.88
N THR A 76 -61.96 14.34 -30.65
CA THR A 76 -62.57 13.55 -29.59
C THR A 76 -61.86 13.70 -28.25
N VAL A 77 -60.63 14.23 -28.24
CA VAL A 77 -59.90 14.40 -26.99
C VAL A 77 -60.53 15.54 -26.20
N ALA A 78 -60.62 15.35 -24.87
CA ALA A 78 -61.25 16.34 -24.01
C ALA A 78 -60.34 17.53 -23.76
N THR A 79 -59.03 17.37 -23.80
CA THR A 79 -58.14 18.49 -23.47
C THR A 79 -57.75 19.29 -24.70
N LEU A 80 -58.46 19.07 -25.79
CA LEU A 80 -58.06 19.66 -27.06
C LEU A 80 -57.83 21.16 -26.93
N ARG A 81 -58.81 21.89 -26.39
CA ARG A 81 -58.67 23.33 -26.23
C ARG A 81 -57.73 23.70 -25.09
N GLU A 82 -57.65 22.87 -24.04
CA GLU A 82 -56.81 23.23 -22.89
C GLU A 82 -55.34 23.10 -23.22
N THR A 83 -54.94 21.98 -23.82
CA THR A 83 -53.53 21.80 -24.17
C THR A 83 -53.16 22.57 -25.43
N TYR A 84 -54.01 22.54 -26.46
CA TYR A 84 -53.75 23.21 -27.73
C TYR A 84 -54.90 24.18 -27.99
N GLY A 85 -54.75 25.41 -27.49
CA GLY A 85 -55.82 26.40 -27.48
C GLY A 85 -56.66 26.53 -28.74
N GLU A 86 -56.05 27.09 -29.78
CA GLU A 86 -56.78 27.41 -31.01
C GLU A 86 -57.25 26.16 -31.75
N MET A 87 -56.60 25.03 -31.51
CA MET A 87 -56.88 23.86 -32.31
C MET A 87 -58.34 23.44 -32.28
N ALA A 88 -58.96 23.53 -31.10
CA ALA A 88 -60.34 23.11 -30.96
C ALA A 88 -61.28 23.87 -31.90
N ASP A 89 -60.89 25.07 -32.33
CA ASP A 89 -61.69 25.80 -33.31
C ASP A 89 -61.46 25.31 -34.73
N CYS A 90 -60.36 24.58 -34.98
CA CYS A 90 -60.19 23.94 -36.28
C CYS A 90 -61.30 22.94 -36.56
N CYS A 91 -61.80 22.27 -35.51
CA CYS A 91 -62.79 21.22 -35.68
C CYS A 91 -64.11 21.76 -36.22
N ALA A 92 -64.37 23.06 -36.10
CA ALA A 92 -65.58 23.64 -36.66
C ALA A 92 -65.51 23.72 -38.18
N LYS A 93 -64.33 23.57 -38.77
CA LYS A 93 -64.17 23.63 -40.22
C LYS A 93 -64.36 22.25 -40.84
N GLN A 94 -64.86 22.24 -42.06
CA GLN A 94 -65.11 21.01 -42.79
C GLN A 94 -63.90 20.65 -43.65
N GLU A 95 -63.63 19.36 -43.77
CA GLU A 95 -62.55 18.90 -44.62
C GLU A 95 -62.83 19.27 -46.07
N PRO A 96 -61.80 19.58 -46.87
CA PRO A 96 -60.36 19.54 -46.53
C PRO A 96 -59.87 20.76 -45.77
N GLU A 97 -60.74 21.75 -45.56
CA GLU A 97 -60.30 22.98 -44.90
C GLU A 97 -59.91 22.78 -43.44
N ARG A 98 -60.17 21.59 -42.87
CA ARG A 98 -59.81 21.33 -41.48
C ARG A 98 -58.44 20.68 -41.35
N ASN A 99 -58.04 19.85 -42.31
CA ASN A 99 -56.76 19.16 -42.20
C ASN A 99 -55.60 20.15 -42.34
N GLU A 100 -55.73 21.12 -43.24
CA GLU A 100 -54.72 22.17 -43.35
C GLU A 100 -54.70 23.05 -42.11
N CYS A 101 -55.82 23.15 -41.40
CA CYS A 101 -55.87 23.93 -40.17
C CYS A 101 -55.00 23.31 -39.08
N PHE A 102 -54.87 21.97 -39.08
CA PHE A 102 -54.04 21.31 -38.07
C PHE A 102 -52.56 21.47 -38.38
N LEU A 103 -52.18 21.48 -39.66
CA LEU A 103 -50.78 21.58 -40.04
C LEU A 103 -50.15 22.88 -39.55
N GLN A 104 -50.99 23.84 -39.22
CA GLN A 104 -50.46 25.08 -38.79
C GLN A 104 -50.02 24.98 -37.40
N HIS A 105 -50.72 24.17 -36.66
CA HIS A 105 -50.51 24.07 -35.22
C HIS A 105 -49.31 23.22 -34.83
N LYS A 106 -48.77 22.43 -35.76
CA LYS A 106 -47.64 21.58 -35.43
C LYS A 106 -46.45 22.43 -35.02
N ASP A 107 -45.99 22.23 -33.78
CA ASP A 107 -44.88 23.01 -33.24
C ASP A 107 -43.56 22.38 -33.67
N ASP A 108 -42.75 23.13 -34.42
CA ASP A 108 -41.45 22.65 -34.83
C ASP A 108 -40.51 22.47 -33.65
N ASN A 109 -40.67 23.29 -32.61
CA ASN A 109 -39.80 23.27 -31.44
C ASN A 109 -40.67 23.16 -30.19
N PRO A 110 -41.15 21.96 -29.87
CA PRO A 110 -41.98 21.78 -28.68
C PRO A 110 -41.17 21.80 -27.40
N ASN A 111 -41.82 22.23 -26.33
CA ASN A 111 -41.17 22.34 -25.01
C ASN A 111 -41.29 20.99 -24.30
N LEU A 112 -40.36 20.11 -24.64
CA LEU A 112 -40.32 18.76 -24.08
C LEU A 112 -38.92 18.48 -23.51
N PRO A 113 -38.82 17.58 -22.53
CA PRO A 113 -37.51 17.29 -21.95
C PRO A 113 -36.57 16.68 -22.98
N ARG A 114 -35.27 16.94 -22.79
CA ARG A 114 -34.26 16.34 -23.66
C ARG A 114 -34.18 14.84 -23.43
N LEU A 115 -34.03 14.08 -24.50
CA LEU A 115 -33.94 12.63 -24.39
C LEU A 115 -32.61 12.23 -23.79
N VAL A 116 -32.66 11.55 -22.66
CA VAL A 116 -31.47 11.02 -21.98
C VAL A 116 -31.45 9.52 -22.22
N ARG A 117 -30.40 9.05 -22.87
CA ARG A 117 -30.29 7.63 -23.17
C ARG A 117 -30.05 6.85 -21.89
N PRO A 118 -30.92 5.91 -21.52
CA PRO A 118 -30.71 5.13 -20.30
C PRO A 118 -29.53 4.19 -20.45
N GLU A 119 -29.21 3.52 -19.35
CA GLU A 119 -28.14 2.53 -19.37
C GLU A 119 -28.53 1.34 -20.23
N VAL A 120 -27.51 0.64 -20.73
CA VAL A 120 -27.75 -0.49 -21.64
C VAL A 120 -28.55 -1.58 -20.92
N ASP A 121 -28.29 -1.79 -19.64
CA ASP A 121 -29.02 -2.80 -18.88
C ASP A 121 -30.49 -2.43 -18.75
N VAL A 122 -30.79 -1.16 -18.48
CA VAL A 122 -32.17 -0.73 -18.29
C VAL A 122 -32.93 -0.78 -19.61
N MET A 123 -32.29 -0.36 -20.70
CA MET A 123 -32.98 -0.34 -22.00
C MET A 123 -33.33 -1.74 -22.48
N CYS A 124 -32.53 -2.73 -22.14
CA CYS A 124 -32.76 -4.08 -22.64
C CYS A 124 -33.56 -4.95 -21.69
N THR A 125 -33.51 -4.67 -20.38
CA THR A 125 -34.46 -5.29 -19.48
C THR A 125 -35.89 -4.84 -19.77
N ALA A 126 -36.05 -3.66 -20.36
CA ALA A 126 -37.35 -3.20 -20.83
C ALA A 126 -37.64 -3.63 -22.25
N PHE A 127 -36.60 -3.84 -23.07
CA PHE A 127 -36.82 -4.32 -24.44
C PHE A 127 -37.35 -5.74 -24.44
N HIS A 128 -36.91 -6.57 -23.50
CA HIS A 128 -37.39 -7.94 -23.38
C HIS A 128 -38.65 -8.04 -22.54
N ASP A 129 -38.95 -7.04 -21.72
CA ASP A 129 -40.18 -7.05 -20.94
C ASP A 129 -41.40 -6.97 -21.85
N ASN A 130 -41.44 -5.97 -22.72
CA ASN A 130 -42.51 -5.84 -23.72
C ASN A 130 -41.88 -5.21 -24.96
N GLU A 131 -41.55 -6.05 -25.93
CA GLU A 131 -40.82 -5.57 -27.11
C GLU A 131 -41.64 -4.58 -27.92
N GLU A 132 -42.93 -4.85 -28.08
CA GLU A 132 -43.78 -3.96 -28.87
C GLU A 132 -43.94 -2.61 -28.19
N THR A 133 -44.05 -2.61 -26.85
CA THR A 133 -44.18 -1.35 -26.13
C THR A 133 -42.89 -0.54 -26.20
N PHE A 134 -41.73 -1.22 -26.20
CA PHE A 134 -40.45 -0.52 -26.26
C PHE A 134 -40.30 0.23 -27.57
N LEU A 135 -40.74 -0.37 -28.68
CA LEU A 135 -40.64 0.29 -29.98
C LEU A 135 -41.68 1.39 -30.14
N LYS A 136 -42.86 1.22 -29.54
CA LYS A 136 -43.90 2.24 -29.65
C LYS A 136 -43.47 3.52 -28.94
N LYS A 137 -42.89 3.41 -27.75
CA LYS A 137 -42.40 4.60 -27.04
C LYS A 137 -41.28 5.27 -27.83
N TYR A 138 -40.44 4.48 -28.50
CA TYR A 138 -39.40 5.05 -29.35
C TYR A 138 -40.00 5.89 -30.46
N LEU A 139 -41.04 5.37 -31.11
CA LEU A 139 -41.71 6.13 -32.17
C LEU A 139 -42.44 7.34 -31.59
N TYR A 140 -43.04 7.19 -30.41
CA TYR A 140 -43.80 8.28 -29.82
C TYR A 140 -42.93 9.47 -29.45
N GLU A 141 -41.75 9.20 -28.89
CA GLU A 141 -40.88 10.29 -28.44
C GLU A 141 -40.19 11.00 -29.60
N ILE A 142 -39.93 10.29 -30.71
CA ILE A 142 -39.29 10.92 -31.85
C ILE A 142 -40.31 11.66 -32.71
N ALA A 143 -41.48 11.07 -32.91
CA ALA A 143 -42.48 11.68 -33.79
C ALA A 143 -42.96 13.02 -33.25
N ARG A 144 -43.14 13.13 -31.93
CA ARG A 144 -43.62 14.38 -31.34
C ARG A 144 -42.51 15.41 -31.19
N ARG A 145 -41.28 15.07 -31.51
CA ARG A 145 -40.18 16.03 -31.57
C ARG A 145 -39.78 16.39 -33.00
N HIS A 146 -40.25 15.63 -33.99
CA HIS A 146 -40.05 15.96 -35.39
C HIS A 146 -41.39 15.75 -36.09
N PRO A 147 -42.32 16.71 -35.96
CA PRO A 147 -43.68 16.50 -36.49
C PRO A 147 -43.74 16.41 -37.99
N TYR A 148 -42.73 16.92 -38.70
CA TYR A 148 -42.71 16.89 -40.15
C TYR A 148 -41.87 15.75 -40.71
N PHE A 149 -41.38 14.86 -39.85
CA PHE A 149 -40.64 13.70 -40.30
C PHE A 149 -41.57 12.74 -41.03
N TYR A 150 -41.20 12.35 -42.25
CA TYR A 150 -42.02 11.43 -43.02
C TYR A 150 -42.20 10.13 -42.27
N ALA A 151 -43.46 9.76 -42.04
CA ALA A 151 -43.76 8.65 -41.12
C ALA A 151 -43.21 7.31 -41.59
N PRO A 152 -43.39 6.88 -42.85
CA PRO A 152 -42.77 5.62 -43.26
C PRO A 152 -41.25 5.64 -43.17
N GLU A 153 -40.63 6.80 -43.34
CA GLU A 153 -39.19 6.91 -43.15
C GLU A 153 -38.80 6.62 -41.72
N LEU A 154 -39.51 7.24 -40.76
CA LEU A 154 -39.29 6.94 -39.35
C LEU A 154 -39.63 5.51 -39.02
N LEU A 155 -40.63 4.94 -39.71
CA LEU A 155 -40.99 3.54 -39.47
C LEU A 155 -39.83 2.60 -39.83
N PHE A 156 -39.02 2.97 -40.82
CA PHE A 156 -37.88 2.13 -41.18
C PHE A 156 -36.73 2.26 -40.19
N PHE A 157 -36.61 3.42 -39.53
CA PHE A 157 -35.62 3.54 -38.46
C PHE A 157 -35.97 2.66 -37.28
N ALA A 158 -37.27 2.51 -36.99
CA ALA A 158 -37.70 1.67 -35.87
C ALA A 158 -37.31 0.21 -36.12
N LYS A 159 -37.41 -0.25 -37.38
CA LYS A 159 -36.98 -1.60 -37.70
C LYS A 159 -35.48 -1.78 -37.47
N ARG A 160 -34.68 -0.82 -37.93
CA ARG A 160 -33.25 -0.84 -37.67
C ARG A 160 -32.96 -0.66 -36.18
N TYR A 161 -33.77 0.15 -35.50
CA TYR A 161 -33.64 0.28 -34.05
C TYR A 161 -33.94 -1.04 -33.35
N LYS A 162 -34.91 -1.79 -33.88
CA LYS A 162 -35.26 -3.07 -33.28
C LYS A 162 -34.20 -4.14 -33.57
N ALA A 163 -33.68 -4.16 -34.81
CA ALA A 163 -32.66 -5.12 -35.18
C ALA A 163 -31.38 -4.98 -34.37
N ALA A 164 -31.10 -3.78 -33.83
CA ALA A 164 -29.91 -3.61 -33.02
C ALA A 164 -30.08 -4.23 -31.64
N PHE A 165 -31.21 -3.94 -30.99
CA PHE A 165 -31.46 -4.51 -29.67
C PHE A 165 -31.58 -6.02 -29.72
N THR A 166 -32.15 -6.55 -30.80
CA THR A 166 -32.26 -8.01 -30.95
C THR A 166 -30.88 -8.65 -31.04
N GLU A 167 -29.97 -8.00 -31.76
CA GLU A 167 -28.62 -8.55 -31.97
C GLU A 167 -27.68 -8.22 -30.82
N CYS A 168 -27.61 -6.94 -30.43
CA CYS A 168 -26.53 -6.50 -29.56
C CYS A 168 -26.68 -7.04 -28.14
N CYS A 169 -27.86 -6.86 -27.54
CA CYS A 169 -28.05 -7.19 -26.14
C CYS A 169 -28.11 -8.69 -25.87
N GLN A 170 -27.89 -9.52 -26.87
CA GLN A 170 -27.70 -10.95 -26.67
C GLN A 170 -26.25 -11.36 -26.76
N ALA A 171 -25.34 -10.39 -26.86
CA ALA A 171 -23.91 -10.63 -26.92
C ALA A 171 -23.24 -10.01 -25.71
N ALA A 172 -22.20 -10.67 -25.20
CA ALA A 172 -21.47 -10.16 -24.06
C ALA A 172 -20.84 -8.81 -24.38
N ASP A 173 -20.72 -7.97 -23.34
CA ASP A 173 -20.30 -6.57 -23.48
C ASP A 173 -21.19 -5.85 -24.50
N LYS A 174 -22.45 -5.68 -24.08
CA LYS A 174 -23.48 -5.17 -24.98
C LYS A 174 -23.21 -3.74 -25.41
N ALA A 175 -22.59 -2.94 -24.54
CA ALA A 175 -22.38 -1.53 -24.85
C ALA A 175 -21.45 -1.34 -26.04
N ALA A 176 -20.43 -2.21 -26.16
CA ALA A 176 -19.52 -2.13 -27.30
C ALA A 176 -20.22 -2.43 -28.61
N CYS A 177 -21.34 -3.14 -28.58
CA CYS A 177 -22.14 -3.45 -29.76
C CYS A 177 -23.27 -2.46 -29.96
N LEU A 178 -23.97 -2.11 -28.87
CA LEU A 178 -25.23 -1.37 -28.97
C LEU A 178 -25.00 0.14 -29.09
N LEU A 179 -24.18 0.71 -28.22
CA LEU A 179 -24.01 2.16 -28.20
C LEU A 179 -23.48 2.73 -29.52
N PRO A 180 -22.49 2.14 -30.19
CA PRO A 180 -22.10 2.68 -31.51
C PRO A 180 -23.22 2.57 -32.54
N LYS A 181 -24.07 1.55 -32.45
CA LYS A 181 -25.18 1.45 -33.38
C LYS A 181 -26.24 2.51 -33.10
N LEU A 182 -26.41 2.91 -31.83
CA LEU A 182 -27.39 3.93 -31.50
C LEU A 182 -26.91 5.32 -31.88
N ASP A 183 -25.63 5.63 -31.64
CA ASP A 183 -25.11 6.94 -32.03
C ASP A 183 -25.07 7.09 -33.55
N GLU A 184 -24.78 6.00 -34.26
CA GLU A 184 -24.77 6.05 -35.72
C GLU A 184 -26.15 6.36 -36.26
N LEU A 185 -27.19 5.79 -35.66
CA LEU A 185 -28.55 6.05 -36.12
C LEU A 185 -28.98 7.48 -35.79
N ARG A 186 -28.77 7.90 -34.54
CA ARG A 186 -29.12 9.25 -34.12
C ARG A 186 -28.52 10.31 -35.03
N ASP A 187 -27.31 10.06 -35.54
CA ASP A 187 -26.72 10.98 -36.50
C ASP A 187 -27.44 10.90 -37.85
N GLU A 188 -27.71 9.68 -38.32
CA GLU A 188 -28.40 9.53 -39.60
C GLU A 188 -29.84 9.98 -39.52
N GLY A 189 -30.49 9.78 -38.36
CA GLY A 189 -31.86 10.26 -38.20
C GLY A 189 -31.94 11.77 -38.21
N LYS A 190 -31.00 12.44 -37.55
CA LYS A 190 -30.96 13.90 -37.59
C LYS A 190 -30.60 14.39 -38.98
N ALA A 191 -29.70 13.68 -39.67
CA ALA A 191 -29.37 14.06 -41.05
C ALA A 191 -30.57 13.88 -41.97
N SER A 192 -31.35 12.82 -41.77
CA SER A 192 -32.54 12.61 -42.59
C SER A 192 -33.56 13.71 -42.36
N SER A 193 -33.75 14.12 -41.10
CA SER A 193 -34.68 15.20 -40.80
C SER A 193 -34.23 16.51 -41.44
N ALA A 194 -32.93 16.79 -41.39
CA ALA A 194 -32.42 18.03 -41.99
C ALA A 194 -32.50 17.98 -43.51
N LYS A 195 -32.30 16.81 -44.11
CA LYS A 195 -32.40 16.70 -45.57
C LYS A 195 -33.83 16.91 -46.05
N GLN A 196 -34.80 16.26 -45.38
CA GLN A 196 -36.19 16.42 -45.77
C GLN A 196 -36.63 17.88 -45.68
N ARG A 197 -36.15 18.60 -44.67
CA ARG A 197 -36.52 20.00 -44.52
C ARG A 197 -35.81 20.86 -45.57
N LEU A 198 -34.56 20.55 -45.88
CA LEU A 198 -33.81 21.34 -46.85
C LEU A 198 -34.35 21.14 -48.26
N LYS A 199 -34.83 19.93 -48.58
CA LYS A 199 -35.44 19.69 -49.88
C LYS A 199 -36.63 20.62 -50.11
N CYS A 200 -37.44 20.83 -49.07
CA CYS A 200 -38.59 21.71 -49.19
C CYS A 200 -38.19 23.18 -49.19
N ALA A 201 -37.27 23.56 -48.32
CA ALA A 201 -36.86 24.97 -48.24
C ALA A 201 -36.20 25.43 -49.52
N SER A 202 -35.33 24.59 -50.10
CA SER A 202 -34.68 24.96 -51.36
C SER A 202 -35.67 24.96 -52.51
N LEU A 203 -36.68 24.10 -52.47
CA LEU A 203 -37.67 24.05 -53.54
C LEU A 203 -38.46 25.36 -53.63
N GLN A 204 -38.77 25.97 -52.49
CA GLN A 204 -39.54 27.20 -52.48
C GLN A 204 -38.67 28.45 -52.59
N LYS A 205 -37.40 28.38 -52.20
CA LYS A 205 -36.56 29.57 -52.20
C LYS A 205 -35.94 29.84 -53.57
N PHE A 206 -35.44 28.81 -54.25
CA PHE A 206 -34.73 29.00 -55.50
C PHE A 206 -35.59 28.74 -56.73
N GLY A 207 -36.75 28.11 -56.57
CA GLY A 207 -37.67 27.95 -57.67
C GLY A 207 -37.70 26.51 -58.17
N GLU A 208 -38.78 26.20 -58.91
CA GLU A 208 -38.96 24.86 -59.45
C GLU A 208 -37.95 24.53 -60.54
N ARG A 209 -37.39 25.54 -61.20
CA ARG A 209 -36.41 25.28 -62.25
C ARG A 209 -35.11 24.74 -61.67
N ALA A 210 -34.64 25.32 -60.57
CA ALA A 210 -33.41 24.83 -59.95
C ALA A 210 -33.61 23.45 -59.34
N PHE A 211 -34.80 23.19 -58.78
CA PHE A 211 -35.09 21.88 -58.23
C PHE A 211 -35.07 20.82 -59.33
N LYS A 212 -35.67 21.12 -60.49
CA LYS A 212 -35.67 20.17 -61.60
C LYS A 212 -34.25 19.90 -62.09
N ALA A 213 -33.41 20.95 -62.15
CA ALA A 213 -32.04 20.76 -62.61
C ALA A 213 -31.27 19.83 -61.68
N TRP A 214 -31.52 19.93 -60.38
CA TRP A 214 -30.88 19.02 -59.43
C TRP A 214 -31.28 17.58 -59.68
N ALA A 215 -32.58 17.35 -59.95
CA ALA A 215 -33.05 16.00 -60.19
C ALA A 215 -32.52 15.45 -61.51
N VAL A 216 -32.31 16.30 -62.51
CA VAL A 216 -31.78 15.84 -63.79
C VAL A 216 -30.39 15.26 -63.62
N ALA A 217 -29.53 15.94 -62.84
CA ALA A 217 -28.17 15.45 -62.64
C ALA A 217 -28.15 14.17 -61.82
N ARG A 218 -29.01 14.08 -60.81
CA ARG A 218 -29.00 12.90 -59.94
C ARG A 218 -29.62 11.69 -60.64
N LEU A 219 -30.75 11.88 -61.31
CA LEU A 219 -31.40 10.77 -61.98
C LEU A 219 -30.59 10.25 -63.17
N SER A 220 -29.91 11.15 -63.88
CA SER A 220 -29.02 10.71 -64.96
C SER A 220 -27.86 9.89 -64.42
N GLN A 221 -27.37 10.22 -63.23
CA GLN A 221 -26.39 9.36 -62.57
C GLN A 221 -27.03 8.04 -62.17
N ARG A 222 -28.26 8.09 -61.65
CA ARG A 222 -28.95 6.88 -61.22
C ARG A 222 -29.33 6.02 -62.43
N PHE A 223 -29.87 6.63 -63.48
CA PHE A 223 -30.39 5.92 -64.64
C PHE A 223 -29.67 6.42 -65.88
N PRO A 224 -28.45 5.94 -66.13
CA PRO A 224 -27.72 6.39 -67.33
C PRO A 224 -28.14 5.68 -68.61
N LYS A 225 -28.74 4.50 -68.51
CA LYS A 225 -29.21 3.78 -69.70
C LYS A 225 -30.54 4.29 -70.21
N ALA A 226 -31.20 5.20 -69.49
CA ALA A 226 -32.48 5.73 -69.92
C ALA A 226 -32.28 6.88 -70.90
N GLU A 227 -33.36 7.25 -71.57
CA GLU A 227 -33.34 8.36 -72.52
C GLU A 227 -33.64 9.67 -71.81
N PHE A 228 -33.24 10.78 -72.45
CA PHE A 228 -33.49 12.09 -71.88
C PHE A 228 -34.99 12.35 -71.72
N ALA A 229 -35.80 11.86 -72.66
CA ALA A 229 -37.24 12.03 -72.55
C ALA A 229 -37.79 11.29 -71.34
N GLU A 230 -37.26 10.09 -71.07
CA GLU A 230 -37.71 9.33 -69.91
C GLU A 230 -37.19 9.96 -68.62
N VAL A 231 -35.94 10.43 -68.62
CA VAL A 231 -35.38 11.07 -67.43
C VAL A 231 -36.10 12.39 -67.15
N SER A 232 -36.36 13.18 -68.20
CA SER A 232 -37.02 14.47 -68.00
C SER A 232 -38.44 14.29 -67.48
N LYS A 233 -39.11 13.20 -67.86
CA LYS A 233 -40.44 12.95 -67.33
C LYS A 233 -40.38 12.51 -65.88
N LEU A 234 -39.39 11.68 -65.52
CA LEU A 234 -39.23 11.27 -64.14
C LEU A 234 -38.94 12.46 -63.23
N VAL A 235 -38.21 13.46 -63.74
CA VAL A 235 -37.93 14.66 -62.96
C VAL A 235 -39.22 15.41 -62.66
N THR A 236 -40.10 15.52 -63.65
CA THR A 236 -41.37 16.22 -63.46
C THR A 236 -42.23 15.51 -62.42
N ASP A 237 -42.32 14.18 -62.50
CA ASP A 237 -43.09 13.44 -61.50
C ASP A 237 -42.41 13.46 -60.15
N LEU A 238 -41.07 13.38 -60.12
CA LEU A 238 -40.35 13.43 -58.85
C LEU A 238 -40.54 14.78 -58.16
N THR A 239 -40.55 15.86 -58.94
CA THR A 239 -40.83 17.18 -58.37
C THR A 239 -42.27 17.28 -57.90
N LYS A 240 -43.19 16.66 -58.64
CA LYS A 240 -44.59 16.64 -58.21
C LYS A 240 -44.75 15.96 -56.86
N VAL A 241 -44.02 14.86 -56.64
CA VAL A 241 -44.11 14.16 -55.36
C VAL A 241 -43.50 15.00 -54.24
N HIS A 242 -42.36 15.63 -54.51
CA HIS A 242 -41.72 16.47 -53.49
C HIS A 242 -42.58 17.66 -53.13
N THR A 243 -43.19 18.30 -54.13
CA THR A 243 -44.09 19.43 -53.85
C THR A 243 -45.27 18.98 -52.99
N GLU A 244 -45.80 17.78 -53.25
CA GLU A 244 -46.93 17.29 -52.47
C GLU A 244 -46.49 16.83 -51.09
N CYS A 245 -45.33 16.18 -50.99
CA CYS A 245 -44.85 15.67 -49.71
C CYS A 245 -44.51 16.79 -48.74
N CYS A 246 -44.09 17.95 -49.25
CA CYS A 246 -43.79 19.08 -48.38
C CYS A 246 -45.04 19.71 -47.79
N HIS A 247 -46.21 19.49 -48.39
CA HIS A 247 -47.44 20.05 -47.86
C HIS A 247 -47.78 19.50 -46.47
N GLY A 248 -47.25 18.33 -46.11
CA GLY A 248 -47.44 17.77 -44.79
C GLY A 248 -48.39 16.59 -44.73
N ASP A 249 -49.19 16.36 -45.76
CA ASP A 249 -50.15 15.27 -45.73
C ASP A 249 -49.43 13.93 -45.87
N LEU A 250 -49.63 13.05 -44.88
CA LEU A 250 -48.96 11.76 -44.88
C LEU A 250 -49.50 10.85 -45.99
N LEU A 251 -50.84 10.76 -46.10
CA LEU A 251 -51.43 9.83 -47.06
C LEU A 251 -51.23 10.31 -48.49
N GLU A 252 -51.36 11.62 -48.73
CA GLU A 252 -51.12 12.15 -50.07
C GLU A 252 -49.69 11.94 -50.51
N CYS A 253 -48.73 12.09 -49.59
CA CYS A 253 -47.33 11.88 -49.92
C CYS A 253 -47.04 10.40 -50.18
N ALA A 254 -47.67 9.51 -49.41
CA ALA A 254 -47.45 8.08 -49.60
C ALA A 254 -48.07 7.59 -50.90
N ASP A 255 -49.21 8.15 -51.30
CA ASP A 255 -49.84 7.73 -52.54
C ASP A 255 -49.03 8.15 -53.75
N ASP A 256 -48.50 9.37 -53.74
CA ASP A 256 -47.69 9.85 -54.86
C ASP A 256 -46.40 9.05 -54.99
N ARG A 257 -45.78 8.71 -53.85
CA ARG A 257 -44.60 7.87 -53.89
C ARG A 257 -44.92 6.49 -54.44
N ALA A 258 -46.13 5.99 -54.18
CA ALA A 258 -46.52 4.68 -54.69
C ALA A 258 -46.78 4.74 -56.19
N ASP A 259 -47.35 5.85 -56.68
CA ASP A 259 -47.59 6.00 -58.11
C ASP A 259 -46.28 6.04 -58.89
N LEU A 260 -45.33 6.86 -58.42
CA LEU A 260 -44.03 6.93 -59.08
C LEU A 260 -43.31 5.59 -59.02
N ALA A 261 -43.41 4.89 -57.89
CA ALA A 261 -42.82 3.56 -57.77
C ALA A 261 -43.47 2.58 -58.73
N LYS A 262 -44.77 2.75 -59.01
CA LYS A 262 -45.44 1.85 -59.95
C LYS A 262 -45.00 2.12 -61.38
N TYR A 263 -44.86 3.40 -61.75
CA TYR A 263 -44.42 3.73 -63.10
C TYR A 263 -43.01 3.21 -63.36
N ILE A 264 -42.09 3.46 -62.43
CA ILE A 264 -40.70 3.05 -62.62
C ILE A 264 -40.59 1.53 -62.65
N CYS A 265 -41.46 0.83 -61.92
CA CYS A 265 -41.42 -0.63 -61.92
C CYS A 265 -42.04 -1.23 -63.17
N GLU A 266 -42.99 -0.53 -63.79
CA GLU A 266 -43.61 -1.01 -65.02
C GLU A 266 -42.80 -0.64 -66.27
N ASN A 267 -41.65 -0.01 -66.10
CA ASN A 267 -40.80 0.39 -67.22
C ASN A 267 -39.33 0.16 -66.88
N GLN A 268 -39.04 -1.02 -66.31
CA GLN A 268 -37.66 -1.31 -65.90
C GLN A 268 -36.73 -1.40 -67.09
N ASP A 269 -37.19 -1.98 -68.20
CA ASP A 269 -36.32 -2.19 -69.35
C ASP A 269 -35.93 -0.89 -70.04
N SER A 270 -36.62 0.21 -69.76
CA SER A 270 -36.32 1.50 -70.35
C SER A 270 -35.81 2.51 -69.34
N ILE A 271 -35.58 2.10 -68.10
CA ILE A 271 -35.08 3.00 -67.06
C ILE A 271 -33.74 2.49 -66.54
N SER A 272 -33.75 1.36 -65.86
CA SER A 272 -32.52 0.80 -65.29
C SER A 272 -32.75 -0.67 -64.94
N SER A 273 -31.66 -1.39 -64.72
CA SER A 273 -31.69 -2.82 -64.52
C SER A 273 -31.39 -3.23 -63.08
N LYS A 274 -31.38 -2.27 -62.14
CA LYS A 274 -31.10 -2.56 -60.74
C LYS A 274 -32.37 -2.56 -59.89
N LEU A 275 -33.52 -2.86 -60.50
CA LEU A 275 -34.80 -2.67 -59.84
C LEU A 275 -35.66 -3.93 -59.76
N LYS A 276 -35.18 -5.07 -60.25
CA LYS A 276 -35.96 -6.30 -60.14
C LYS A 276 -36.17 -6.68 -58.68
N GLU A 277 -35.17 -6.40 -57.83
CA GLU A 277 -35.30 -6.71 -56.40
C GLU A 277 -36.22 -5.70 -55.71
N CYS A 278 -36.12 -4.42 -56.06
CA CYS A 278 -36.92 -3.40 -55.40
C CYS A 278 -38.40 -3.53 -55.72
N CYS A 279 -38.74 -3.96 -56.93
CA CYS A 279 -40.12 -3.95 -57.41
C CYS A 279 -40.95 -5.10 -56.88
N GLU A 280 -40.35 -6.05 -56.15
CA GLU A 280 -41.10 -7.09 -55.47
C GLU A 280 -41.30 -6.77 -53.99
N LYS A 281 -40.83 -5.61 -53.56
CA LYS A 281 -41.02 -5.19 -52.19
C LYS A 281 -42.47 -4.77 -52.01
N PRO A 282 -42.90 -4.60 -50.76
CA PRO A 282 -44.22 -4.21 -50.27
C PRO A 282 -44.49 -2.72 -50.50
N LEU A 283 -45.69 -2.28 -50.18
CA LEU A 283 -46.09 -0.92 -50.49
C LEU A 283 -45.21 0.20 -49.94
N LEU A 284 -44.76 0.11 -48.69
CA LEU A 284 -43.91 1.19 -48.18
C LEU A 284 -42.44 0.95 -48.50
N GLU A 285 -42.03 -0.32 -48.68
CA GLU A 285 -40.64 -0.61 -48.92
C GLU A 285 -40.21 -0.36 -50.36
N LYS A 286 -41.16 -0.25 -51.29
CA LYS A 286 -40.81 -0.13 -52.70
C LYS A 286 -40.22 1.25 -53.01
N SER A 287 -40.92 2.31 -52.62
CA SER A 287 -40.44 3.66 -52.92
C SER A 287 -39.13 3.96 -52.19
N HIS A 288 -39.01 3.48 -50.95
CA HIS A 288 -37.76 3.67 -50.21
C HIS A 288 -36.62 2.88 -50.86
N CYS A 289 -36.93 1.69 -51.38
CA CYS A 289 -35.91 0.89 -52.05
C CYS A 289 -35.44 1.57 -53.34
N ILE A 290 -36.38 2.11 -54.12
CA ILE A 290 -36.03 2.73 -55.39
C ILE A 290 -35.18 3.99 -55.16
N ALA A 291 -35.52 4.78 -54.15
CA ALA A 291 -34.78 6.00 -53.86
C ALA A 291 -33.35 5.73 -53.39
N GLU A 292 -33.03 4.48 -53.03
CA GLU A 292 -31.69 4.11 -52.58
C GLU A 292 -30.99 3.18 -53.56
N VAL A 293 -31.51 3.04 -54.78
CA VAL A 293 -30.95 2.10 -55.74
C VAL A 293 -29.59 2.60 -56.22
N GLU A 294 -28.62 1.69 -56.27
CA GLU A 294 -27.32 1.99 -56.82
C GLU A 294 -27.42 2.37 -58.30
N ASN A 295 -26.43 3.12 -58.77
CA ASN A 295 -26.43 3.56 -60.15
C ASN A 295 -26.32 2.37 -61.10
N ASP A 296 -27.14 2.38 -62.14
CA ASP A 296 -27.02 1.38 -63.19
C ASP A 296 -25.71 1.59 -63.95
N GLU A 297 -25.27 0.52 -64.62
CA GLU A 297 -24.04 0.60 -65.40
C GLU A 297 -24.16 1.67 -66.47
N MET A 298 -23.17 2.56 -66.52
CA MET A 298 -23.08 3.49 -67.63
C MET A 298 -23.02 2.72 -68.94
N PRO A 299 -23.75 3.14 -69.97
CA PRO A 299 -23.70 2.41 -71.24
C PRO A 299 -22.29 2.37 -71.79
N ALA A 300 -22.11 1.53 -72.81
CA ALA A 300 -20.80 1.29 -73.38
C ALA A 300 -20.59 2.17 -74.61
N ASP A 301 -19.37 2.73 -74.72
CA ASP A 301 -18.96 3.49 -75.90
C ASP A 301 -19.86 4.71 -76.13
N LEU A 302 -19.87 5.60 -75.15
CA LEU A 302 -20.63 6.83 -75.31
C LEU A 302 -19.85 7.83 -76.16
N PRO A 303 -20.52 8.53 -77.07
CA PRO A 303 -19.83 9.57 -77.83
C PRO A 303 -19.36 10.70 -76.91
N SER A 304 -18.37 11.44 -77.39
CA SER A 304 -17.83 12.58 -76.65
C SER A 304 -18.81 13.75 -76.72
N LEU A 305 -18.93 14.46 -75.60
CA LEU A 305 -19.82 15.62 -75.53
C LEU A 305 -19.37 16.76 -76.42
N ALA A 306 -18.14 16.74 -76.91
CA ALA A 306 -17.66 17.82 -77.79
C ALA A 306 -18.39 17.83 -79.13
N ALA A 307 -19.01 16.71 -79.51
CA ALA A 307 -19.72 16.66 -80.79
C ALA A 307 -20.96 17.54 -80.77
N ASP A 308 -21.92 17.22 -79.91
CA ASP A 308 -23.19 17.92 -79.89
C ASP A 308 -23.15 19.26 -79.19
N PHE A 309 -22.05 19.60 -78.52
CA PHE A 309 -21.99 20.83 -77.72
C PHE A 309 -20.78 21.70 -77.99
N VAL A 310 -19.80 21.24 -78.77
CA VAL A 310 -18.64 22.06 -79.12
C VAL A 310 -18.40 21.99 -80.61
N GLU A 311 -18.27 20.78 -81.15
CA GLU A 311 -17.92 20.59 -82.56
C GLU A 311 -19.18 20.43 -83.42
N SER A 312 -19.98 21.50 -83.44
CA SER A 312 -21.17 21.55 -84.28
C SER A 312 -21.49 23.01 -84.58
N LYS A 313 -21.62 23.35 -85.85
CA LYS A 313 -21.90 24.73 -86.25
C LYS A 313 -23.25 25.18 -85.71
N ASP A 314 -24.26 24.32 -85.82
CA ASP A 314 -25.63 24.66 -85.39
C ASP A 314 -25.81 24.29 -83.91
N VAL A 315 -25.09 25.02 -83.07
CA VAL A 315 -25.15 24.84 -81.62
C VAL A 315 -25.79 26.04 -80.94
N CYS A 316 -25.33 27.26 -81.25
CA CYS A 316 -25.94 28.45 -80.66
C CYS A 316 -27.41 28.57 -81.04
N LYS A 317 -27.79 28.05 -82.22
CA LYS A 317 -29.19 28.10 -82.62
C LYS A 317 -30.06 27.21 -81.74
N ASN A 318 -29.57 26.01 -81.42
CA ASN A 318 -30.32 25.13 -80.51
C ASN A 318 -30.43 25.73 -79.12
N TYR A 319 -29.41 26.48 -78.69
CA TYR A 319 -29.47 27.14 -77.38
C TYR A 319 -30.60 28.17 -77.35
N ALA A 320 -30.75 28.94 -78.44
CA ALA A 320 -31.86 29.88 -78.54
C ALA A 320 -33.17 29.18 -78.89
N GLU A 321 -33.11 27.99 -79.47
CA GLU A 321 -34.32 27.23 -79.78
C GLU A 321 -35.05 26.82 -78.52
N ALA A 322 -34.33 26.24 -77.55
CA ALA A 322 -34.91 25.79 -76.29
C ALA A 322 -33.78 25.77 -75.26
N LYS A 323 -33.66 26.88 -74.52
CA LYS A 323 -32.54 27.05 -73.60
C LYS A 323 -32.53 25.97 -72.53
N ASP A 324 -33.61 25.88 -71.75
CA ASP A 324 -33.66 24.92 -70.65
C ASP A 324 -33.64 23.49 -71.15
N VAL A 325 -34.19 23.23 -72.35
CA VAL A 325 -34.16 21.88 -72.89
C VAL A 325 -32.76 21.52 -73.37
N PHE A 326 -32.07 22.46 -74.01
CA PHE A 326 -30.71 22.20 -74.46
C PHE A 326 -29.75 22.09 -73.28
N LEU A 327 -29.88 22.98 -72.29
CA LEU A 327 -29.08 22.84 -71.07
C LEU A 327 -29.43 21.57 -70.32
N GLY A 328 -30.71 21.20 -70.32
CA GLY A 328 -31.11 19.95 -69.69
C GLY A 328 -30.50 18.74 -70.35
N MET A 329 -30.41 18.75 -71.68
CA MET A 329 -29.70 17.70 -72.39
C MET A 329 -28.22 17.70 -72.05
N PHE A 330 -27.64 18.89 -71.83
CA PHE A 330 -26.24 18.95 -71.45
C PHE A 330 -26.03 18.44 -70.02
N LEU A 331 -26.96 18.75 -69.12
CA LEU A 331 -26.90 18.18 -67.78
C LEU A 331 -27.10 16.67 -67.82
N TYR A 332 -28.00 16.20 -68.69
CA TYR A 332 -28.27 14.77 -68.78
C TYR A 332 -27.08 14.01 -69.35
N GLU A 333 -26.50 14.52 -70.44
CA GLU A 333 -25.39 13.81 -71.08
C GLU A 333 -24.14 13.84 -70.23
N TYR A 334 -23.91 14.92 -69.48
CA TYR A 334 -22.71 15.01 -68.65
C TYR A 334 -22.85 14.20 -67.37
N ALA A 335 -24.04 14.19 -66.78
CA ALA A 335 -24.23 13.48 -65.51
C ALA A 335 -24.18 11.97 -65.70
N ARG A 336 -24.78 11.47 -66.79
CA ARG A 336 -24.85 10.03 -66.99
C ARG A 336 -23.46 9.42 -67.17
N ARG A 337 -22.50 10.22 -67.63
CA ARG A 337 -21.14 9.75 -67.85
C ARG A 337 -20.25 9.91 -66.63
N HIS A 338 -20.67 10.69 -65.64
CA HIS A 338 -19.87 10.96 -64.44
C HIS A 338 -20.72 10.75 -63.20
N PRO A 339 -20.98 9.49 -62.82
CA PRO A 339 -21.64 9.23 -61.53
C PRO A 339 -20.75 9.52 -60.34
N ASP A 340 -19.43 9.67 -60.55
CA ASP A 340 -18.52 9.99 -59.46
C ASP A 340 -18.52 11.47 -59.10
N TYR A 341 -19.02 12.33 -59.99
CA TYR A 341 -19.14 13.74 -59.67
C TYR A 341 -20.31 13.98 -58.73
N SER A 342 -20.22 15.05 -57.96
CA SER A 342 -21.34 15.48 -57.13
C SER A 342 -22.34 16.27 -57.98
N VAL A 343 -23.60 16.26 -57.53
CA VAL A 343 -24.64 16.97 -58.28
C VAL A 343 -24.33 18.45 -58.35
N VAL A 344 -23.84 19.03 -57.25
CA VAL A 344 -23.48 20.45 -57.25
C VAL A 344 -22.34 20.71 -58.24
N LEU A 345 -21.41 19.77 -58.34
CA LEU A 345 -20.32 19.92 -59.31
C LEU A 345 -20.86 19.94 -60.73
N LEU A 346 -21.80 19.04 -61.04
CA LEU A 346 -22.40 19.03 -62.36
C LEU A 346 -23.19 20.30 -62.64
N LEU A 347 -23.82 20.87 -61.60
CA LEU A 347 -24.54 22.12 -61.79
C LEU A 347 -23.58 23.27 -62.05
N ARG A 348 -22.37 23.24 -61.47
CA ARG A 348 -21.38 24.26 -61.78
C ARG A 348 -20.98 24.21 -63.23
N LEU A 349 -20.75 23.00 -63.76
CA LEU A 349 -20.35 22.86 -65.15
C LEU A 349 -21.46 23.31 -66.09
N ALA A 350 -22.70 22.93 -65.78
CA ALA A 350 -23.83 23.38 -66.61
C ALA A 350 -23.99 24.88 -66.55
N LYS A 351 -23.81 25.48 -65.35
CA LYS A 351 -23.88 26.92 -65.24
C LYS A 351 -22.74 27.60 -65.99
N THR A 352 -21.54 27.02 -65.91
CA THR A 352 -20.41 27.55 -66.68
C THR A 352 -20.66 27.43 -68.17
N TYR A 353 -21.23 26.31 -68.61
CA TYR A 353 -21.55 26.13 -70.02
C TYR A 353 -22.60 27.12 -70.49
N GLU A 354 -23.61 27.38 -69.64
CA GLU A 354 -24.64 28.35 -69.98
C GLU A 354 -24.06 29.76 -70.03
N THR A 355 -23.19 30.11 -69.08
CA THR A 355 -22.59 31.43 -69.06
C THR A 355 -21.72 31.68 -70.28
N THR A 356 -21.04 30.64 -70.79
CA THR A 356 -20.21 30.81 -71.97
C THR A 356 -21.05 31.07 -73.21
N LEU A 357 -22.10 30.26 -73.43
CA LEU A 357 -22.93 30.44 -74.61
C LEU A 357 -23.69 31.76 -74.58
N GLU A 358 -24.06 32.24 -73.39
CA GLU A 358 -24.82 33.48 -73.29
C GLU A 358 -24.01 34.67 -73.77
N LYS A 359 -22.68 34.60 -73.65
CA LYS A 359 -21.80 35.65 -74.15
C LYS A 359 -21.20 35.32 -75.51
N CYS A 360 -21.07 34.03 -75.85
CA CYS A 360 -20.37 33.65 -77.07
C CYS A 360 -21.22 33.87 -78.31
N CYS A 361 -22.51 33.51 -78.27
CA CYS A 361 -23.35 33.64 -79.45
C CYS A 361 -23.51 35.09 -79.88
N ALA A 362 -23.50 36.03 -78.92
CA ALA A 362 -23.68 37.43 -79.24
C ALA A 362 -22.44 38.06 -79.87
N ALA A 363 -21.32 37.35 -79.93
CA ALA A 363 -20.08 37.87 -80.48
C ALA A 363 -20.04 37.64 -81.98
N ALA A 364 -18.92 38.01 -82.60
CA ALA A 364 -18.80 37.89 -84.06
C ALA A 364 -18.69 36.43 -84.48
N ASP A 365 -17.69 35.72 -83.96
CA ASP A 365 -17.48 34.31 -84.28
C ASP A 365 -17.80 33.47 -83.06
N PRO A 366 -19.02 32.92 -82.96
CA PRO A 366 -19.35 32.12 -81.77
C PRO A 366 -18.57 30.82 -81.67
N HIS A 367 -18.38 30.12 -82.79
CA HIS A 367 -17.71 28.82 -82.75
C HIS A 367 -16.29 28.94 -82.21
N GLU A 368 -15.57 29.98 -82.61
CA GLU A 368 -14.23 30.22 -82.09
C GLU A 368 -14.25 30.78 -80.67
N CYS A 369 -15.41 31.23 -80.18
CA CYS A 369 -15.55 31.79 -78.84
C CYS A 369 -15.75 30.70 -77.79
N TYR A 370 -16.72 29.79 -77.99
CA TYR A 370 -16.93 28.69 -77.07
C TYR A 370 -16.13 27.44 -77.45
N ALA A 371 -15.08 27.60 -78.27
CA ALA A 371 -14.30 26.44 -78.69
C ALA A 371 -13.56 25.82 -77.52
N LYS A 372 -13.16 26.61 -76.53
CA LYS A 372 -12.42 26.15 -75.37
C LYS A 372 -13.28 26.21 -74.11
N VAL A 373 -14.58 25.94 -74.24
CA VAL A 373 -15.46 25.98 -73.08
C VAL A 373 -15.18 24.79 -72.16
N PHE A 374 -14.73 23.67 -72.72
CA PHE A 374 -14.42 22.51 -71.88
C PHE A 374 -13.17 22.72 -71.04
N ASP A 375 -12.31 23.67 -71.42
CA ASP A 375 -11.13 23.97 -70.60
C ASP A 375 -11.53 24.62 -69.28
N GLU A 376 -12.66 25.32 -69.25
CA GLU A 376 -13.12 25.95 -68.01
C GLU A 376 -13.60 24.92 -67.00
N PHE A 377 -13.95 23.71 -67.44
CA PHE A 377 -14.49 22.70 -66.54
C PHE A 377 -13.40 22.04 -65.71
N LYS A 378 -12.15 22.01 -66.21
CA LYS A 378 -11.10 21.26 -65.52
C LYS A 378 -10.76 21.85 -64.16
N PRO A 379 -10.50 23.16 -64.01
CA PRO A 379 -10.23 23.69 -62.67
C PRO A 379 -11.42 23.57 -61.73
N LEU A 380 -12.64 23.45 -62.25
CA LEU A 380 -13.81 23.26 -61.41
C LEU A 380 -13.99 21.82 -60.97
N VAL A 381 -13.42 20.86 -61.70
CA VAL A 381 -13.51 19.45 -61.34
C VAL A 381 -12.35 19.02 -60.45
N GLU A 382 -11.16 19.56 -60.70
CA GLU A 382 -9.98 19.16 -59.93
C GLU A 382 -10.04 19.67 -58.50
N GLU A 383 -10.71 20.80 -58.26
CA GLU A 383 -10.75 21.36 -56.91
C GLU A 383 -11.47 20.46 -55.92
N PRO A 384 -12.69 19.97 -56.18
CA PRO A 384 -13.31 19.05 -55.21
C PRO A 384 -12.64 17.69 -55.18
N GLN A 385 -12.07 17.24 -56.29
CA GLN A 385 -11.35 15.97 -56.29
C GLN A 385 -10.14 16.01 -55.36
N ASN A 386 -9.31 17.04 -55.50
CA ASN A 386 -8.15 17.17 -54.63
C ASN A 386 -8.56 17.41 -53.18
N LEU A 387 -9.59 18.24 -52.96
CA LEU A 387 -10.01 18.56 -51.60
C LEU A 387 -10.42 17.31 -50.83
N ILE A 388 -11.18 16.42 -51.47
CA ILE A 388 -11.59 15.19 -50.81
C ILE A 388 -10.39 14.27 -50.59
N LYS A 389 -9.50 14.18 -51.58
CA LYS A 389 -8.36 13.28 -51.46
C LYS A 389 -7.41 13.74 -50.35
N GLN A 390 -7.16 15.05 -50.27
CA GLN A 390 -6.27 15.57 -49.23
C GLN A 390 -6.84 15.30 -47.83
N ASN A 391 -8.13 15.58 -47.64
CA ASN A 391 -8.73 15.44 -46.33
C ASN A 391 -8.91 13.97 -45.94
N CYS A 392 -9.19 13.10 -46.90
CA CYS A 392 -9.29 11.68 -46.58
C CYS A 392 -7.94 11.09 -46.20
N GLU A 393 -6.85 11.59 -46.80
CA GLU A 393 -5.52 11.20 -46.36
C GLU A 393 -5.23 11.74 -44.97
N LEU A 394 -5.72 12.95 -44.67
CA LEU A 394 -5.53 13.51 -43.34
C LEU A 394 -6.35 12.76 -42.30
N PHE A 395 -7.57 12.33 -42.67
CA PHE A 395 -8.38 11.55 -41.76
C PHE A 395 -7.78 10.17 -41.51
N GLU A 396 -7.31 9.52 -42.57
CA GLU A 396 -6.67 8.21 -42.42
C GLU A 396 -5.44 8.28 -41.53
N GLN A 397 -4.81 9.46 -41.45
CA GLN A 397 -3.59 9.62 -40.67
C GLN A 397 -3.88 9.94 -39.20
N LEU A 398 -4.93 10.72 -38.93
CA LEU A 398 -5.17 11.23 -37.60
C LEU A 398 -6.32 10.54 -36.86
N GLY A 399 -7.22 9.89 -37.56
CA GLY A 399 -8.42 9.35 -36.95
C GLY A 399 -9.47 10.44 -36.76
N GLU A 400 -10.70 10.00 -36.45
CA GLU A 400 -11.85 10.91 -36.46
C GLU A 400 -11.65 12.07 -35.49
N TYR A 401 -11.24 11.78 -34.25
CA TYR A 401 -11.14 12.82 -33.24
C TYR A 401 -10.10 13.87 -33.60
N LYS A 402 -8.86 13.44 -33.84
CA LYS A 402 -7.80 14.38 -34.19
C LYS A 402 -8.05 15.05 -35.54
N PHE A 403 -8.81 14.41 -36.43
CA PHE A 403 -9.17 15.05 -37.69
C PHE A 403 -10.12 16.21 -37.46
N GLN A 404 -11.04 16.06 -36.49
CA GLN A 404 -11.90 17.17 -36.12
C GLN A 404 -11.10 18.33 -35.57
N ASN A 405 -10.07 18.04 -34.77
CA ASN A 405 -9.21 19.10 -34.25
C ASN A 405 -8.49 19.83 -35.38
N ALA A 406 -8.12 19.09 -36.43
CA ALA A 406 -7.51 19.73 -37.59
C ALA A 406 -8.50 20.67 -38.28
N LEU A 407 -9.75 20.23 -38.44
CA LEU A 407 -10.77 21.09 -39.01
C LEU A 407 -11.15 22.23 -38.07
N LEU A 408 -11.02 22.02 -36.75
CA LEU A 408 -11.30 23.07 -35.79
C LEU A 408 -10.39 24.27 -36.00
N VAL A 409 -9.07 24.03 -36.03
CA VAL A 409 -8.13 25.14 -36.18
C VAL A 409 -8.28 25.78 -37.55
N ARG A 410 -8.56 24.98 -38.58
CA ARG A 410 -8.66 25.52 -39.93
C ARG A 410 -9.83 26.49 -40.07
N TYR A 411 -10.97 26.15 -39.47
CA TYR A 411 -12.16 27.00 -39.61
C TYR A 411 -12.16 28.15 -38.62
N THR A 412 -11.57 27.97 -37.44
CA THR A 412 -11.46 29.09 -36.51
C THR A 412 -10.48 30.14 -37.02
N LYS A 413 -9.40 29.69 -37.66
CA LYS A 413 -8.54 30.64 -38.37
C LYS A 413 -9.23 31.20 -39.61
N LYS A 414 -10.16 30.43 -40.19
CA LYS A 414 -10.91 30.90 -41.34
C LYS A 414 -11.81 32.07 -40.96
N VAL A 415 -12.67 31.87 -39.96
CA VAL A 415 -13.58 32.92 -39.49
C VAL A 415 -13.64 32.87 -37.97
N PRO A 416 -12.84 33.67 -37.27
CA PRO A 416 -12.82 33.62 -35.80
C PRO A 416 -13.98 34.33 -35.12
N GLN A 417 -14.86 34.99 -35.89
CA GLN A 417 -15.98 35.70 -35.27
C GLN A 417 -17.14 34.78 -34.91
N VAL A 418 -17.19 33.58 -35.47
CA VAL A 418 -18.28 32.67 -35.19
C VAL A 418 -18.24 32.21 -33.73
N SER A 419 -19.42 31.99 -33.15
CA SER A 419 -19.49 31.52 -31.77
C SER A 419 -18.83 30.15 -31.66
N THR A 420 -18.19 29.92 -30.50
CA THR A 420 -17.42 28.69 -30.30
C THR A 420 -18.26 27.42 -30.47
N PRO A 421 -19.47 27.30 -29.88
CA PRO A 421 -20.23 26.06 -30.09
C PRO A 421 -20.60 25.78 -31.53
N THR A 422 -20.70 26.82 -32.37
CA THR A 422 -21.02 26.60 -33.77
C THR A 422 -19.83 26.01 -34.53
N LEU A 423 -18.63 26.50 -34.25
CA LEU A 423 -17.44 25.96 -34.91
C LEU A 423 -17.18 24.52 -34.49
N VAL A 424 -17.45 24.18 -33.23
CA VAL A 424 -17.24 22.81 -32.75
C VAL A 424 -18.26 21.87 -33.38
N GLU A 425 -19.51 22.31 -33.47
CA GLU A 425 -20.55 21.49 -34.09
C GLU A 425 -20.25 21.23 -35.56
N VAL A 426 -19.78 22.26 -36.27
CA VAL A 426 -19.46 22.11 -37.69
C VAL A 426 -18.27 21.17 -37.87
N SER A 427 -17.20 21.40 -37.12
CA SER A 427 -15.99 20.61 -37.30
C SER A 427 -16.21 19.15 -36.91
N ARG A 428 -17.05 18.89 -35.90
CA ARG A 428 -17.31 17.51 -35.52
C ARG A 428 -18.14 16.79 -36.57
N ASN A 429 -19.16 17.46 -37.11
CA ASN A 429 -19.99 16.83 -38.14
C ASN A 429 -19.20 16.59 -39.41
N LEU A 430 -18.30 17.51 -39.77
CA LEU A 430 -17.45 17.30 -40.93
C LEU A 430 -16.49 16.14 -40.72
N GLY A 431 -15.99 15.99 -39.49
CA GLY A 431 -15.19 14.82 -39.19
C GLY A 431 -15.98 13.53 -39.30
N LYS A 432 -17.28 13.59 -38.95
CA LYS A 432 -18.15 12.43 -39.15
C LYS A 432 -18.34 12.16 -40.64
N VAL A 433 -18.42 13.22 -41.45
CA VAL A 433 -18.57 13.04 -42.90
C VAL A 433 -17.36 12.33 -43.48
N GLY A 434 -16.16 12.78 -43.09
CA GLY A 434 -14.95 12.11 -43.53
C GLY A 434 -14.89 10.66 -43.06
N SER A 435 -15.29 10.42 -41.81
CA SER A 435 -15.34 9.06 -41.30
C SER A 435 -16.39 8.23 -42.04
N LYS A 436 -17.41 8.88 -42.59
CA LYS A 436 -18.49 8.16 -43.26
C LYS A 436 -18.15 7.86 -44.71
N CYS A 437 -17.46 8.79 -45.39
CA CYS A 437 -17.29 8.71 -46.83
C CYS A 437 -15.90 8.27 -47.27
N CYS A 438 -14.85 8.58 -46.50
CA CYS A 438 -13.51 8.16 -46.90
C CYS A 438 -13.36 6.64 -46.92
N LYS A 439 -14.29 5.91 -46.31
CA LYS A 439 -14.31 4.46 -46.40
C LYS A 439 -14.57 4.00 -47.82
N HIS A 440 -15.36 4.75 -48.58
CA HIS A 440 -15.72 4.39 -49.93
C HIS A 440 -14.61 4.74 -50.92
N PRO A 441 -14.60 4.12 -52.10
CA PRO A 441 -13.66 4.53 -53.15
C PRO A 441 -13.95 5.95 -53.62
N GLU A 442 -12.97 6.51 -54.32
CA GLU A 442 -13.07 7.90 -54.77
C GLU A 442 -14.25 8.11 -55.71
N ALA A 443 -14.66 7.07 -56.43
CA ALA A 443 -15.81 7.18 -57.34
C ALA A 443 -17.11 7.33 -56.57
N LYS A 444 -17.13 7.07 -55.27
CA LYS A 444 -18.31 7.26 -54.45
C LYS A 444 -18.10 8.26 -53.32
N ARG A 445 -16.88 8.78 -53.13
CA ARG A 445 -16.63 9.71 -52.03
C ARG A 445 -17.38 11.02 -52.22
N MET A 446 -17.34 11.57 -53.45
CA MET A 446 -17.95 12.88 -53.67
C MET A 446 -19.46 12.83 -53.59
N PRO A 447 -20.17 11.87 -54.19
CA PRO A 447 -21.62 11.79 -53.96
C PRO A 447 -21.98 11.47 -52.52
N CYS A 448 -21.14 10.72 -51.81
CA CYS A 448 -21.41 10.41 -50.42
C CYS A 448 -21.33 11.66 -49.55
N ALA A 449 -20.31 12.48 -49.76
CA ALA A 449 -20.10 13.66 -48.93
C ALA A 449 -21.02 14.82 -49.30
N GLU A 450 -21.62 14.79 -50.49
CA GLU A 450 -22.38 15.95 -50.96
C GLU A 450 -23.62 16.19 -50.11
N ASP A 451 -24.44 15.16 -49.93
CA ASP A 451 -25.69 15.34 -49.21
C ASP A 451 -25.45 15.71 -47.74
N TYR A 452 -24.41 15.16 -47.13
CA TYR A 452 -24.11 15.50 -45.75
C TYR A 452 -23.52 16.90 -45.64
N LEU A 453 -22.66 17.28 -46.58
CA LEU A 453 -22.02 18.60 -46.52
C LEU A 453 -23.01 19.71 -46.83
N SER A 454 -24.06 19.42 -47.61
CA SER A 454 -25.04 20.45 -47.94
C SER A 454 -25.81 20.89 -46.70
N VAL A 455 -26.24 19.94 -45.87
CA VAL A 455 -26.97 20.32 -44.66
C VAL A 455 -26.02 20.93 -43.63
N VAL A 456 -24.81 20.37 -43.48
CA VAL A 456 -23.88 20.85 -42.47
C VAL A 456 -23.59 22.34 -42.66
N LEU A 457 -23.33 22.75 -43.91
CA LEU A 457 -23.11 24.17 -44.16
C LEU A 457 -24.39 24.97 -44.02
N ASN A 458 -25.55 24.34 -44.24
CA ASN A 458 -26.80 25.06 -44.06
C ASN A 458 -27.15 25.23 -42.59
N GLN A 459 -26.81 24.24 -41.76
CA GLN A 459 -26.94 24.41 -40.32
C GLN A 459 -26.12 25.59 -39.85
N LEU A 460 -24.88 25.68 -40.33
CA LEU A 460 -24.03 26.82 -39.99
C LEU A 460 -24.65 28.13 -40.43
N CYS A 461 -25.24 28.15 -41.63
CA CYS A 461 -25.81 29.38 -42.16
C CYS A 461 -27.02 29.81 -41.34
N VAL A 462 -27.97 28.90 -41.10
CA VAL A 462 -29.18 29.26 -40.36
C VAL A 462 -28.85 29.56 -38.90
N LEU A 463 -27.81 28.92 -38.35
CA LEU A 463 -27.37 29.26 -37.01
C LEU A 463 -26.72 30.64 -36.99
N HIS A 464 -25.81 30.89 -37.93
CA HIS A 464 -25.18 32.20 -38.03
C HIS A 464 -26.16 33.28 -38.46
N GLU A 465 -27.27 32.89 -39.12
CA GLU A 465 -28.29 33.86 -39.49
C GLU A 465 -28.90 34.53 -38.26
N LYS A 466 -29.04 33.79 -37.17
CA LYS A 466 -29.67 34.34 -35.98
C LYS A 466 -28.90 35.54 -35.45
N THR A 467 -27.60 35.37 -35.20
CA THR A 467 -26.74 36.46 -34.74
C THR A 467 -25.59 36.64 -35.73
N PRO A 468 -25.72 37.57 -36.69
CA PRO A 468 -24.63 37.78 -37.66
C PRO A 468 -23.43 38.44 -37.00
N VAL A 469 -22.29 37.75 -37.02
CA VAL A 469 -21.08 38.25 -36.39
C VAL A 469 -19.97 38.36 -37.44
N SER A 470 -20.00 37.48 -38.44
CA SER A 470 -18.98 37.44 -39.48
C SER A 470 -19.60 37.85 -40.81
N ASP A 471 -19.04 38.91 -41.41
CA ASP A 471 -19.51 39.34 -42.73
C ASP A 471 -19.10 38.37 -43.82
N ARG A 472 -18.01 37.63 -43.61
CA ARG A 472 -17.57 36.66 -44.60
C ARG A 472 -18.49 35.44 -44.63
N VAL A 473 -18.96 35.01 -43.46
CA VAL A 473 -19.89 33.88 -43.40
C VAL A 473 -21.24 34.27 -43.98
N THR A 474 -21.68 35.51 -43.73
CA THR A 474 -22.93 35.98 -44.30
C THR A 474 -22.84 36.02 -45.82
N LYS A 475 -21.70 36.45 -46.36
CA LYS A 475 -21.53 36.50 -47.81
C LYS A 475 -21.58 35.11 -48.42
N CYS A 476 -20.81 34.17 -47.86
CA CYS A 476 -20.80 32.81 -48.39
C CYS A 476 -22.15 32.14 -48.23
N CYS A 477 -22.92 32.50 -47.20
CA CYS A 477 -24.26 31.94 -47.02
C CYS A 477 -25.26 32.57 -47.99
N THR A 478 -25.09 33.85 -48.33
CA THR A 478 -25.91 34.49 -49.35
C THR A 478 -25.46 34.15 -50.76
N GLU A 479 -25.02 32.91 -50.97
CA GLU A 479 -24.64 32.39 -52.28
C GLU A 479 -25.61 31.29 -52.67
N SER A 480 -25.51 30.86 -53.93
CA SER A 480 -26.29 29.72 -54.39
C SER A 480 -25.85 28.46 -53.65
N LEU A 481 -26.78 27.52 -53.50
CA LEU A 481 -26.43 26.22 -52.93
C LEU A 481 -25.33 25.55 -53.73
N VAL A 482 -25.21 25.87 -55.01
CA VAL A 482 -24.17 25.29 -55.85
C VAL A 482 -22.83 25.98 -55.60
N ASN A 483 -22.84 27.27 -55.26
CA ASN A 483 -21.62 28.03 -55.02
C ASN A 483 -21.32 28.21 -53.54
N ARG A 484 -22.15 27.66 -52.64
CA ARG A 484 -21.96 27.91 -51.21
C ARG A 484 -20.74 27.18 -50.69
N ARG A 485 -20.54 25.92 -51.09
CA ARG A 485 -19.41 25.15 -50.56
C ARG A 485 -18.07 25.70 -51.03
N PRO A 486 -17.84 25.96 -52.32
CA PRO A 486 -16.53 26.51 -52.72
C PRO A 486 -16.26 27.88 -52.13
N CYS A 487 -17.30 28.65 -51.80
CA CYS A 487 -17.11 29.96 -51.19
C CYS A 487 -16.41 29.82 -49.84
N PHE A 488 -16.85 28.88 -49.01
CA PHE A 488 -16.22 28.67 -47.71
C PHE A 488 -14.78 28.17 -47.87
N SER A 489 -14.57 27.20 -48.76
CA SER A 489 -13.24 26.65 -48.95
C SER A 489 -12.26 27.64 -49.56
N ALA A 490 -12.76 28.69 -50.23
CA ALA A 490 -11.88 29.68 -50.83
C ALA A 490 -11.37 30.70 -49.82
N LEU A 491 -11.97 30.77 -48.64
CA LEU A 491 -11.55 31.75 -47.64
C LEU A 491 -10.18 31.40 -47.08
N GLU A 492 -9.37 32.42 -46.84
CA GLU A 492 -8.08 32.29 -46.20
C GLU A 492 -8.18 32.68 -44.74
N VAL A 493 -7.05 32.66 -44.03
CA VAL A 493 -7.03 33.04 -42.63
C VAL A 493 -7.32 34.53 -42.50
N ASP A 494 -8.11 34.89 -41.50
CA ASP A 494 -8.49 36.28 -41.29
C ASP A 494 -7.29 37.06 -40.76
N GLU A 495 -6.78 37.99 -41.57
CA GLU A 495 -5.60 38.76 -41.19
C GLU A 495 -5.95 39.86 -40.21
N THR A 496 -7.11 40.48 -40.36
CA THR A 496 -7.50 41.64 -39.56
C THR A 496 -8.26 41.26 -38.30
N TYR A 497 -8.28 39.98 -37.93
CA TYR A 497 -8.97 39.57 -36.71
C TYR A 497 -8.17 39.98 -35.49
N VAL A 498 -8.78 40.75 -34.60
CA VAL A 498 -8.17 41.15 -33.34
C VAL A 498 -8.31 39.98 -32.36
N PRO A 499 -7.23 39.48 -31.78
CA PRO A 499 -7.34 38.37 -30.83
C PRO A 499 -8.14 38.78 -29.59
N LYS A 500 -8.97 37.87 -29.12
CA LYS A 500 -9.76 38.13 -27.93
C LYS A 500 -8.90 38.05 -26.68
N GLU A 501 -9.27 38.84 -25.68
CA GLU A 501 -8.49 38.90 -24.45
C GLU A 501 -8.54 37.56 -23.72
N PHE A 502 -7.55 37.36 -22.85
CA PHE A 502 -7.45 36.12 -22.10
C PHE A 502 -8.51 36.06 -21.00
N ASN A 503 -9.06 34.86 -20.80
CA ASN A 503 -10.04 34.61 -19.74
C ASN A 503 -9.63 33.34 -19.02
N ALA A 504 -9.35 33.45 -17.73
CA ALA A 504 -8.87 32.30 -16.97
C ALA A 504 -9.93 31.22 -16.86
N GLU A 505 -11.18 31.61 -16.65
CA GLU A 505 -12.26 30.63 -16.53
C GLU A 505 -12.49 29.85 -17.81
N THR A 506 -12.04 30.37 -18.95
CA THR A 506 -12.20 29.66 -20.22
C THR A 506 -11.30 28.43 -20.27
N PHE A 507 -10.08 28.56 -19.74
CA PHE A 507 -9.11 27.47 -19.76
C PHE A 507 -8.94 26.81 -18.40
N THR A 508 -9.89 27.01 -17.49
CA THR A 508 -9.89 26.37 -16.19
C THR A 508 -10.77 25.13 -16.23
N PHE A 509 -10.29 24.05 -15.63
CA PHE A 509 -10.98 22.77 -15.65
C PHE A 509 -11.04 22.20 -14.25
N HIS A 510 -12.06 21.39 -13.98
CA HIS A 510 -12.36 20.89 -12.66
C HIS A 510 -12.53 19.37 -12.72
N ALA A 511 -12.74 18.77 -11.54
CA ALA A 511 -12.81 17.32 -11.43
C ALA A 511 -14.04 16.73 -12.11
N ASP A 512 -15.05 17.56 -12.40
CA ASP A 512 -16.27 17.06 -13.04
C ASP A 512 -16.02 16.52 -14.45
N ILE A 513 -14.91 16.90 -15.08
CA ILE A 513 -14.62 16.44 -16.44
C ILE A 513 -14.26 14.97 -16.48
N CYS A 514 -13.94 14.36 -15.33
CA CYS A 514 -13.58 12.95 -15.26
C CYS A 514 -14.80 12.03 -15.18
N THR A 515 -16.01 12.57 -15.21
CA THR A 515 -17.23 11.78 -15.08
C THR A 515 -18.05 11.68 -16.35
N LEU A 516 -17.86 12.60 -17.30
CA LEU A 516 -18.62 12.55 -18.54
C LEU A 516 -18.17 11.37 -19.39
N SER A 517 -18.95 11.11 -20.45
CA SER A 517 -18.60 10.05 -21.39
C SER A 517 -17.43 10.48 -22.26
N GLU A 518 -17.01 9.58 -23.15
CA GLU A 518 -15.91 9.89 -24.06
C GLU A 518 -16.28 11.02 -25.02
N LYS A 519 -17.55 11.08 -25.43
CA LYS A 519 -17.97 12.11 -26.39
C LYS A 519 -17.95 13.50 -25.76
N GLU A 520 -18.69 13.67 -24.67
CA GLU A 520 -18.76 14.98 -24.03
C GLU A 520 -17.40 15.44 -23.51
N ARG A 521 -16.53 14.51 -23.14
CA ARG A 521 -15.19 14.88 -22.69
C ARG A 521 -14.37 15.44 -23.84
N GLN A 522 -14.46 14.82 -25.02
CA GLN A 522 -13.80 15.36 -26.20
C GLN A 522 -14.35 16.75 -26.55
N ILE A 523 -15.67 16.92 -26.43
CA ILE A 523 -16.30 18.19 -26.77
C ILE A 523 -15.73 19.32 -25.91
N LYS A 524 -15.43 19.02 -24.65
CA LYS A 524 -14.90 20.06 -23.75
C LYS A 524 -13.47 20.45 -24.15
N LYS A 525 -12.65 19.47 -24.55
CA LYS A 525 -11.31 19.80 -25.04
C LYS A 525 -11.40 20.61 -26.33
N GLN A 526 -12.25 20.18 -27.26
CA GLN A 526 -12.38 20.87 -28.53
C GLN A 526 -12.92 22.28 -28.37
N THR A 527 -13.78 22.49 -27.37
CA THR A 527 -14.26 23.84 -27.06
C THR A 527 -13.11 24.73 -26.62
N ALA A 528 -12.22 24.21 -25.78
CA ALA A 528 -11.04 24.97 -25.37
C ALA A 528 -10.06 25.15 -26.52
N LEU A 529 -10.03 24.22 -27.47
CA LEU A 529 -9.16 24.37 -28.63
C LEU A 529 -9.57 25.56 -29.49
N VAL A 530 -10.88 25.73 -29.70
CA VAL A 530 -11.37 26.88 -30.45
C VAL A 530 -11.03 28.18 -29.72
N GLU A 531 -11.28 28.21 -28.40
CA GLU A 531 -10.96 29.40 -27.62
C GLU A 531 -9.46 29.66 -27.57
N LEU A 532 -8.66 28.61 -27.63
CA LEU A 532 -7.20 28.79 -27.68
C LEU A 532 -6.78 29.42 -29.00
N VAL A 533 -7.41 29.02 -30.11
CA VAL A 533 -7.08 29.59 -31.40
C VAL A 533 -7.57 31.03 -31.50
N LYS A 534 -8.74 31.32 -30.94
CA LYS A 534 -9.25 32.68 -30.97
C LYS A 534 -8.35 33.64 -30.23
N HIS A 535 -7.70 33.18 -29.15
CA HIS A 535 -6.82 34.04 -28.38
C HIS A 535 -5.47 34.26 -29.07
N LYS A 536 -4.97 33.24 -29.77
CA LYS A 536 -3.71 33.34 -30.51
C LYS A 536 -3.94 32.79 -31.91
N PRO A 537 -4.50 33.60 -32.81
CA PRO A 537 -4.79 33.10 -34.17
C PRO A 537 -3.55 32.88 -35.01
N LYS A 538 -2.47 33.60 -34.74
CA LYS A 538 -1.22 33.43 -35.47
C LYS A 538 -0.40 32.25 -34.99
N ALA A 539 -0.93 31.45 -34.07
CA ALA A 539 -0.22 30.28 -33.58
C ALA A 539 -0.07 29.24 -34.68
N THR A 540 1.09 28.59 -34.71
CA THR A 540 1.35 27.58 -35.72
C THR A 540 0.68 26.26 -35.35
N LYS A 541 0.67 25.33 -36.30
CA LYS A 541 0.12 24.00 -36.03
C LYS A 541 1.00 23.23 -35.05
N GLU A 542 2.31 23.44 -35.10
CA GLU A 542 3.21 22.79 -34.16
C GLU A 542 2.96 23.27 -32.73
N GLN A 543 2.74 24.58 -32.57
CA GLN A 543 2.53 25.13 -31.24
C GLN A 543 1.18 24.70 -30.67
N LEU A 544 0.19 24.45 -31.53
CA LEU A 544 -1.13 24.03 -31.05
C LEU A 544 -1.18 22.54 -30.78
N LYS A 545 -0.48 21.74 -31.59
CA LYS A 545 -0.42 20.30 -31.35
C LYS A 545 0.25 19.99 -30.02
N ALA A 546 1.28 20.75 -29.66
CA ALA A 546 1.96 20.52 -28.39
C ALA A 546 1.07 20.84 -27.20
N VAL A 547 0.29 21.94 -27.30
CA VAL A 547 -0.62 22.28 -26.21
C VAL A 547 -1.75 21.26 -26.12
N MET A 548 -2.28 20.83 -27.27
CA MET A 548 -3.31 19.80 -27.26
C MET A 548 -2.79 18.49 -26.70
N ASP A 549 -1.54 18.15 -27.01
CA ASP A 549 -0.94 16.95 -26.43
C ASP A 549 -0.69 17.12 -24.95
N ASP A 550 -0.27 18.32 -24.53
CA ASP A 550 -0.14 18.59 -23.10
C ASP A 550 -1.49 18.54 -22.41
N PHE A 551 -2.57 18.92 -23.11
CA PHE A 551 -3.90 18.88 -22.53
C PHE A 551 -4.34 17.44 -22.28
N ALA A 552 -4.00 16.52 -23.19
CA ALA A 552 -4.39 15.12 -23.00
C ALA A 552 -3.75 14.54 -21.75
N ALA A 553 -2.47 14.82 -21.52
CA ALA A 553 -1.81 14.35 -20.31
C ALA A 553 -2.33 15.06 -19.07
N PHE A 554 -2.70 16.34 -19.21
CA PHE A 554 -3.24 17.08 -18.07
C PHE A 554 -4.56 16.50 -17.60
N VAL A 555 -5.44 16.14 -18.54
CA VAL A 555 -6.72 15.54 -18.17
C VAL A 555 -6.52 14.09 -17.72
N GLU A 556 -5.59 13.37 -18.36
CA GLU A 556 -5.36 11.98 -17.99
C GLU A 556 -4.73 11.86 -16.60
N LYS A 557 -3.81 12.77 -16.26
CA LYS A 557 -3.15 12.71 -14.96
C LYS A 557 -4.13 13.01 -13.84
N CYS A 558 -4.90 14.10 -13.98
CA CYS A 558 -5.77 14.55 -12.89
C CYS A 558 -6.96 13.62 -12.67
N CYS A 559 -7.36 12.84 -13.67
CA CYS A 559 -8.46 11.91 -13.48
C CYS A 559 -8.03 10.62 -12.78
N LYS A 560 -6.74 10.28 -12.85
CA LYS A 560 -6.22 9.10 -12.17
C LYS A 560 -5.63 9.42 -10.80
N ALA A 561 -5.67 10.67 -10.37
CA ALA A 561 -5.07 11.08 -9.11
C ALA A 561 -6.06 10.92 -7.97
N ASP A 562 -5.53 10.76 -6.76
CA ASP A 562 -6.37 10.67 -5.58
C ASP A 562 -7.05 12.01 -5.28
N ASP A 563 -6.28 13.09 -5.30
CA ASP A 563 -6.80 14.44 -5.07
C ASP A 563 -6.97 15.11 -6.43
N LYS A 564 -8.13 14.87 -7.05
CA LYS A 564 -8.37 15.43 -8.38
C LYS A 564 -8.60 16.92 -8.32
N GLU A 565 -9.19 17.43 -7.23
CA GLU A 565 -9.49 18.85 -7.13
C GLU A 565 -8.20 19.68 -7.16
N THR A 566 -7.24 19.32 -6.33
CA THR A 566 -5.97 20.05 -6.30
C THR A 566 -5.20 19.87 -7.61
N CYS A 567 -5.32 18.70 -8.23
CA CYS A 567 -4.57 18.43 -9.45
C CYS A 567 -5.03 19.33 -10.60
N PHE A 568 -6.35 19.43 -10.82
CA PHE A 568 -6.86 20.32 -11.85
C PHE A 568 -6.53 21.77 -11.55
N ALA A 569 -6.34 22.12 -10.28
CA ALA A 569 -6.07 23.52 -9.95
C ALA A 569 -4.58 23.83 -10.05
N GLU A 570 -3.72 22.92 -9.64
CA GLU A 570 -2.27 23.17 -9.68
C GLU A 570 -1.70 22.94 -11.08
N GLU A 571 -2.08 21.83 -11.72
CA GLU A 571 -1.55 21.54 -13.05
C GLU A 571 -2.12 22.49 -14.09
N GLY A 572 -3.42 22.80 -14.00
CA GLY A 572 -4.00 23.74 -14.94
C GLY A 572 -3.41 25.14 -14.81
N LYS A 573 -3.13 25.56 -13.58
CA LYS A 573 -2.48 26.86 -13.37
C LYS A 573 -1.09 26.87 -13.98
N LYS A 574 -0.44 25.71 -14.05
CA LYS A 574 0.86 25.54 -14.69
C LYS A 574 0.73 25.35 -16.18
N LEU A 575 -0.28 24.62 -16.64
CA LEU A 575 -0.44 24.35 -18.06
C LEU A 575 -0.78 25.63 -18.83
N VAL A 576 -1.65 26.47 -18.26
CA VAL A 576 -2.03 27.70 -18.95
C VAL A 576 -0.88 28.69 -18.97
N ALA A 577 -0.16 28.81 -17.85
CA ALA A 577 0.96 29.74 -17.79
C ALA A 577 2.10 29.31 -18.71
N ALA A 578 2.27 28.01 -18.94
CA ALA A 578 3.29 27.54 -19.85
C ALA A 578 2.86 27.70 -21.31
N SER A 579 1.58 27.44 -21.60
CA SER A 579 1.09 27.61 -22.97
C SER A 579 1.04 29.09 -23.35
N GLN A 580 0.62 29.96 -22.42
CA GLN A 580 0.57 31.39 -22.71
C GLN A 580 1.97 31.96 -22.91
N ALA A 581 2.97 31.42 -22.21
CA ALA A 581 4.34 31.86 -22.40
C ALA A 581 4.97 31.26 -23.65
N ALA A 582 4.49 30.09 -24.09
CA ALA A 582 5.04 29.48 -25.29
C ALA A 582 4.54 30.18 -26.55
N LEU A 583 3.29 30.63 -26.54
CA LEU A 583 2.74 31.30 -27.71
C LEU A 583 3.11 32.78 -27.74
N GLY A 584 3.14 33.42 -26.57
CA GLY A 584 3.48 34.83 -26.48
C GLY A 584 2.34 35.70 -26.01
N LYS B 4 27.64 -57.65 54.52
CA LYS B 4 27.35 -56.92 53.29
C LYS B 4 28.62 -56.22 52.79
N SER B 5 29.30 -56.88 51.86
CA SER B 5 30.58 -56.39 51.35
C SER B 5 30.34 -55.37 50.24
N GLU B 6 30.30 -54.10 50.64
CA GLU B 6 30.33 -52.95 49.75
C GLU B 6 29.09 -52.82 48.86
N VAL B 7 29.25 -52.97 47.54
CA VAL B 7 28.34 -52.37 46.55
C VAL B 7 26.88 -52.68 46.88
N ALA B 8 26.62 -53.83 47.51
CA ALA B 8 25.28 -54.10 47.99
C ALA B 8 24.86 -53.11 49.07
N HIS B 9 25.81 -52.69 49.91
CA HIS B 9 25.51 -51.74 50.98
C HIS B 9 25.13 -50.39 50.40
N ARG B 10 25.74 -49.99 49.28
CA ARG B 10 25.39 -48.72 48.66
C ARG B 10 24.04 -48.80 47.95
N PHE B 11 23.75 -49.94 47.30
CA PHE B 11 22.52 -50.06 46.52
C PHE B 11 21.28 -49.99 47.40
N LYS B 12 21.36 -50.47 48.64
CA LYS B 12 20.18 -50.53 49.50
C LYS B 12 19.72 -49.14 49.90
N ASP B 13 20.65 -48.27 50.30
CA ASP B 13 20.26 -46.93 50.77
C ASP B 13 19.86 -46.04 49.61
N LEU B 14 20.62 -46.05 48.52
CA LEU B 14 20.35 -45.17 47.40
C LEU B 14 19.14 -45.60 46.58
N GLY B 15 18.88 -46.89 46.50
CA GLY B 15 17.85 -47.41 45.62
C GLY B 15 18.43 -47.78 44.27
N GLU B 16 17.54 -47.85 43.27
CA GLU B 16 17.96 -48.13 41.91
C GLU B 16 18.02 -46.89 41.04
N GLU B 17 17.06 -45.97 41.19
CA GLU B 17 17.07 -44.76 40.38
C GLU B 17 18.22 -43.83 40.76
N ASN B 18 18.37 -43.56 42.06
CA ASN B 18 19.45 -42.69 42.51
C ASN B 18 20.82 -43.32 42.29
N PHE B 19 20.90 -44.65 42.33
CA PHE B 19 22.18 -45.32 42.13
C PHE B 19 22.65 -45.15 40.68
N LYS B 20 21.76 -45.41 39.72
CA LYS B 20 22.12 -45.25 38.32
C LYS B 20 22.43 -43.79 37.98
N ALA B 21 21.75 -42.85 38.63
CA ALA B 21 21.99 -41.44 38.36
C ALA B 21 23.35 -41.01 38.91
N LEU B 22 23.71 -41.47 40.11
CA LEU B 22 25.00 -41.11 40.68
C LEU B 22 26.15 -41.74 39.90
N VAL B 23 25.96 -42.96 39.40
CA VAL B 23 26.98 -43.60 38.58
C VAL B 23 27.14 -42.85 37.27
N LEU B 24 26.04 -42.34 36.71
CA LEU B 24 26.11 -41.58 35.46
C LEU B 24 26.89 -40.29 35.65
N ILE B 25 26.59 -39.54 36.71
CA ILE B 25 27.30 -38.30 36.98
C ILE B 25 28.76 -38.58 37.30
N ALA B 26 29.05 -39.70 37.97
CA ALA B 26 30.43 -40.02 38.31
C ALA B 26 31.26 -40.29 37.07
N PHE B 27 30.68 -40.97 36.08
CA PHE B 27 31.44 -41.29 34.87
C PHE B 27 31.63 -40.05 33.99
N ALA B 28 30.60 -39.22 33.86
CA ALA B 28 30.71 -38.04 33.01
C ALA B 28 31.68 -37.02 33.60
N GLN B 29 31.80 -36.96 34.93
CA GLN B 29 32.74 -36.04 35.56
C GLN B 29 34.17 -36.54 35.42
N TYR B 30 34.36 -37.86 35.51
CA TYR B 30 35.70 -38.43 35.33
C TYR B 30 36.08 -38.51 33.85
N LEU B 31 35.21 -39.06 33.03
CA LEU B 31 35.44 -39.16 31.58
C LEU B 31 34.56 -38.11 30.92
N GLN B 32 35.12 -36.91 30.77
CA GLN B 32 34.36 -35.77 30.26
C GLN B 32 34.26 -35.75 28.74
N GLN B 33 35.05 -36.55 28.03
CA GLN B 33 35.09 -36.50 26.57
C GLN B 33 34.50 -37.75 25.92
N CYS B 34 34.13 -38.77 26.70
CA CYS B 34 33.53 -39.96 26.12
C CYS B 34 32.12 -39.65 25.62
N PRO B 35 31.65 -40.36 24.59
CA PRO B 35 30.30 -40.14 24.09
C PRO B 35 29.25 -40.59 25.11
N PHE B 36 28.00 -40.26 24.79
CA PHE B 36 26.90 -40.52 25.73
C PHE B 36 26.54 -42.00 25.79
N GLU B 37 26.61 -42.70 24.65
CA GLU B 37 26.22 -44.10 24.62
C GLU B 37 27.23 -44.98 25.35
N ASP B 38 28.52 -44.64 25.30
CA ASP B 38 29.53 -45.44 25.99
C ASP B 38 29.41 -45.31 27.51
N HIS B 39 28.84 -44.22 28.00
CA HIS B 39 28.61 -44.08 29.44
C HIS B 39 27.39 -44.88 29.89
N VAL B 40 26.27 -44.73 29.16
CA VAL B 40 25.06 -45.48 29.51
C VAL B 40 25.32 -46.97 29.38
N LYS B 41 26.12 -47.37 28.39
CA LYS B 41 26.55 -48.76 28.30
C LYS B 41 27.32 -49.17 29.55
N LEU B 42 28.22 -48.30 30.02
CA LEU B 42 29.01 -48.60 31.20
C LEU B 42 28.23 -48.37 32.49
N VAL B 43 27.23 -47.49 32.45
CA VAL B 43 26.38 -47.30 33.62
C VAL B 43 25.57 -48.55 33.91
N ASN B 44 24.99 -49.17 32.87
CA ASN B 44 24.21 -50.38 33.07
C ASN B 44 25.09 -51.58 33.39
N GLU B 45 26.35 -51.57 32.95
CA GLU B 45 27.26 -52.65 33.31
C GLU B 45 27.53 -52.68 34.81
N VAL B 46 27.61 -51.50 35.43
CA VAL B 46 27.75 -51.45 36.88
C VAL B 46 26.41 -51.69 37.56
N THR B 47 25.32 -51.21 36.96
CA THR B 47 24.00 -51.45 37.51
C THR B 47 23.64 -52.94 37.47
N GLU B 48 23.95 -53.61 36.36
CA GLU B 48 23.74 -55.05 36.28
C GLU B 48 24.63 -55.78 37.28
N PHE B 49 25.90 -55.37 37.38
CA PHE B 49 26.80 -55.98 38.36
C PHE B 49 26.34 -55.67 39.79
N ALA B 50 25.68 -54.53 39.99
CA ALA B 50 25.19 -54.20 41.32
C ALA B 50 24.10 -55.18 41.76
N LYS B 51 23.13 -55.45 40.88
CA LYS B 51 22.05 -56.36 41.24
C LYS B 51 22.56 -57.77 41.51
N THR B 52 23.67 -58.15 40.89
CA THR B 52 24.29 -59.43 41.21
C THR B 52 24.79 -59.44 42.65
N CYS B 53 25.42 -58.34 43.09
CA CYS B 53 25.80 -58.22 44.49
C CYS B 53 24.60 -57.93 45.39
N VAL B 54 23.48 -57.51 44.81
CA VAL B 54 22.25 -57.35 45.58
C VAL B 54 21.57 -58.69 45.81
N ALA B 55 21.55 -59.54 44.78
CA ALA B 55 20.94 -60.86 44.91
C ALA B 55 21.83 -61.86 45.64
N ASP B 56 23.14 -61.64 45.63
CA ASP B 56 24.09 -62.55 46.26
C ASP B 56 25.04 -61.77 47.16
N GLU B 57 25.32 -62.32 48.33
CA GLU B 57 26.22 -61.64 49.27
C GLU B 57 27.66 -61.68 48.80
N SER B 58 28.09 -62.81 48.23
CA SER B 58 29.47 -62.95 47.75
C SER B 58 29.55 -62.72 46.24
N ALA B 59 28.95 -63.62 45.47
CA ALA B 59 28.92 -63.55 44.01
C ALA B 59 30.36 -63.55 43.51
N GLU B 60 30.74 -62.63 42.61
CA GLU B 60 32.09 -62.60 42.05
C GLU B 60 32.68 -61.21 42.27
N ASN B 61 33.69 -61.14 43.14
CA ASN B 61 34.46 -59.92 43.40
C ASN B 61 33.60 -58.78 43.95
N CYS B 62 32.46 -59.10 44.57
CA CYS B 62 31.67 -58.05 45.23
C CYS B 62 32.36 -57.53 46.48
N ASP B 63 33.28 -58.30 47.07
CA ASP B 63 33.88 -57.90 48.34
C ASP B 63 34.82 -56.72 48.20
N LYS B 64 35.25 -56.39 46.99
CA LYS B 64 36.10 -55.24 46.77
C LYS B 64 35.29 -53.95 46.90
N SER B 65 35.96 -52.89 47.33
CA SER B 65 35.29 -51.61 47.52
C SER B 65 34.86 -51.03 46.17
N LEU B 66 33.71 -50.35 46.17
CA LEU B 66 33.24 -49.68 44.97
C LEU B 66 34.25 -48.64 44.50
N HIS B 67 34.96 -48.03 45.46
CA HIS B 67 36.12 -47.22 45.12
C HIS B 67 37.07 -47.99 44.22
N THR B 68 37.35 -49.25 44.56
CA THR B 68 38.19 -50.10 43.72
C THR B 68 37.40 -50.67 42.54
N LEU B 69 36.11 -50.98 42.76
CA LEU B 69 35.28 -51.54 41.71
C LEU B 69 34.88 -50.50 40.67
N PHE B 70 35.00 -49.21 40.99
CA PHE B 70 34.78 -48.15 40.02
C PHE B 70 36.06 -47.77 39.29
N GLY B 71 37.21 -47.90 39.96
CA GLY B 71 38.47 -47.54 39.33
C GLY B 71 38.91 -48.51 38.24
N ASP B 72 38.71 -49.81 38.48
CA ASP B 72 39.10 -50.78 37.47
C ASP B 72 38.22 -50.67 36.23
N LYS B 73 36.91 -50.64 36.41
CA LYS B 73 36.01 -50.47 35.27
C LYS B 73 36.26 -49.14 34.56
N LEU B 74 36.74 -48.14 35.30
CA LEU B 74 37.18 -46.90 34.67
C LEU B 74 38.41 -47.12 33.81
N CYS B 75 39.26 -48.09 34.17
CA CYS B 75 40.49 -48.35 33.43
C CYS B 75 40.38 -49.56 32.50
N THR B 76 39.20 -50.19 32.39
CA THR B 76 39.04 -51.27 31.43
C THR B 76 38.98 -50.74 30.01
N VAL B 77 38.46 -49.52 29.88
CA VAL B 77 38.24 -48.85 28.57
C VAL B 77 39.53 -48.77 27.81
N ALA B 78 39.48 -48.90 26.49
CA ALA B 78 40.74 -48.98 25.78
C ALA B 78 41.22 -47.64 25.24
N THR B 79 40.35 -46.66 25.06
CA THR B 79 40.78 -45.41 24.42
C THR B 79 41.29 -44.37 25.40
N LEU B 80 41.65 -44.82 26.58
CA LEU B 80 42.00 -43.90 27.67
C LEU B 80 43.14 -42.98 27.27
N ARG B 81 44.25 -43.55 26.79
CA ARG B 81 45.40 -42.72 26.43
C ARG B 81 45.11 -41.88 25.20
N GLU B 82 44.23 -42.33 24.32
CA GLU B 82 43.96 -41.59 23.09
C GLU B 82 43.01 -40.41 23.35
N THR B 83 41.90 -40.66 24.03
CA THR B 83 40.92 -39.61 24.25
C THR B 83 41.34 -38.69 25.39
N TYR B 84 41.76 -39.26 26.52
CA TYR B 84 42.14 -38.49 27.70
C TYR B 84 43.64 -38.48 27.94
N GLY B 85 44.29 -39.65 27.88
CA GLY B 85 45.69 -39.69 28.24
C GLY B 85 45.88 -39.34 29.69
N GLU B 86 46.80 -38.41 29.95
CA GLU B 86 47.07 -37.88 31.28
C GLU B 86 47.38 -38.97 32.29
N MET B 87 46.46 -39.22 33.21
CA MET B 87 46.65 -40.10 34.35
C MET B 87 46.08 -41.49 34.12
N ALA B 88 45.97 -41.90 32.86
CA ALA B 88 45.52 -43.26 32.57
C ALA B 88 46.52 -44.29 33.06
N ASP B 89 47.80 -43.90 33.18
CA ASP B 89 48.82 -44.80 33.67
C ASP B 89 48.76 -45.01 35.17
N CYS B 90 48.00 -44.18 35.89
CA CYS B 90 47.88 -44.29 37.35
C CYS B 90 47.23 -45.60 37.79
N CYS B 91 46.59 -46.33 36.87
CA CYS B 91 46.04 -47.64 37.23
C CYS B 91 47.15 -48.64 37.57
N ALA B 92 48.39 -48.35 37.18
CA ALA B 92 49.51 -49.18 37.60
C ALA B 92 49.74 -49.05 39.10
N LYS B 93 49.49 -47.88 39.67
CA LYS B 93 49.54 -47.72 41.11
C LYS B 93 48.31 -48.35 41.76
N GLN B 94 48.45 -48.68 43.04
CA GLN B 94 47.37 -49.34 43.75
C GLN B 94 46.21 -48.37 43.98
N GLU B 95 45.03 -48.94 44.25
CA GLU B 95 43.84 -48.13 44.44
C GLU B 95 43.94 -47.12 45.58
N PRO B 96 44.64 -47.37 46.71
CA PRO B 96 44.83 -46.31 47.71
C PRO B 96 45.43 -45.03 47.13
N GLU B 97 46.12 -45.14 46.00
CA GLU B 97 46.65 -43.98 45.29
C GLU B 97 46.10 -43.80 43.88
N ARG B 98 45.50 -44.85 43.29
CA ARG B 98 45.01 -44.75 41.92
C ARG B 98 43.93 -43.67 41.80
N ASN B 99 42.98 -43.64 42.74
CA ASN B 99 41.87 -42.70 42.62
C ASN B 99 42.28 -41.28 43.02
N GLU B 100 43.06 -41.14 44.09
CA GLU B 100 43.56 -39.81 44.47
C GLU B 100 44.42 -39.19 43.38
N CYS B 101 44.86 -39.99 42.41
CA CYS B 101 45.49 -39.43 41.21
C CYS B 101 44.46 -39.00 40.18
N PHE B 102 43.29 -39.63 40.17
CA PHE B 102 42.26 -39.29 39.18
C PHE B 102 41.56 -37.98 39.53
N LEU B 103 41.26 -37.77 40.81
CA LEU B 103 40.48 -36.59 41.20
C LEU B 103 41.23 -35.29 40.89
N GLN B 104 42.56 -35.31 40.95
CA GLN B 104 43.34 -34.12 40.62
C GLN B 104 43.45 -33.89 39.12
N HIS B 105 43.29 -34.93 38.31
CA HIS B 105 43.41 -34.81 36.87
C HIS B 105 42.07 -34.52 36.18
N LYS B 106 41.04 -34.16 36.95
CA LYS B 106 39.78 -33.74 36.35
C LYS B 106 39.94 -32.36 35.73
N ASP B 107 39.57 -32.25 34.45
CA ASP B 107 39.75 -31.01 33.70
C ASP B 107 38.68 -30.01 34.15
N ASP B 108 39.11 -28.94 34.82
CA ASP B 108 38.18 -27.91 35.26
C ASP B 108 37.51 -27.22 34.07
N ASN B 109 38.29 -26.89 33.05
CA ASN B 109 37.78 -26.20 31.87
C ASN B 109 37.87 -27.10 30.65
N PRO B 110 36.78 -27.74 30.23
CA PRO B 110 36.85 -28.65 29.08
C PRO B 110 36.59 -27.96 27.76
N ASN B 111 37.15 -28.55 26.70
CA ASN B 111 37.02 -28.02 25.35
C ASN B 111 35.82 -28.69 24.68
N LEU B 112 34.64 -28.15 24.97
CA LEU B 112 33.38 -28.69 24.48
C LEU B 112 32.51 -27.56 23.98
N PRO B 113 31.60 -27.82 23.05
CA PRO B 113 30.75 -26.76 22.51
C PRO B 113 29.81 -26.21 23.58
N ARG B 114 29.54 -24.91 23.47
CA ARG B 114 28.61 -24.27 24.40
C ARG B 114 27.21 -24.85 24.26
N LEU B 115 26.58 -25.12 25.40
CA LEU B 115 25.22 -25.63 25.40
C LEU B 115 24.26 -24.53 24.93
N VAL B 116 23.56 -24.79 23.84
CA VAL B 116 22.57 -23.86 23.29
C VAL B 116 21.19 -24.39 23.62
N ARG B 117 20.38 -23.55 24.24
CA ARG B 117 19.02 -23.93 24.61
C ARG B 117 18.18 -24.14 23.37
N PRO B 118 17.72 -25.37 23.09
CA PRO B 118 16.94 -25.59 21.86
C PRO B 118 15.59 -24.90 21.90
N GLU B 119 14.84 -24.99 20.81
CA GLU B 119 13.52 -24.39 20.76
C GLU B 119 12.57 -25.09 21.73
N VAL B 120 11.55 -24.36 22.17
CA VAL B 120 10.65 -24.88 23.21
C VAL B 120 9.91 -26.10 22.71
N ASP B 121 9.54 -26.10 21.42
CA ASP B 121 8.82 -27.26 20.88
C ASP B 121 9.72 -28.47 20.72
N VAL B 122 11.01 -28.25 20.44
CA VAL B 122 11.93 -29.36 20.25
C VAL B 122 12.18 -30.09 21.56
N MET B 123 12.32 -29.35 22.66
CA MET B 123 12.61 -29.96 23.95
C MET B 123 11.40 -30.71 24.48
N CYS B 124 10.21 -30.10 24.41
CA CYS B 124 9.01 -30.76 24.91
C CYS B 124 8.70 -32.03 24.12
N THR B 125 8.96 -32.01 22.81
CA THR B 125 8.76 -33.20 22.00
C THR B 125 9.74 -34.29 22.40
N ALA B 126 10.99 -33.93 22.67
CA ALA B 126 11.97 -34.90 23.13
C ALA B 126 11.67 -35.34 24.57
N PHE B 127 11.15 -34.43 25.40
CA PHE B 127 10.80 -34.80 26.76
C PHE B 127 9.61 -35.73 26.80
N HIS B 128 8.69 -35.61 25.85
CA HIS B 128 7.53 -36.49 25.78
C HIS B 128 7.79 -37.77 25.01
N ASP B 129 8.84 -37.82 24.17
CA ASP B 129 9.20 -39.05 23.50
C ASP B 129 9.64 -40.10 24.51
N ASN B 130 10.72 -39.82 25.23
CA ASN B 130 11.17 -40.68 26.33
C ASN B 130 11.91 -39.78 27.32
N GLU B 131 11.20 -39.38 28.38
CA GLU B 131 11.76 -38.42 29.33
C GLU B 131 12.96 -38.98 30.09
N GLU B 132 13.16 -40.30 30.07
CA GLU B 132 14.33 -40.86 30.74
C GLU B 132 15.61 -40.48 30.01
N THR B 133 15.65 -40.70 28.69
CA THR B 133 16.83 -40.31 27.92
C THR B 133 17.01 -38.80 27.91
N PHE B 134 15.90 -38.07 27.86
CA PHE B 134 15.97 -36.60 27.90
C PHE B 134 16.51 -36.12 29.24
N LEU B 135 16.13 -36.79 30.33
CA LEU B 135 16.63 -36.42 31.64
C LEU B 135 18.02 -36.99 31.91
N LYS B 136 18.32 -38.17 31.36
CA LYS B 136 19.65 -38.74 31.54
C LYS B 136 20.70 -37.95 30.76
N LYS B 137 20.35 -37.46 29.58
CA LYS B 137 21.28 -36.62 28.82
C LYS B 137 21.55 -35.31 29.55
N TYR B 138 20.57 -34.83 30.32
CA TYR B 138 20.79 -33.62 31.11
C TYR B 138 21.93 -33.82 32.10
N LEU B 139 22.01 -34.98 32.74
CA LEU B 139 23.10 -35.24 33.68
C LEU B 139 24.44 -35.31 32.96
N TYR B 140 24.47 -36.03 31.84
CA TYR B 140 25.73 -36.24 31.12
C TYR B 140 26.36 -34.91 30.70
N GLU B 141 25.56 -34.01 30.13
CA GLU B 141 26.10 -32.77 29.59
C GLU B 141 26.64 -31.87 30.70
N ILE B 142 25.85 -31.66 31.76
CA ILE B 142 26.28 -30.74 32.81
C ILE B 142 27.43 -31.32 33.63
N ALA B 143 27.45 -32.64 33.83
CA ALA B 143 28.49 -33.24 34.66
C ALA B 143 29.87 -33.08 34.02
N ARG B 144 29.95 -33.14 32.69
CA ARG B 144 31.23 -32.94 32.02
C ARG B 144 31.73 -31.51 32.20
N ARG B 145 30.81 -30.55 32.19
CA ARG B 145 31.21 -29.15 32.28
C ARG B 145 31.65 -28.77 33.69
N HIS B 146 31.10 -29.41 34.70
CA HIS B 146 31.41 -29.12 36.11
C HIS B 146 31.81 -30.42 36.78
N PRO B 147 33.08 -30.84 36.63
CA PRO B 147 33.50 -32.14 37.19
C PRO B 147 33.57 -32.15 38.71
N TYR B 148 33.61 -30.99 39.35
CA TYR B 148 33.68 -30.91 40.81
C TYR B 148 32.35 -30.54 41.45
N PHE B 149 31.27 -30.51 40.67
CA PHE B 149 29.95 -30.26 41.22
C PHE B 149 29.50 -31.47 42.02
N TYR B 150 28.99 -31.24 43.23
CA TYR B 150 28.51 -32.32 44.07
C TYR B 150 27.37 -33.05 43.38
N ALA B 151 27.56 -34.34 43.13
CA ALA B 151 26.61 -35.10 42.33
C ALA B 151 25.20 -35.15 42.93
N PRO B 152 25.00 -35.42 44.22
CA PRO B 152 23.63 -35.35 44.76
C PRO B 152 23.02 -33.97 44.65
N GLU B 153 23.81 -32.91 44.87
CA GLU B 153 23.30 -31.55 44.67
C GLU B 153 22.83 -31.36 43.23
N LEU B 154 23.61 -31.82 42.26
CA LEU B 154 23.17 -31.81 40.87
C LEU B 154 21.98 -32.74 40.65
N LEU B 155 21.91 -33.83 41.42
CA LEU B 155 20.81 -34.78 41.28
C LEU B 155 19.48 -34.14 41.68
N PHE B 156 19.49 -33.20 42.62
CA PHE B 156 18.27 -32.50 42.98
C PHE B 156 17.85 -31.47 41.94
N PHE B 157 18.81 -30.92 41.19
CA PHE B 157 18.46 -30.00 40.12
C PHE B 157 17.72 -30.71 38.99
N ALA B 158 18.09 -31.96 38.71
CA ALA B 158 17.42 -32.70 37.66
C ALA B 158 15.95 -32.95 38.01
N LYS B 159 15.65 -33.16 39.29
CA LYS B 159 14.26 -33.29 39.71
C LYS B 159 13.49 -32.00 39.44
N ARG B 160 14.13 -30.85 39.65
CA ARG B 160 13.46 -29.58 39.42
C ARG B 160 13.26 -29.31 37.93
N TYR B 161 14.18 -29.79 37.08
CA TYR B 161 13.97 -29.70 35.65
C TYR B 161 12.85 -30.62 35.20
N LYS B 162 12.75 -31.81 35.79
CA LYS B 162 11.66 -32.71 35.46
C LYS B 162 10.33 -32.17 35.95
N ALA B 163 10.32 -31.54 37.13
CA ALA B 163 9.10 -30.91 37.63
C ALA B 163 8.72 -29.68 36.80
N ALA B 164 9.66 -29.13 36.04
CA ALA B 164 9.37 -27.99 35.17
C ALA B 164 8.90 -28.43 33.78
N PHE B 165 9.55 -29.44 33.20
CA PHE B 165 9.12 -29.94 31.90
C PHE B 165 7.78 -30.65 32.00
N THR B 166 7.50 -31.32 33.12
CA THR B 166 6.20 -31.95 33.30
C THR B 166 5.08 -30.93 33.40
N GLU B 167 5.39 -29.69 33.79
CA GLU B 167 4.38 -28.65 33.98
C GLU B 167 4.17 -27.82 32.72
N CYS B 168 5.21 -27.13 32.27
CA CYS B 168 5.09 -26.13 31.21
C CYS B 168 5.19 -26.71 29.81
N CYS B 169 5.32 -28.03 29.67
CA CYS B 169 5.15 -28.67 28.37
C CYS B 169 3.71 -29.06 28.11
N GLN B 170 2.86 -29.06 29.14
CA GLN B 170 1.43 -29.33 28.97
C GLN B 170 0.58 -28.07 28.95
N ALA B 171 1.19 -26.89 29.04
CA ALA B 171 0.48 -25.64 28.98
C ALA B 171 0.30 -25.20 27.53
N ALA B 172 -0.73 -24.37 27.31
CA ALA B 172 -1.01 -23.90 25.96
C ALA B 172 0.10 -23.01 25.44
N ASP B 173 0.47 -21.98 26.20
CA ASP B 173 1.61 -21.14 25.84
C ASP B 173 2.91 -21.92 25.90
N LYS B 174 3.02 -22.85 26.86
CA LYS B 174 4.18 -23.72 27.00
C LYS B 174 5.46 -22.94 27.32
N ALA B 175 5.91 -22.10 26.39
CA ALA B 175 7.17 -21.38 26.58
C ALA B 175 7.07 -20.33 27.68
N ALA B 176 5.85 -19.86 27.98
CA ALA B 176 5.70 -18.74 28.90
C ALA B 176 6.20 -19.08 30.30
N CYS B 177 6.10 -20.34 30.72
CA CYS B 177 6.59 -20.74 32.03
C CYS B 177 7.70 -21.77 31.97
N LEU B 178 8.15 -22.17 30.79
CA LEU B 178 9.31 -23.06 30.69
C LEU B 178 10.61 -22.27 30.64
N LEU B 179 10.66 -21.23 29.80
CA LEU B 179 11.88 -20.42 29.70
C LEU B 179 12.21 -19.69 30.99
N PRO B 180 11.29 -19.01 31.67
CA PRO B 180 11.65 -18.39 32.95
C PRO B 180 12.11 -19.38 34.00
N LYS B 181 11.57 -20.61 33.99
CA LYS B 181 12.02 -21.62 34.93
C LYS B 181 13.44 -22.07 34.61
N LEU B 182 13.81 -22.12 33.32
CA LEU B 182 15.17 -22.49 32.97
C LEU B 182 16.15 -21.35 33.26
N ASP B 183 15.69 -20.10 33.22
CA ASP B 183 16.55 -18.98 33.54
C ASP B 183 16.94 -18.99 35.02
N GLU B 184 15.98 -19.27 35.90
CA GLU B 184 16.30 -19.34 37.33
C GLU B 184 17.16 -20.57 37.64
N LEU B 185 16.82 -21.71 37.06
CA LEU B 185 17.57 -22.94 37.33
C LEU B 185 19.01 -22.84 36.84
N ARG B 186 19.25 -22.12 35.74
CA ARG B 186 20.61 -21.95 35.26
C ARG B 186 21.37 -20.95 36.12
N ASP B 187 20.71 -19.87 36.54
CA ASP B 187 21.36 -18.87 37.38
C ASP B 187 21.73 -19.45 38.74
N GLU B 188 20.75 -20.04 39.44
CA GLU B 188 21.05 -20.67 40.72
C GLU B 188 21.94 -21.89 40.55
N GLY B 189 21.96 -22.50 39.37
CA GLY B 189 22.87 -23.60 39.12
C GLY B 189 24.32 -23.13 39.03
N LYS B 190 24.55 -22.03 38.30
CA LYS B 190 25.89 -21.46 38.25
C LYS B 190 26.29 -20.88 39.60
N ALA B 191 25.34 -20.27 40.31
CA ALA B 191 25.64 -19.73 41.64
C ALA B 191 26.00 -20.85 42.62
N SER B 192 25.30 -21.98 42.53
CA SER B 192 25.62 -23.12 43.39
C SER B 192 27.00 -23.67 43.08
N SER B 193 27.38 -23.70 41.80
CA SER B 193 28.70 -24.20 41.43
C SER B 193 29.80 -23.26 41.90
N ALA B 194 29.62 -21.95 41.69
CA ALA B 194 30.61 -20.99 42.14
C ALA B 194 30.68 -20.92 43.66
N LYS B 195 29.56 -21.15 44.35
CA LYS B 195 29.58 -21.12 45.80
C LYS B 195 30.27 -22.34 46.38
N GLN B 196 30.15 -23.49 45.73
CA GLN B 196 30.93 -24.66 46.15
C GLN B 196 32.42 -24.42 45.92
N ARG B 197 32.78 -23.73 44.84
CA ARG B 197 34.18 -23.45 44.56
C ARG B 197 34.76 -22.45 45.55
N LEU B 198 33.98 -21.41 45.89
CA LEU B 198 34.49 -20.38 46.78
C LEU B 198 34.72 -20.89 48.19
N LYS B 199 33.89 -21.84 48.64
CA LYS B 199 34.07 -22.37 49.99
C LYS B 199 35.36 -23.16 50.12
N CYS B 200 35.75 -23.88 49.07
CA CYS B 200 37.02 -24.60 49.13
C CYS B 200 38.20 -23.63 48.98
N ALA B 201 38.07 -22.62 48.12
CA ALA B 201 39.17 -21.68 47.92
C ALA B 201 39.44 -20.89 49.18
N SER B 202 38.39 -20.44 49.87
CA SER B 202 38.58 -19.71 51.12
C SER B 202 39.09 -20.61 52.24
N LEU B 203 38.78 -21.91 52.17
CA LEU B 203 39.24 -22.83 53.21
C LEU B 203 40.74 -23.03 53.16
N GLN B 204 41.34 -23.01 51.97
CA GLN B 204 42.76 -23.29 51.83
C GLN B 204 43.61 -22.01 51.78
N LYS B 205 43.05 -20.88 51.36
CA LYS B 205 43.83 -19.66 51.29
C LYS B 205 43.85 -18.91 52.62
N PHE B 206 42.67 -18.73 53.23
CA PHE B 206 42.54 -17.92 54.44
C PHE B 206 42.63 -18.73 55.71
N GLY B 207 42.85 -20.05 55.62
CA GLY B 207 43.06 -20.87 56.80
C GLY B 207 41.78 -21.44 57.37
N GLU B 208 41.96 -22.31 58.36
CA GLU B 208 40.85 -23.00 59.00
C GLU B 208 40.20 -22.16 60.11
N ARG B 209 40.94 -21.21 60.68
CA ARG B 209 40.35 -20.35 61.71
C ARG B 209 39.28 -19.43 61.13
N ALA B 210 39.53 -18.87 59.95
CA ALA B 210 38.54 -17.99 59.32
C ALA B 210 37.32 -18.77 58.86
N PHE B 211 37.51 -20.02 58.45
CA PHE B 211 36.37 -20.84 58.02
C PHE B 211 35.48 -21.18 59.21
N LYS B 212 36.08 -21.56 60.34
CA LYS B 212 35.28 -21.83 61.54
C LYS B 212 34.58 -20.57 62.02
N ALA B 213 35.24 -19.41 61.91
CA ALA B 213 34.62 -18.16 62.31
C ALA B 213 33.41 -17.85 61.45
N TRP B 214 33.47 -18.20 60.16
CA TRP B 214 32.32 -18.00 59.27
C TRP B 214 31.16 -18.89 59.68
N ALA B 215 31.45 -20.17 59.98
CA ALA B 215 30.39 -21.10 60.31
C ALA B 215 29.75 -20.78 61.66
N VAL B 216 30.53 -20.24 62.61
CA VAL B 216 29.99 -19.90 63.92
C VAL B 216 28.90 -18.85 63.79
N ALA B 217 29.13 -17.84 62.94
CA ALA B 217 28.12 -16.80 62.75
C ALA B 217 26.91 -17.34 62.01
N ARG B 218 27.10 -18.32 61.13
CA ARG B 218 25.98 -18.88 60.36
C ARG B 218 25.13 -19.81 61.22
N LEU B 219 25.76 -20.79 61.88
CA LEU B 219 25.01 -21.77 62.64
C LEU B 219 24.34 -21.15 63.86
N SER B 220 24.91 -20.07 64.41
CA SER B 220 24.26 -19.40 65.53
C SER B 220 22.95 -18.74 65.08
N GLN B 221 22.93 -18.19 63.86
CA GLN B 221 21.69 -17.64 63.33
C GLN B 221 20.68 -18.75 63.05
N ARG B 222 21.13 -19.86 62.46
CA ARG B 222 20.24 -20.98 62.17
C ARG B 222 19.76 -21.66 63.44
N PHE B 223 20.67 -21.84 64.41
CA PHE B 223 20.39 -22.55 65.65
C PHE B 223 20.64 -21.63 66.84
N PRO B 224 19.74 -20.67 67.08
CA PRO B 224 19.95 -19.72 68.20
C PRO B 224 19.54 -20.26 69.55
N LYS B 225 18.72 -21.30 69.62
CA LYS B 225 18.34 -21.91 70.89
C LYS B 225 19.38 -22.89 71.40
N ALA B 226 20.49 -23.07 70.69
CA ALA B 226 21.53 -24.02 71.08
C ALA B 226 22.62 -23.32 71.87
N GLU B 227 23.33 -24.10 72.67
CA GLU B 227 24.43 -23.57 73.47
C GLU B 227 25.68 -23.39 72.62
N PHE B 228 26.59 -22.55 73.12
CA PHE B 228 27.85 -22.31 72.43
C PHE B 228 28.66 -23.59 72.29
N ALA B 229 28.58 -24.49 73.28
CA ALA B 229 29.31 -25.76 73.19
C ALA B 229 28.75 -26.64 72.10
N GLU B 230 27.44 -26.59 71.86
CA GLU B 230 26.84 -27.40 70.80
C GLU B 230 27.06 -26.74 69.43
N VAL B 231 26.98 -25.41 69.36
CA VAL B 231 27.23 -24.72 68.10
C VAL B 231 28.68 -24.92 67.67
N SER B 232 29.62 -24.75 68.60
CA SER B 232 31.03 -24.94 68.29
C SER B 232 31.34 -26.39 67.93
N LYS B 233 30.57 -27.33 68.49
CA LYS B 233 30.76 -28.73 68.14
C LYS B 233 30.29 -29.01 66.72
N LEU B 234 29.17 -28.40 66.31
CA LEU B 234 28.70 -28.57 64.94
C LEU B 234 29.62 -27.88 63.95
N VAL B 235 30.22 -26.75 64.33
CA VAL B 235 31.14 -26.05 63.44
C VAL B 235 32.35 -26.93 63.13
N THR B 236 32.85 -27.65 64.13
CA THR B 236 33.96 -28.56 63.89
C THR B 236 33.55 -29.71 62.98
N ASP B 237 32.39 -30.30 63.22
CA ASP B 237 31.89 -31.36 62.35
C ASP B 237 31.58 -30.83 60.95
N LEU B 238 31.05 -29.60 60.87
CA LEU B 238 30.77 -29.01 59.56
C LEU B 238 32.05 -28.74 58.79
N THR B 239 33.08 -28.21 59.47
CA THR B 239 34.37 -28.00 58.82
C THR B 239 34.99 -29.33 58.42
N LYS B 240 34.82 -30.36 59.25
CA LYS B 240 35.31 -31.70 58.91
C LYS B 240 34.65 -32.21 57.63
N VAL B 241 33.35 -31.93 57.46
CA VAL B 241 32.65 -32.39 56.27
C VAL B 241 33.10 -31.60 55.05
N HIS B 242 33.23 -30.27 55.19
CA HIS B 242 33.65 -29.44 54.07
C HIS B 242 35.05 -29.82 53.60
N THR B 243 35.96 -30.11 54.53
CA THR B 243 37.30 -30.56 54.15
C THR B 243 37.23 -31.85 53.35
N GLU B 244 36.48 -32.84 53.86
CA GLU B 244 36.36 -34.11 53.15
C GLU B 244 35.63 -33.95 51.83
N CYS B 245 34.65 -33.05 51.77
CA CYS B 245 33.86 -32.89 50.55
C CYS B 245 34.63 -32.12 49.48
N CYS B 246 35.37 -31.08 49.88
CA CYS B 246 36.22 -30.35 48.96
C CYS B 246 37.33 -31.22 48.37
N HIS B 247 37.69 -32.30 49.05
CA HIS B 247 38.79 -33.13 48.59
C HIS B 247 38.50 -33.69 47.20
N GLY B 248 37.26 -34.08 46.95
CA GLY B 248 36.82 -34.53 45.63
C GLY B 248 36.15 -35.87 45.61
N ASP B 249 36.33 -36.69 46.65
CA ASP B 249 35.68 -37.99 46.71
C ASP B 249 34.19 -37.82 46.97
N LEU B 250 33.37 -38.37 46.08
CA LEU B 250 31.92 -38.28 46.25
C LEU B 250 31.42 -39.21 47.35
N LEU B 251 31.93 -40.44 47.40
CA LEU B 251 31.45 -41.41 48.38
C LEU B 251 31.83 -41.00 49.79
N GLU B 252 33.08 -40.56 49.99
CA GLU B 252 33.50 -40.08 51.31
C GLU B 252 32.73 -38.83 51.71
N CYS B 253 32.38 -37.98 50.74
CA CYS B 253 31.62 -36.77 51.06
C CYS B 253 30.18 -37.09 51.40
N ALA B 254 29.60 -38.11 50.75
CA ALA B 254 28.20 -38.44 51.01
C ALA B 254 28.01 -39.06 52.38
N ASP B 255 29.00 -39.80 52.88
CA ASP B 255 28.87 -40.45 54.18
C ASP B 255 29.11 -39.46 55.32
N ASP B 256 30.08 -38.57 55.17
CA ASP B 256 30.32 -37.56 56.21
C ASP B 256 29.14 -36.60 56.31
N ARG B 257 28.49 -36.29 55.20
CA ARG B 257 27.25 -35.51 55.27
C ARG B 257 26.13 -36.30 55.94
N ALA B 258 26.15 -37.62 55.81
CA ALA B 258 25.13 -38.45 56.43
C ALA B 258 25.35 -38.59 57.94
N ASP B 259 26.60 -38.68 58.37
CA ASP B 259 26.89 -38.77 59.80
C ASP B 259 26.53 -37.48 60.51
N LEU B 260 26.84 -36.33 59.90
CA LEU B 260 26.48 -35.05 60.50
C LEU B 260 24.97 -34.90 60.57
N ALA B 261 24.27 -35.30 59.51
CA ALA B 261 22.80 -35.27 59.56
C ALA B 261 22.26 -36.25 60.57
N LYS B 262 22.95 -37.38 60.76
CA LYS B 262 22.51 -38.36 61.76
C LYS B 262 22.67 -37.80 63.17
N TYR B 263 23.75 -37.07 63.43
CA TYR B 263 23.94 -36.49 64.75
C TYR B 263 22.97 -35.35 65.02
N ILE B 264 22.74 -34.49 64.02
CA ILE B 264 21.82 -33.37 64.19
C ILE B 264 20.40 -33.87 64.45
N CYS B 265 20.02 -34.95 63.77
CA CYS B 265 18.66 -35.48 63.95
C CYS B 265 18.50 -36.21 65.28
N GLU B 266 19.57 -36.85 65.78
CA GLU B 266 19.50 -37.52 67.07
C GLU B 266 19.48 -36.55 68.24
N ASN B 267 19.81 -35.28 68.01
CA ASN B 267 19.88 -34.28 69.08
C ASN B 267 19.16 -33.00 68.66
N GLN B 268 17.87 -33.15 68.31
CA GLN B 268 17.10 -31.98 67.88
C GLN B 268 16.81 -31.05 69.04
N ASP B 269 16.43 -31.61 70.20
CA ASP B 269 16.10 -30.79 71.36
C ASP B 269 17.27 -29.96 71.86
N SER B 270 18.49 -30.25 71.42
CA SER B 270 19.67 -29.48 71.80
C SER B 270 20.18 -28.61 70.65
N ILE B 271 19.43 -28.50 69.56
CA ILE B 271 19.87 -27.74 68.39
C ILE B 271 18.76 -26.83 67.90
N SER B 272 17.69 -27.42 67.35
CA SER B 272 16.61 -26.64 66.77
C SER B 272 15.36 -27.50 66.67
N SER B 273 14.23 -26.83 66.47
CA SER B 273 12.94 -27.48 66.30
C SER B 273 12.46 -27.47 64.85
N LYS B 274 13.19 -26.81 63.95
CA LYS B 274 12.83 -26.74 62.54
C LYS B 274 13.32 -27.96 61.74
N LEU B 275 13.80 -28.99 62.42
CA LEU B 275 14.40 -30.14 61.77
C LEU B 275 13.48 -31.37 61.77
N LYS B 276 12.22 -31.21 62.17
CA LYS B 276 11.32 -32.35 62.24
C LYS B 276 11.06 -32.92 60.85
N GLU B 277 10.71 -32.05 59.89
CA GLU B 277 10.45 -32.52 58.53
C GLU B 277 11.72 -32.96 57.83
N CYS B 278 12.86 -32.33 58.15
CA CYS B 278 14.11 -32.70 57.49
C CYS B 278 14.58 -34.09 57.90
N CYS B 279 14.29 -34.51 59.12
CA CYS B 279 14.78 -35.78 59.65
C CYS B 279 13.88 -36.95 59.28
N GLU B 280 12.88 -36.69 58.47
CA GLU B 280 12.00 -37.75 58.05
C GLU B 280 12.44 -38.26 56.71
N LYS B 281 13.10 -37.40 55.95
CA LYS B 281 13.56 -37.71 54.60
C LYS B 281 14.49 -38.86 54.48
N PRO B 282 14.84 -39.23 53.27
CA PRO B 282 15.76 -40.33 53.00
C PRO B 282 17.17 -39.84 52.92
N LEU B 283 18.08 -40.76 52.67
CA LEU B 283 19.51 -40.50 52.72
C LEU B 283 20.12 -39.30 52.04
N LEU B 284 19.77 -39.01 50.80
CA LEU B 284 20.32 -37.80 50.25
C LEU B 284 19.57 -36.60 50.57
N GLU B 285 18.28 -36.70 50.67
CA GLU B 285 17.50 -35.51 51.01
C GLU B 285 17.72 -35.06 52.45
N LYS B 286 18.26 -35.93 53.30
CA LYS B 286 18.41 -35.61 54.71
C LYS B 286 19.36 -34.43 54.91
N SER B 287 20.60 -34.57 54.42
CA SER B 287 21.59 -33.50 54.60
C SER B 287 21.24 -32.26 53.78
N HIS B 288 20.64 -32.45 52.60
CA HIS B 288 20.26 -31.31 51.78
C HIS B 288 19.16 -30.48 52.44
N CYS B 289 18.19 -31.14 53.06
CA CYS B 289 17.10 -30.44 53.73
C CYS B 289 17.62 -29.66 54.93
N ILE B 290 18.51 -30.27 55.72
CA ILE B 290 19.03 -29.61 56.92
C ILE B 290 19.81 -28.34 56.55
N ALA B 291 20.59 -28.41 55.47
CA ALA B 291 21.42 -27.27 55.08
C ALA B 291 20.58 -26.08 54.62
N GLU B 292 19.33 -26.31 54.19
CA GLU B 292 18.47 -25.24 53.70
C GLU B 292 17.34 -24.95 54.68
N VAL B 293 17.55 -25.20 55.97
CA VAL B 293 16.52 -24.98 56.97
C VAL B 293 16.47 -23.50 57.33
N GLU B 294 15.28 -23.03 57.74
CA GLU B 294 15.12 -21.64 58.13
C GLU B 294 15.67 -21.43 59.54
N ASN B 295 15.83 -20.17 59.91
CA ASN B 295 16.33 -19.83 61.24
C ASN B 295 15.29 -20.19 62.29
N ASP B 296 15.72 -20.90 63.33
CA ASP B 296 14.84 -21.21 64.44
C ASP B 296 14.52 -19.94 65.22
N GLU B 297 13.46 -20.01 66.03
CA GLU B 297 13.04 -18.86 66.81
C GLU B 297 14.11 -18.46 67.81
N MET B 298 14.41 -17.17 67.85
CA MET B 298 15.37 -16.66 68.82
C MET B 298 14.79 -16.75 70.23
N PRO B 299 15.59 -17.19 71.21
CA PRO B 299 15.08 -17.27 72.58
C PRO B 299 14.60 -15.92 73.09
N ALA B 300 13.41 -15.92 73.69
CA ALA B 300 12.79 -14.67 74.12
C ALA B 300 13.54 -14.10 75.33
N ASP B 301 13.67 -12.76 75.35
CA ASP B 301 14.26 -12.03 76.46
C ASP B 301 15.70 -12.47 76.71
N LEU B 302 16.55 -12.26 75.71
CA LEU B 302 17.96 -12.53 75.92
C LEU B 302 18.65 -11.30 76.53
N PRO B 303 19.61 -11.51 77.43
CA PRO B 303 20.27 -10.37 78.07
C PRO B 303 21.18 -9.62 77.09
N SER B 304 21.55 -8.41 77.48
CA SER B 304 22.45 -7.60 76.68
C SER B 304 23.88 -8.13 76.79
N LEU B 305 24.64 -7.96 75.70
CA LEU B 305 26.02 -8.40 75.67
C LEU B 305 26.96 -7.51 76.46
N ALA B 306 26.51 -6.31 76.86
CA ALA B 306 27.38 -5.42 77.62
C ALA B 306 27.75 -6.01 78.99
N ALA B 307 26.95 -6.95 79.50
CA ALA B 307 27.24 -7.51 80.83
C ALA B 307 28.47 -8.41 80.80
N ASP B 308 28.61 -9.24 79.77
CA ASP B 308 29.69 -10.21 79.71
C ASP B 308 30.89 -9.73 78.89
N PHE B 309 30.82 -8.55 78.27
CA PHE B 309 31.87 -8.15 77.35
C PHE B 309 32.37 -6.73 77.60
N VAL B 310 31.52 -5.86 78.13
CA VAL B 310 31.87 -4.48 78.42
C VAL B 310 31.98 -4.22 79.92
N GLU B 311 30.99 -4.67 80.68
CA GLU B 311 30.92 -4.35 82.10
C GLU B 311 31.71 -5.31 82.97
N SER B 312 31.95 -6.54 82.50
CA SER B 312 32.64 -7.53 83.31
C SER B 312 34.07 -7.09 83.59
N LYS B 313 34.60 -7.55 84.72
CA LYS B 313 35.98 -7.23 85.11
C LYS B 313 36.99 -8.24 84.59
N ASP B 314 36.54 -9.44 84.23
CA ASP B 314 37.41 -10.47 83.66
C ASP B 314 37.45 -10.42 82.13
N VAL B 315 37.21 -9.25 81.54
CA VAL B 315 37.21 -9.15 80.07
C VAL B 315 38.61 -9.41 79.53
N CYS B 316 39.62 -8.77 80.10
CA CYS B 316 40.99 -9.00 79.64
C CYS B 316 41.51 -10.36 80.10
N LYS B 317 40.97 -10.89 81.20
CA LYS B 317 41.39 -12.21 81.66
C LYS B 317 40.92 -13.29 80.71
N ASN B 318 39.63 -13.29 80.37
CA ASN B 318 39.09 -14.27 79.43
C ASN B 318 39.64 -14.07 78.02
N TYR B 319 40.11 -12.86 77.70
CA TYR B 319 40.62 -12.61 76.35
C TYR B 319 42.07 -13.07 76.21
N ALA B 320 42.88 -12.88 77.25
CA ALA B 320 44.28 -13.28 77.18
C ALA B 320 44.47 -14.78 77.38
N GLU B 321 43.53 -15.43 78.07
CA GLU B 321 43.63 -16.87 78.32
C GLU B 321 42.95 -17.70 77.24
N ALA B 322 41.83 -17.22 76.69
CA ALA B 322 41.07 -17.96 75.67
C ALA B 322 40.59 -16.96 74.62
N LYS B 323 41.52 -16.53 73.76
CA LYS B 323 41.20 -15.54 72.74
C LYS B 323 40.13 -16.06 71.78
N ASP B 324 40.45 -17.14 71.06
CA ASP B 324 39.52 -17.66 70.07
C ASP B 324 38.23 -18.18 70.71
N VAL B 325 38.30 -18.59 71.98
CA VAL B 325 37.08 -19.05 72.65
C VAL B 325 36.22 -17.88 73.09
N PHE B 326 36.85 -16.84 73.63
CA PHE B 326 36.09 -15.66 74.05
C PHE B 326 35.53 -14.90 72.86
N LEU B 327 36.34 -14.76 71.79
CA LEU B 327 35.84 -14.13 70.58
C LEU B 327 34.79 -15.00 69.90
N GLY B 328 34.92 -16.32 70.01
CA GLY B 328 33.90 -17.20 69.46
C GLY B 328 32.58 -17.07 70.18
N MET B 329 32.63 -16.93 71.51
CA MET B 329 31.40 -16.70 72.28
C MET B 329 30.78 -15.36 71.93
N PHE B 330 31.61 -14.34 71.72
CA PHE B 330 31.10 -13.04 71.30
C PHE B 330 30.38 -13.14 69.97
N LEU B 331 30.97 -13.84 69.01
CA LEU B 331 30.33 -14.03 67.71
C LEU B 331 29.09 -14.90 67.84
N TYR B 332 29.12 -15.89 68.73
CA TYR B 332 27.97 -16.75 68.94
C TYR B 332 26.80 -15.98 69.53
N GLU B 333 27.06 -15.20 70.59
CA GLU B 333 26.00 -14.43 71.22
C GLU B 333 25.48 -13.33 70.31
N TYR B 334 26.35 -12.77 69.46
CA TYR B 334 25.94 -11.67 68.59
C TYR B 334 25.16 -12.17 67.38
N ALA B 335 25.57 -13.32 66.82
CA ALA B 335 24.93 -13.81 65.61
C ALA B 335 23.52 -14.32 65.89
N ARG B 336 23.34 -15.05 66.99
CA ARG B 336 22.03 -15.63 67.28
C ARG B 336 21.00 -14.57 67.66
N ARG B 337 21.45 -13.37 68.03
CA ARG B 337 20.53 -12.27 68.32
C ARG B 337 20.20 -11.43 67.09
N HIS B 338 20.99 -11.53 66.04
CA HIS B 338 20.79 -10.75 64.81
C HIS B 338 20.77 -11.69 63.61
N PRO B 339 19.67 -12.41 63.38
CA PRO B 339 19.54 -13.19 62.15
C PRO B 339 19.41 -12.33 60.91
N ASP B 340 19.18 -11.03 61.06
CA ASP B 340 19.03 -10.12 59.93
C ASP B 340 20.35 -9.61 59.38
N TYR B 341 21.42 -9.68 60.15
CA TYR B 341 22.72 -9.24 59.66
C TYR B 341 23.32 -10.29 58.73
N SER B 342 24.25 -9.84 57.90
CA SER B 342 25.01 -10.76 57.07
C SER B 342 26.16 -11.37 57.87
N VAL B 343 26.62 -12.54 57.43
CA VAL B 343 27.73 -13.20 58.11
C VAL B 343 28.98 -12.34 58.10
N VAL B 344 29.25 -11.68 56.96
CA VAL B 344 30.42 -10.80 56.88
C VAL B 344 30.29 -9.65 57.87
N LEU B 345 29.09 -9.09 58.02
CA LEU B 345 28.89 -7.97 58.93
C LEU B 345 29.20 -8.37 60.37
N LEU B 346 28.68 -9.53 60.80
CA LEU B 346 29.00 -10.01 62.13
C LEU B 346 30.50 -10.25 62.32
N LEU B 347 31.19 -10.59 61.24
CA LEU B 347 32.64 -10.74 61.31
C LEU B 347 33.34 -9.39 61.41
N ARG B 348 32.76 -8.35 60.81
CA ARG B 348 33.32 -7.00 60.99
C ARG B 348 33.25 -6.59 62.45
N LEU B 349 32.13 -6.89 63.12
CA LEU B 349 31.98 -6.53 64.51
C LEU B 349 32.92 -7.33 65.41
N ALA B 350 33.05 -8.63 65.14
CA ALA B 350 33.97 -9.47 65.91
C ALA B 350 35.40 -9.02 65.72
N LYS B 351 35.76 -8.54 64.52
CA LYS B 351 37.10 -8.01 64.30
C LYS B 351 37.30 -6.70 65.03
N THR B 352 36.28 -5.85 65.06
CA THR B 352 36.38 -4.58 65.78
C THR B 352 36.49 -4.82 67.28
N TYR B 353 35.72 -5.77 67.81
CA TYR B 353 35.83 -6.11 69.23
C TYR B 353 37.19 -6.71 69.56
N GLU B 354 37.77 -7.46 68.64
CA GLU B 354 39.11 -8.02 68.86
C GLU B 354 40.17 -6.94 68.77
N THR B 355 40.04 -6.02 67.81
CA THR B 355 41.02 -4.96 67.66
C THR B 355 41.00 -4.00 68.85
N THR B 356 39.82 -3.75 69.41
CA THR B 356 39.72 -2.86 70.56
C THR B 356 40.38 -3.46 71.79
N LEU B 357 40.18 -4.76 72.03
CA LEU B 357 40.75 -5.40 73.21
C LEU B 357 42.27 -5.50 73.13
N GLU B 358 42.82 -5.65 71.93
CA GLU B 358 44.28 -5.64 71.79
C GLU B 358 44.87 -4.30 72.21
N LYS B 359 44.14 -3.20 71.96
CA LYS B 359 44.64 -1.90 72.37
C LYS B 359 44.24 -1.57 73.80
N CYS B 360 43.00 -1.93 74.19
CA CYS B 360 42.50 -1.53 75.49
C CYS B 360 43.16 -2.32 76.63
N CYS B 361 43.21 -3.64 76.50
CA CYS B 361 43.78 -4.47 77.55
C CYS B 361 45.27 -4.23 77.75
N ALA B 362 45.94 -3.57 76.82
CA ALA B 362 47.33 -3.17 76.99
C ALA B 362 47.48 -1.76 77.55
N ALA B 363 46.38 -1.02 77.67
CA ALA B 363 46.43 0.32 78.22
C ALA B 363 46.41 0.29 79.75
N ALA B 364 46.62 1.45 80.35
CA ALA B 364 46.67 1.53 81.81
C ALA B 364 45.33 1.21 82.43
N ASP B 365 44.24 1.71 81.84
CA ASP B 365 42.88 1.43 82.32
C ASP B 365 42.11 0.74 81.21
N PRO B 366 41.91 -0.58 81.28
CA PRO B 366 41.18 -1.28 80.23
C PRO B 366 39.69 -0.94 80.22
N HIS B 367 39.06 -0.99 81.39
CA HIS B 367 37.60 -0.86 81.47
C HIS B 367 37.13 0.46 80.88
N GLU B 368 37.79 1.56 81.23
CA GLU B 368 37.41 2.86 80.68
C GLU B 368 37.78 3.02 79.21
N CYS B 369 38.54 2.08 78.65
CA CYS B 369 39.01 2.18 77.28
C CYS B 369 38.07 1.46 76.29
N TYR B 370 37.57 0.28 76.65
CA TYR B 370 36.63 -0.45 75.81
C TYR B 370 35.19 -0.25 76.25
N ALA B 371 34.90 0.82 76.99
CA ALA B 371 33.54 1.04 77.47
C ALA B 371 32.58 1.37 76.33
N LYS B 372 33.06 1.99 75.26
CA LYS B 372 32.18 2.34 74.15
C LYS B 372 32.30 1.40 72.95
N VAL B 373 32.98 0.29 73.13
CA VAL B 373 33.26 -0.62 72.01
C VAL B 373 32.00 -0.92 71.21
N PHE B 374 30.82 -0.83 71.82
CA PHE B 374 29.57 -1.02 71.08
C PHE B 374 29.13 0.22 70.33
N ASP B 375 29.69 1.39 70.63
CA ASP B 375 29.44 2.57 69.82
C ASP B 375 30.16 2.50 68.48
N GLU B 376 31.25 1.73 68.40
CA GLU B 376 31.95 1.57 67.14
C GLU B 376 31.20 0.67 66.16
N PHE B 377 30.30 -0.17 66.67
CA PHE B 377 29.55 -1.08 65.80
C PHE B 377 28.44 -0.38 65.03
N LYS B 378 27.99 0.79 65.50
CA LYS B 378 26.84 1.45 64.87
C LYS B 378 27.09 1.83 63.42
N PRO B 379 28.18 2.53 63.05
CA PRO B 379 28.36 2.87 61.63
C PRO B 379 28.59 1.64 60.76
N LEU B 380 29.17 0.58 61.30
CA LEU B 380 29.37 -0.65 60.53
C LEU B 380 28.05 -1.35 60.22
N VAL B 381 27.01 -1.13 61.02
CA VAL B 381 25.73 -1.78 60.80
C VAL B 381 24.87 -0.98 59.82
N GLU B 382 24.80 0.34 59.99
CA GLU B 382 23.95 1.16 59.14
C GLU B 382 24.50 1.35 57.74
N GLU B 383 25.78 1.04 57.51
CA GLU B 383 26.33 1.19 56.16
C GLU B 383 25.71 0.19 55.19
N PRO B 384 25.69 -1.12 55.46
CA PRO B 384 24.97 -2.01 54.54
C PRO B 384 23.46 -1.90 54.66
N GLN B 385 22.94 -1.47 55.81
CA GLN B 385 21.49 -1.32 55.95
C GLN B 385 20.98 -0.18 55.08
N ASN B 386 21.64 0.98 55.12
CA ASN B 386 21.23 2.09 54.26
C ASN B 386 21.51 1.80 52.80
N LEU B 387 22.59 1.06 52.51
CA LEU B 387 22.92 0.75 51.13
C LEU B 387 21.87 -0.16 50.50
N ILE B 388 21.44 -1.20 51.23
CA ILE B 388 20.42 -2.10 50.71
C ILE B 388 19.09 -1.37 50.58
N LYS B 389 18.75 -0.52 51.56
CA LYS B 389 17.47 0.17 51.53
C LYS B 389 17.39 1.14 50.36
N GLN B 390 18.47 1.90 50.11
CA GLN B 390 18.46 2.84 49.00
C GLN B 390 18.46 2.12 47.66
N ASN B 391 19.20 1.01 47.55
CA ASN B 391 19.29 0.30 46.29
C ASN B 391 18.01 -0.46 45.96
N CYS B 392 17.34 -1.01 46.98
CA CYS B 392 16.05 -1.66 46.74
C CYS B 392 15.00 -0.62 46.36
N GLU B 393 15.03 0.56 46.98
CA GLU B 393 14.11 1.63 46.59
C GLU B 393 14.35 2.06 45.14
N LEU B 394 15.61 2.03 44.69
CA LEU B 394 15.89 2.37 43.30
C LEU B 394 15.48 1.26 42.36
N PHE B 395 15.54 0.00 42.82
CA PHE B 395 15.13 -1.12 41.97
C PHE B 395 13.64 -1.10 41.70
N GLU B 396 12.84 -0.73 42.69
CA GLU B 396 11.38 -0.72 42.52
C GLU B 396 10.96 0.34 41.51
N GLN B 397 11.70 1.45 41.42
CA GLN B 397 11.30 2.55 40.56
C GLN B 397 11.73 2.34 39.11
N LEU B 398 12.85 1.66 38.88
CA LEU B 398 13.40 1.54 37.54
C LEU B 398 13.17 0.17 36.90
N GLY B 399 12.92 -0.86 37.69
CA GLY B 399 12.85 -2.21 37.16
C GLY B 399 14.23 -2.82 36.97
N GLU B 400 14.24 -4.14 36.78
CA GLU B 400 15.51 -4.87 36.77
C GLU B 400 16.44 -4.36 35.68
N TYR B 401 15.91 -4.07 34.49
CA TYR B 401 16.77 -3.65 33.39
C TYR B 401 17.38 -2.28 33.65
N LYS B 402 16.54 -1.27 33.89
CA LYS B 402 17.06 0.06 34.15
C LYS B 402 17.84 0.15 35.45
N PHE B 403 17.62 -0.78 36.37
CA PHE B 403 18.45 -0.82 37.58
C PHE B 403 19.86 -1.28 37.26
N GLN B 404 20.00 -2.25 36.35
CA GLN B 404 21.33 -2.65 35.91
C GLN B 404 22.05 -1.50 35.22
N ASN B 405 21.31 -0.68 34.47
CA ASN B 405 21.91 0.48 33.83
C ASN B 405 22.36 1.52 34.85
N ALA B 406 21.61 1.66 35.95
CA ALA B 406 22.01 2.58 37.01
C ALA B 406 23.31 2.13 37.65
N LEU B 407 23.41 0.83 37.97
CA LEU B 407 24.67 0.31 38.49
C LEU B 407 25.77 0.37 37.43
N LEU B 408 25.41 0.14 36.16
CA LEU B 408 26.39 0.20 35.09
C LEU B 408 27.07 1.56 35.04
N VAL B 409 26.27 2.64 35.06
CA VAL B 409 26.83 3.98 35.06
C VAL B 409 27.60 4.24 36.35
N ARG B 410 27.13 3.69 37.47
CA ARG B 410 27.75 3.95 38.76
C ARG B 410 29.13 3.32 38.85
N TYR B 411 29.25 2.03 38.50
CA TYR B 411 30.52 1.34 38.65
C TYR B 411 31.51 1.69 37.56
N THR B 412 31.04 2.01 36.35
CA THR B 412 31.95 2.43 35.30
C THR B 412 32.61 3.76 35.64
N LYS B 413 31.91 4.65 36.34
CA LYS B 413 32.53 5.89 36.80
C LYS B 413 33.51 5.61 37.94
N LYS B 414 33.16 4.67 38.82
CA LYS B 414 34.05 4.31 39.92
C LYS B 414 35.42 3.87 39.40
N VAL B 415 35.44 2.86 38.55
CA VAL B 415 36.68 2.38 37.96
C VAL B 415 36.50 2.29 36.44
N PRO B 416 36.83 3.35 35.70
CA PRO B 416 36.68 3.28 34.23
C PRO B 416 37.72 2.41 33.54
N GLN B 417 38.74 1.93 34.26
CA GLN B 417 39.83 1.18 33.63
C GLN B 417 39.45 -0.26 33.34
N VAL B 418 38.44 -0.81 34.01
CA VAL B 418 38.13 -2.23 33.88
C VAL B 418 37.64 -2.53 32.47
N SER B 419 37.82 -3.79 32.06
CA SER B 419 37.36 -4.21 30.74
C SER B 419 35.85 -4.05 30.64
N THR B 420 35.39 -3.62 29.46
CA THR B 420 33.97 -3.34 29.28
C THR B 420 33.07 -4.54 29.55
N PRO B 421 33.36 -5.76 29.08
CA PRO B 421 32.48 -6.89 29.44
C PRO B 421 32.45 -7.19 30.93
N THR B 422 33.54 -6.92 31.66
CA THR B 422 33.55 -7.14 33.10
C THR B 422 32.52 -6.26 33.79
N LEU B 423 32.46 -4.99 33.41
CA LEU B 423 31.54 -4.05 34.05
C LEU B 423 30.09 -4.42 33.75
N VAL B 424 29.82 -4.89 32.53
CA VAL B 424 28.46 -5.28 32.17
C VAL B 424 28.06 -6.56 32.91
N GLU B 425 28.95 -7.55 32.92
CA GLU B 425 28.63 -8.81 33.60
C GLU B 425 28.40 -8.60 35.09
N VAL B 426 29.20 -7.73 35.72
CA VAL B 426 29.01 -7.45 37.14
C VAL B 426 27.69 -6.74 37.38
N SER B 427 27.40 -5.71 36.57
CA SER B 427 26.19 -4.92 36.80
C SER B 427 24.93 -5.74 36.55
N ARG B 428 24.95 -6.60 35.53
CA ARG B 428 23.78 -7.43 35.27
C ARG B 428 23.56 -8.48 36.35
N ASN B 429 24.65 -9.01 36.92
CA ASN B 429 24.52 -9.97 38.01
C ASN B 429 24.07 -9.29 39.30
N LEU B 430 24.60 -8.08 39.57
CA LEU B 430 24.14 -7.33 40.73
C LEU B 430 22.67 -6.96 40.60
N GLY B 431 22.22 -6.68 39.38
CA GLY B 431 20.80 -6.40 39.16
C GLY B 431 19.92 -7.60 39.45
N LYS B 432 20.41 -8.79 39.13
CA LYS B 432 19.67 -10.00 39.46
C LYS B 432 19.58 -10.21 40.97
N VAL B 433 20.61 -9.80 41.71
CA VAL B 433 20.57 -9.88 43.16
C VAL B 433 19.46 -8.99 43.71
N GLY B 434 19.36 -7.76 43.21
CA GLY B 434 18.28 -6.89 43.62
C GLY B 434 16.92 -7.43 43.23
N SER B 435 16.83 -8.07 42.06
CA SER B 435 15.58 -8.69 41.65
C SER B 435 15.23 -9.90 42.50
N LYS B 436 16.22 -10.54 43.12
CA LYS B 436 15.98 -11.73 43.91
C LYS B 436 15.76 -11.42 45.39
N CYS B 437 16.48 -10.45 45.94
CA CYS B 437 16.48 -10.22 47.38
C CYS B 437 15.60 -9.07 47.83
N CYS B 438 15.35 -8.08 46.98
CA CYS B 438 14.50 -6.96 47.40
C CYS B 438 13.04 -7.37 47.58
N LYS B 439 12.65 -8.56 47.14
CA LYS B 439 11.30 -9.06 47.37
C LYS B 439 11.10 -9.56 48.79
N HIS B 440 12.16 -9.70 49.57
CA HIS B 440 12.09 -10.11 50.96
C HIS B 440 12.01 -8.90 51.87
N PRO B 441 11.52 -9.08 53.10
CA PRO B 441 11.64 -8.00 54.10
C PRO B 441 13.11 -7.73 54.41
N GLU B 442 13.36 -6.59 55.05
CA GLU B 442 14.73 -6.20 55.34
C GLU B 442 15.43 -7.20 56.25
N ALA B 443 14.65 -7.95 57.05
CA ALA B 443 15.25 -8.93 57.95
C ALA B 443 15.94 -10.05 57.19
N LYS B 444 15.50 -10.35 55.97
CA LYS B 444 16.10 -11.40 55.17
C LYS B 444 16.80 -10.87 53.92
N ARG B 445 16.85 -9.55 53.73
CA ARG B 445 17.50 -9.00 52.55
C ARG B 445 19.01 -9.18 52.63
N MET B 446 19.62 -8.77 53.73
CA MET B 446 21.07 -8.81 53.84
C MET B 446 21.64 -10.23 53.79
N PRO B 447 21.06 -11.23 54.47
CA PRO B 447 21.57 -12.60 54.25
C PRO B 447 21.29 -13.12 52.85
N CYS B 448 20.22 -12.67 52.20
CA CYS B 448 19.92 -13.11 50.85
C CYS B 448 20.94 -12.58 49.85
N ALA B 449 21.29 -11.30 49.96
CA ALA B 449 22.22 -10.70 49.01
C ALA B 449 23.65 -11.18 49.25
N GLU B 450 24.03 -11.38 50.52
CA GLU B 450 25.41 -11.71 50.85
C GLU B 450 25.87 -12.98 50.14
N ASP B 451 25.00 -13.99 50.09
CA ASP B 451 25.38 -15.26 49.48
C ASP B 451 25.69 -15.09 48.00
N TYR B 452 24.84 -14.33 47.28
CA TYR B 452 25.09 -14.08 45.87
C TYR B 452 26.17 -13.02 45.66
N LEU B 453 26.26 -12.04 46.56
CA LEU B 453 27.19 -10.93 46.36
C LEU B 453 28.63 -11.36 46.60
N SER B 454 28.85 -12.38 47.43
CA SER B 454 30.22 -12.82 47.72
C SER B 454 30.87 -13.43 46.49
N VAL B 455 30.13 -14.26 45.74
CA VAL B 455 30.71 -14.88 44.56
C VAL B 455 30.80 -13.88 43.40
N VAL B 456 29.83 -12.96 43.30
CA VAL B 456 29.83 -12.02 42.18
C VAL B 456 31.06 -11.11 42.24
N LEU B 457 31.36 -10.56 43.41
CA LEU B 457 32.56 -9.75 43.55
C LEU B 457 33.82 -10.58 43.36
N ASN B 458 33.77 -11.88 43.68
CA ASN B 458 34.92 -12.74 43.42
C ASN B 458 35.09 -13.02 41.94
N GLN B 459 34.01 -12.97 41.16
CA GLN B 459 34.14 -13.06 39.71
C GLN B 459 34.92 -11.87 39.17
N LEU B 460 34.56 -10.66 39.59
CA LEU B 460 35.26 -9.46 39.16
C LEU B 460 36.73 -9.50 39.54
N CYS B 461 37.04 -10.09 40.70
CA CYS B 461 38.43 -10.09 41.18
C CYS B 461 39.29 -11.04 40.36
N VAL B 462 38.80 -12.24 40.06
CA VAL B 462 39.61 -13.19 39.30
C VAL B 462 39.66 -12.80 37.83
N LEU B 463 38.59 -12.20 37.30
CA LEU B 463 38.62 -11.75 35.90
C LEU B 463 39.58 -10.58 35.73
N HIS B 464 39.66 -9.70 36.73
CA HIS B 464 40.59 -8.58 36.68
C HIS B 464 42.02 -9.00 36.98
N GLU B 465 42.22 -10.11 37.70
CA GLU B 465 43.56 -10.57 38.04
C GLU B 465 44.34 -10.97 36.78
N LYS B 466 43.65 -11.57 35.81
CA LYS B 466 44.34 -12.02 34.59
C LYS B 466 45.06 -10.87 33.91
N THR B 467 44.36 -9.77 33.64
CA THR B 467 44.95 -8.57 33.06
C THR B 467 44.75 -7.43 34.06
N PRO B 468 45.66 -7.25 35.01
CA PRO B 468 45.50 -6.18 36.01
C PRO B 468 45.56 -4.80 35.39
N VAL B 469 44.39 -4.19 35.18
CA VAL B 469 44.32 -2.89 34.52
C VAL B 469 44.09 -1.75 35.52
N SER B 470 43.55 -2.03 36.70
CA SER B 470 43.30 -1.01 37.71
C SER B 470 43.84 -1.50 39.05
N ASP B 471 44.78 -0.74 39.62
CA ASP B 471 45.35 -1.12 40.91
C ASP B 471 44.34 -0.97 42.04
N ARG B 472 43.35 -0.09 41.88
CA ARG B 472 42.34 0.08 42.92
C ARG B 472 41.44 -1.14 43.02
N VAL B 473 41.13 -1.78 41.88
CA VAL B 473 40.44 -3.05 41.92
C VAL B 473 41.33 -4.11 42.55
N THR B 474 42.62 -4.10 42.21
CA THR B 474 43.57 -4.98 42.89
C THR B 474 43.65 -4.65 44.37
N LYS B 475 43.57 -3.36 44.71
CA LYS B 475 43.58 -2.95 46.12
C LYS B 475 42.39 -3.54 46.87
N CYS B 476 41.18 -3.34 46.35
CA CYS B 476 39.99 -3.85 47.03
C CYS B 476 39.94 -5.38 47.00
N CYS B 477 40.45 -6.00 45.93
CA CYS B 477 40.40 -7.46 45.85
C CYS B 477 41.41 -8.10 46.80
N THR B 478 42.58 -7.49 46.96
CA THR B 478 43.57 -8.01 47.89
C THR B 478 43.30 -7.55 49.32
N GLU B 479 42.05 -7.68 49.74
CA GLU B 479 41.64 -7.40 51.11
C GLU B 479 40.96 -8.65 51.67
N SER B 480 40.60 -8.59 52.95
CA SER B 480 39.82 -9.67 53.53
C SER B 480 38.45 -9.75 52.86
N LEU B 481 37.88 -10.95 52.83
CA LEU B 481 36.51 -11.11 52.35
C LEU B 481 35.53 -10.29 53.15
N VAL B 482 35.92 -9.88 54.36
CA VAL B 482 35.12 -9.00 55.20
C VAL B 482 35.16 -7.56 54.69
N ASN B 483 36.33 -7.09 54.27
CA ASN B 483 36.50 -5.72 53.79
C ASN B 483 36.21 -5.56 52.30
N ARG B 484 36.11 -6.66 51.55
CA ARG B 484 36.05 -6.58 50.10
C ARG B 484 34.83 -5.79 49.64
N ARG B 485 33.64 -6.19 50.07
CA ARG B 485 32.43 -5.50 49.63
C ARG B 485 32.40 -4.04 50.04
N PRO B 486 32.67 -3.67 51.30
CA PRO B 486 32.69 -2.23 51.63
C PRO B 486 33.78 -1.46 50.91
N CYS B 487 34.88 -2.13 50.55
CA CYS B 487 35.96 -1.44 49.84
C CYS B 487 35.50 -0.97 48.47
N PHE B 488 34.76 -1.81 47.74
CA PHE B 488 34.25 -1.40 46.44
C PHE B 488 33.22 -0.29 46.57
N SER B 489 32.34 -0.39 47.57
CA SER B 489 31.32 0.63 47.75
C SER B 489 31.89 1.96 48.22
N ALA B 490 33.10 1.96 48.77
CA ALA B 490 33.66 3.16 49.37
C ALA B 490 34.39 4.05 48.38
N LEU B 491 35.06 3.47 47.38
CA LEU B 491 35.80 4.27 46.42
C LEU B 491 34.85 5.11 45.57
N GLU B 492 35.32 6.31 45.21
CA GLU B 492 34.48 7.29 44.54
C GLU B 492 34.95 7.50 43.09
N VAL B 493 34.53 8.60 42.49
CA VAL B 493 34.77 8.84 41.06
C VAL B 493 36.23 9.16 40.83
N ASP B 494 36.82 8.52 39.81
CA ASP B 494 38.19 8.79 39.40
C ASP B 494 38.21 10.13 38.66
N GLU B 495 38.63 11.19 39.36
CA GLU B 495 38.72 12.51 38.72
C GLU B 495 39.86 12.56 37.73
N THR B 496 40.93 11.82 37.97
CA THR B 496 42.14 11.88 37.15
C THR B 496 42.06 11.01 35.90
N TYR B 497 40.97 10.27 35.71
CA TYR B 497 40.86 9.37 34.57
C TYR B 497 40.80 10.16 33.27
N VAL B 498 41.74 9.89 32.38
CA VAL B 498 41.73 10.52 31.05
C VAL B 498 40.57 9.93 30.25
N PRO B 499 39.69 10.74 29.68
CA PRO B 499 38.56 10.19 28.92
C PRO B 499 39.03 9.40 27.71
N LYS B 500 38.39 8.25 27.50
CA LYS B 500 38.73 7.40 26.35
C LYS B 500 38.42 8.14 25.05
N GLU B 501 39.36 8.07 24.12
CA GLU B 501 39.19 8.78 22.85
C GLU B 501 38.04 8.20 22.05
N PHE B 502 37.36 9.07 21.31
CA PHE B 502 36.18 8.67 20.55
C PHE B 502 36.54 7.65 19.48
N ASN B 503 35.73 6.60 19.38
CA ASN B 503 35.87 5.58 18.36
C ASN B 503 34.53 5.47 17.63
N ALA B 504 34.51 5.83 16.34
CA ALA B 504 33.27 5.78 15.58
C ALA B 504 32.77 4.36 15.41
N GLU B 505 33.68 3.39 15.34
CA GLU B 505 33.26 1.99 15.19
C GLU B 505 32.50 1.49 16.42
N THR B 506 32.85 1.98 17.61
CA THR B 506 32.18 1.52 18.82
C THR B 506 30.72 1.94 18.85
N PHE B 507 30.43 3.19 18.45
CA PHE B 507 29.07 3.71 18.44
C PHE B 507 28.35 3.47 17.12
N THR B 508 28.83 2.52 16.31
CA THR B 508 28.17 2.12 15.08
C THR B 508 27.39 0.84 15.32
N PHE B 509 26.16 0.79 14.79
CA PHE B 509 25.28 -0.34 15.01
C PHE B 509 24.64 -0.74 13.69
N HIS B 510 24.34 -2.03 13.56
CA HIS B 510 23.92 -2.61 12.29
C HIS B 510 22.59 -3.33 12.47
N ALA B 511 22.06 -3.85 11.36
CA ALA B 511 20.75 -4.50 11.35
C ALA B 511 20.77 -5.86 12.04
N ASP B 512 21.95 -6.37 12.40
CA ASP B 512 22.02 -7.67 13.07
C ASP B 512 21.42 -7.64 14.47
N ILE B 513 21.28 -6.45 15.06
CA ILE B 513 20.73 -6.35 16.41
C ILE B 513 19.27 -6.76 16.43
N CYS B 514 18.55 -6.57 15.32
CA CYS B 514 17.14 -6.92 15.28
C CYS B 514 16.90 -8.42 15.29
N THR B 515 17.90 -9.22 14.93
CA THR B 515 17.77 -10.67 14.95
C THR B 515 17.97 -11.27 16.34
N LEU B 516 18.48 -10.50 17.29
CA LEU B 516 18.77 -10.99 18.62
C LEU B 516 17.54 -10.90 19.51
N SER B 517 17.54 -11.71 20.57
CA SER B 517 16.51 -11.64 21.58
C SER B 517 16.76 -10.44 22.50
N GLU B 518 15.91 -10.28 23.52
CA GLU B 518 16.06 -9.16 24.44
C GLU B 518 17.37 -9.27 25.22
N LYS B 519 17.76 -10.49 25.59
CA LYS B 519 18.98 -10.67 26.37
C LYS B 519 20.21 -10.22 25.59
N GLU B 520 20.37 -10.74 24.37
CA GLU B 520 21.50 -10.34 23.55
C GLU B 520 21.44 -8.88 23.14
N ARG B 521 20.23 -8.32 23.00
CA ARG B 521 20.09 -6.94 22.57
C ARG B 521 20.36 -5.97 23.71
N GLN B 522 19.95 -6.31 24.93
CA GLN B 522 20.26 -5.47 26.07
C GLN B 522 21.77 -5.42 26.33
N ILE B 523 22.43 -6.56 26.27
CA ILE B 523 23.88 -6.61 26.45
C ILE B 523 24.58 -5.80 25.36
N LYS B 524 24.02 -5.79 24.15
CA LYS B 524 24.66 -5.06 23.06
C LYS B 524 24.63 -3.55 23.31
N LYS B 525 23.51 -3.04 23.82
CA LYS B 525 23.38 -1.61 24.11
C LYS B 525 23.93 -1.23 25.47
N GLN B 526 23.97 -2.18 26.42
CA GLN B 526 24.61 -1.89 27.70
C GLN B 526 26.12 -1.78 27.54
N THR B 527 26.70 -2.57 26.65
CA THR B 527 28.11 -2.41 26.33
C THR B 527 28.39 -1.06 25.68
N ALA B 528 27.39 -0.52 24.97
CA ALA B 528 27.52 0.83 24.43
C ALA B 528 27.37 1.89 25.51
N LEU B 529 26.59 1.60 26.56
CA LEU B 529 26.47 2.55 27.68
C LEU B 529 27.77 2.65 28.46
N VAL B 530 28.53 1.56 28.55
CA VAL B 530 29.83 1.61 29.20
C VAL B 530 30.80 2.47 28.40
N GLU B 531 30.91 2.19 27.10
CA GLU B 531 31.80 2.96 26.25
C GLU B 531 31.37 4.41 26.11
N LEU B 532 30.11 4.72 26.41
CA LEU B 532 29.66 6.11 26.40
C LEU B 532 30.18 6.85 27.63
N VAL B 533 30.08 6.22 28.81
CA VAL B 533 30.57 6.87 30.03
C VAL B 533 32.09 6.95 30.01
N LYS B 534 32.76 5.96 29.44
CA LYS B 534 34.22 6.01 29.37
C LYS B 534 34.69 7.18 28.51
N HIS B 535 33.95 7.48 27.44
CA HIS B 535 34.34 8.58 26.56
C HIS B 535 34.00 9.93 27.17
N LYS B 536 32.85 10.03 27.84
CA LYS B 536 32.39 11.27 28.48
C LYS B 536 32.11 10.97 29.95
N PRO B 537 33.15 10.94 30.79
CA PRO B 537 32.92 10.63 32.21
C PRO B 537 32.14 11.71 32.95
N LYS B 538 32.27 12.97 32.55
CA LYS B 538 31.59 14.08 33.23
C LYS B 538 30.11 14.15 32.91
N ALA B 539 29.57 13.24 32.11
CA ALA B 539 28.16 13.28 31.75
C ALA B 539 27.28 13.07 32.97
N THR B 540 26.16 13.78 33.01
CA THR B 540 25.26 13.72 34.15
C THR B 540 24.32 12.52 34.01
N LYS B 541 23.51 12.31 35.06
CA LYS B 541 22.53 11.22 35.02
C LYS B 541 21.47 11.47 33.96
N GLU B 542 21.01 12.72 33.83
CA GLU B 542 19.96 13.03 32.86
C GLU B 542 20.51 13.17 31.44
N GLN B 543 21.77 13.55 31.30
CA GLN B 543 22.39 13.56 29.97
C GLN B 543 22.50 12.15 29.41
N LEU B 544 22.84 11.18 30.26
CA LEU B 544 22.94 9.80 29.81
C LEU B 544 21.56 9.20 29.57
N LYS B 545 20.55 9.64 30.33
CA LYS B 545 19.19 9.15 30.09
C LYS B 545 18.64 9.71 28.79
N ALA B 546 18.95 10.97 28.48
CA ALA B 546 18.52 11.55 27.21
C ALA B 546 19.16 10.84 26.02
N VAL B 547 20.34 10.25 26.23
CA VAL B 547 20.99 9.49 25.16
C VAL B 547 20.43 8.09 25.09
N MET B 548 20.25 7.43 26.24
CA MET B 548 19.75 6.06 26.25
C MET B 548 18.31 5.99 25.75
N ASP B 549 17.48 6.97 26.12
CA ASP B 549 16.08 6.95 25.68
C ASP B 549 15.98 7.15 24.18
N ASP B 550 16.73 8.12 23.63
CA ASP B 550 16.78 8.28 22.18
C ASP B 550 17.45 7.08 21.52
N PHE B 551 18.31 6.37 22.26
CA PHE B 551 18.95 5.17 21.72
C PHE B 551 17.95 4.04 21.57
N ALA B 552 17.06 3.87 22.56
CA ALA B 552 16.08 2.80 22.50
C ALA B 552 15.12 2.98 21.34
N ALA B 553 14.67 4.21 21.10
CA ALA B 553 13.78 4.48 19.98
C ALA B 553 14.52 4.33 18.65
N PHE B 554 15.81 4.67 18.63
CA PHE B 554 16.59 4.52 17.41
C PHE B 554 16.71 3.05 16.99
N VAL B 555 16.92 2.16 17.96
CA VAL B 555 17.02 0.74 17.64
C VAL B 555 15.67 0.20 17.19
N GLU B 556 14.58 0.63 17.85
CA GLU B 556 13.26 0.13 17.48
C GLU B 556 12.81 0.66 16.12
N LYS B 557 13.10 1.93 15.82
CA LYS B 557 12.72 2.49 14.54
C LYS B 557 13.42 1.77 13.39
N CYS B 558 14.75 1.62 13.50
CA CYS B 558 15.51 1.01 12.42
C CYS B 558 15.26 -0.49 12.29
N CYS B 559 14.67 -1.12 13.30
CA CYS B 559 14.43 -2.56 13.22
C CYS B 559 13.14 -2.88 12.47
N LYS B 560 12.16 -1.98 12.49
CA LYS B 560 10.90 -2.19 11.79
C LYS B 560 10.83 -1.45 10.46
N ALA B 561 11.88 -0.73 10.09
CA ALA B 561 11.93 -0.07 8.80
C ALA B 561 12.20 -1.08 7.69
N ASP B 562 11.74 -0.74 6.48
CA ASP B 562 11.97 -1.60 5.33
C ASP B 562 13.46 -1.71 5.02
N ASP B 563 14.16 -0.58 4.99
CA ASP B 563 15.59 -0.53 4.71
C ASP B 563 16.32 -0.34 6.03
N LYS B 564 16.58 -1.45 6.72
CA LYS B 564 17.23 -1.35 8.03
C LYS B 564 18.69 -0.94 7.91
N GLU B 565 19.36 -1.33 6.82
CA GLU B 565 20.79 -1.05 6.68
C GLU B 565 21.04 0.46 6.62
N THR B 566 20.35 1.15 5.70
CA THR B 566 20.53 2.59 5.58
C THR B 566 20.04 3.33 6.82
N CYS B 567 19.05 2.77 7.50
CA CYS B 567 18.51 3.42 8.69
C CYS B 567 19.54 3.47 9.81
N PHE B 568 20.20 2.33 10.08
CA PHE B 568 21.21 2.31 11.12
C PHE B 568 22.41 3.19 10.78
N ALA B 569 22.72 3.34 9.49
CA ALA B 569 23.85 4.16 9.09
C ALA B 569 23.53 5.64 9.15
N GLU B 570 22.36 6.03 8.64
CA GLU B 570 22.00 7.45 8.61
C GLU B 570 21.56 7.94 9.99
N GLU B 571 20.59 7.27 10.61
CA GLU B 571 20.13 7.68 11.93
C GLU B 571 21.19 7.48 12.99
N GLY B 572 22.05 6.47 12.84
CA GLY B 572 23.12 6.27 13.80
C GLY B 572 24.19 7.35 13.73
N LYS B 573 24.48 7.83 12.51
CA LYS B 573 25.48 8.88 12.36
C LYS B 573 24.99 10.21 12.93
N LYS B 574 23.71 10.53 12.70
CA LYS B 574 23.17 11.78 13.23
C LYS B 574 22.96 11.70 14.74
N LEU B 575 22.68 10.50 15.27
CA LEU B 575 22.50 10.36 16.70
C LEU B 575 23.81 10.53 17.46
N VAL B 576 24.93 10.10 16.87
CA VAL B 576 26.22 10.29 17.50
C VAL B 576 26.64 11.75 17.44
N ALA B 577 26.37 12.41 16.30
CA ALA B 577 26.70 13.83 16.17
C ALA B 577 25.90 14.69 17.13
N ALA B 578 24.71 14.23 17.52
CA ALA B 578 23.92 14.96 18.52
C ALA B 578 24.41 14.69 19.93
N SER B 579 24.94 13.49 20.19
CA SER B 579 25.49 13.19 21.51
C SER B 579 26.75 13.98 21.78
N GLN B 580 27.63 14.10 20.77
CA GLN B 580 28.84 14.90 20.92
C GLN B 580 28.52 16.38 21.08
N ALA B 581 27.42 16.85 20.48
CA ALA B 581 27.05 18.24 20.61
C ALA B 581 26.50 18.56 21.99
N ALA B 582 25.86 17.59 22.65
CA ALA B 582 25.33 17.84 23.98
C ALA B 582 26.37 17.62 25.07
N LEU B 583 27.33 16.71 24.84
CA LEU B 583 28.37 16.42 25.81
C LEU B 583 29.63 17.19 25.41
N GLY B 584 29.62 18.48 25.68
CA GLY B 584 30.74 19.35 25.35
C GLY B 584 31.47 19.89 26.56
N GLN C 1 3.94 7.61 -10.29
CA GLN C 1 4.49 8.91 -10.66
C GLN C 1 5.92 8.77 -11.20
N VAL C 2 6.68 7.87 -10.60
CA VAL C 2 8.06 7.61 -11.01
C VAL C 2 8.16 6.16 -11.44
N GLN C 3 8.73 5.94 -12.62
CA GLN C 3 8.94 4.60 -13.18
C GLN C 3 10.43 4.33 -13.30
N LEU C 4 10.83 3.10 -13.02
CA LEU C 4 12.23 2.69 -13.07
C LEU C 4 12.39 1.54 -14.07
N GLN C 5 13.53 1.51 -14.73
CA GLN C 5 13.82 0.48 -15.73
C GLN C 5 15.30 0.11 -15.62
N GLU C 6 15.58 -1.08 -15.10
CA GLU C 6 16.96 -1.55 -15.03
C GLU C 6 17.44 -1.97 -16.42
N SER C 7 18.77 -1.95 -16.59
CA SER C 7 19.40 -2.35 -17.83
C SER C 7 20.88 -2.51 -17.59
N GLY C 8 21.52 -3.33 -18.42
CA GLY C 8 22.95 -3.57 -18.34
C GLY C 8 23.33 -4.97 -17.92
N GLY C 9 22.39 -5.78 -17.46
CA GLY C 9 22.69 -7.12 -17.01
C GLY C 9 22.94 -8.08 -18.17
N GLY C 10 23.22 -9.32 -17.82
CA GLY C 10 23.48 -10.34 -18.82
C GLY C 10 24.35 -11.44 -18.23
N LEU C 11 25.03 -12.16 -19.12
CA LEU C 11 25.97 -13.21 -18.75
C LEU C 11 27.37 -12.63 -18.70
N VAL C 12 28.05 -12.84 -17.57
CA VAL C 12 29.36 -12.25 -17.33
C VAL C 12 30.25 -13.30 -16.66
N GLN C 13 31.55 -13.13 -16.82
CA GLN C 13 32.54 -14.07 -16.31
C GLN C 13 32.95 -13.70 -14.89
N ALA C 14 33.46 -14.71 -14.17
CA ALA C 14 33.95 -14.48 -12.81
C ALA C 14 35.20 -13.59 -12.86
N GLY C 15 35.24 -12.60 -11.99
CA GLY C 15 36.31 -11.62 -12.01
C GLY C 15 36.17 -10.53 -13.04
N GLY C 16 35.10 -10.54 -13.84
CA GLY C 16 34.88 -9.53 -14.84
C GLY C 16 34.15 -8.32 -14.30
N SER C 17 33.87 -7.38 -15.19
CA SER C 17 33.21 -6.13 -14.85
C SER C 17 31.79 -6.10 -15.43
N LEU C 18 30.98 -5.20 -14.89
CA LEU C 18 29.61 -5.00 -15.33
C LEU C 18 29.08 -3.73 -14.68
N ARG C 19 28.35 -2.94 -15.47
CA ARG C 19 27.79 -1.68 -14.99
C ARG C 19 26.29 -1.68 -15.26
N LEU C 20 25.49 -1.71 -14.20
CA LEU C 20 24.04 -1.68 -14.33
C LEU C 20 23.56 -0.23 -14.36
N SER C 21 22.41 -0.03 -15.02
CA SER C 21 21.79 1.27 -15.14
C SER C 21 20.34 1.18 -14.72
N CYS C 22 19.81 2.31 -14.23
CA CYS C 22 18.43 2.37 -13.77
C CYS C 22 17.90 3.77 -14.07
N ALA C 23 17.21 3.91 -15.19
CA ALA C 23 16.68 5.18 -15.63
C ALA C 23 15.32 5.44 -14.97
N ALA C 24 15.12 6.69 -14.54
CA ALA C 24 13.87 7.13 -13.94
C ALA C 24 13.11 8.00 -14.93
N SER C 25 11.78 7.93 -14.85
CA SER C 25 10.92 8.72 -15.72
C SER C 25 10.29 9.92 -15.03
N GLY C 26 10.47 10.06 -13.71
CA GLY C 26 9.91 11.17 -12.97
C GLY C 26 10.95 11.81 -12.08
N TYR C 27 10.56 12.93 -11.48
CA TYR C 27 11.46 13.68 -10.60
C TYR C 27 11.54 13.01 -9.24
N ILE C 28 12.75 12.76 -8.78
CA ILE C 28 13.01 12.17 -7.48
C ILE C 28 13.48 13.29 -6.56
N SER C 29 12.60 13.74 -5.67
CA SER C 29 12.88 14.90 -4.84
C SER C 29 13.89 14.55 -3.75
N ASP C 30 14.29 15.57 -2.99
CA ASP C 30 15.23 15.39 -1.89
C ASP C 30 14.64 14.57 -0.76
N ALA C 31 13.33 14.32 -0.76
CA ALA C 31 12.69 13.47 0.24
C ALA C 31 12.83 11.99 -0.08
N TYR C 32 13.71 11.61 -1.02
CA TYR C 32 13.86 10.23 -1.41
C TYR C 32 15.34 9.93 -1.66
N TYR C 33 15.68 8.65 -1.55
CA TYR C 33 17.02 8.16 -1.90
C TYR C 33 16.85 6.87 -2.70
N MET C 34 17.94 6.46 -3.34
CA MET C 34 17.93 5.33 -4.26
C MET C 34 18.95 4.29 -3.82
N GLY C 35 18.73 3.05 -4.26
CA GLY C 35 19.63 1.97 -3.93
C GLY C 35 19.40 0.77 -4.84
N TRP C 36 20.20 -0.27 -4.60
CA TRP C 36 20.14 -1.50 -5.36
C TRP C 36 19.88 -2.69 -4.45
N TYR C 37 19.02 -3.60 -4.90
CA TYR C 37 18.73 -4.84 -4.21
C TYR C 37 18.85 -6.00 -5.19
N ARG C 38 19.04 -7.20 -4.66
CA ARG C 38 19.18 -8.39 -5.49
C ARG C 38 18.51 -9.57 -4.81
N GLN C 39 18.16 -10.57 -5.62
CA GLN C 39 17.54 -11.80 -5.15
C GLN C 39 18.23 -12.99 -5.82
N ALA C 40 19.04 -13.71 -5.05
CA ALA C 40 19.73 -14.88 -5.57
C ALA C 40 18.75 -16.04 -5.71
N PRO C 41 19.10 -17.05 -6.50
CA PRO C 41 18.20 -18.22 -6.65
C PRO C 41 17.96 -18.90 -5.31
N GLY C 42 16.68 -19.03 -4.96
CA GLY C 42 16.30 -19.68 -3.72
C GLY C 42 16.31 -18.77 -2.52
N LYS C 43 17.23 -17.81 -2.49
CA LYS C 43 17.38 -16.91 -1.37
C LYS C 43 16.35 -15.77 -1.45
N GLU C 44 16.29 -15.00 -0.37
CA GLU C 44 15.37 -13.87 -0.27
C GLU C 44 16.05 -12.60 -0.81
N ARG C 45 15.22 -11.58 -1.06
CA ARG C 45 15.73 -10.30 -1.51
C ARG C 45 16.74 -9.75 -0.50
N GLU C 46 17.78 -9.10 -1.02
CA GLU C 46 18.95 -8.74 -0.22
C GLU C 46 19.40 -7.33 -0.53
N PHE C 47 19.84 -6.62 0.51
CA PHE C 47 20.43 -5.31 0.34
C PHE C 47 21.78 -5.41 -0.36
N VAL C 48 22.06 -4.47 -1.25
CA VAL C 48 23.34 -4.43 -1.96
C VAL C 48 24.01 -3.09 -1.70
N ALA C 49 23.53 -2.04 -2.36
CA ALA C 49 24.09 -0.71 -2.22
C ALA C 49 22.97 0.31 -2.18
N THR C 50 23.27 1.48 -1.62
CA THR C 50 22.31 2.57 -1.54
C THR C 50 23.07 3.89 -1.51
N ILE C 51 22.47 4.91 -2.12
CA ILE C 51 23.07 6.23 -2.18
C ILE C 51 22.01 7.24 -1.76
N THR C 52 22.22 7.88 -0.61
CA THR C 52 21.30 8.90 -0.15
C THR C 52 21.64 10.24 -0.81
N HIS C 53 20.78 11.22 -0.58
CA HIS C 53 21.04 12.56 -1.10
C HIS C 53 22.23 13.15 -0.36
N GLY C 54 23.16 13.73 -1.13
CA GLY C 54 24.41 14.20 -0.59
C GLY C 54 25.59 13.30 -0.88
N THR C 55 25.44 12.32 -1.77
CA THR C 55 26.47 11.40 -2.24
C THR C 55 27.00 10.46 -1.16
N ASN C 56 26.34 10.39 0.01
CA ASN C 56 26.72 9.40 1.01
C ASN C 56 26.23 8.03 0.56
N THR C 57 27.16 7.08 0.43
CA THR C 57 26.87 5.75 -0.07
C THR C 57 27.11 4.70 1.01
N TYR C 58 26.28 3.66 0.98
CA TYR C 58 26.39 2.54 1.89
C TYR C 58 26.26 1.25 1.11
N TYR C 59 27.14 0.29 1.40
CA TYR C 59 27.20 -0.97 0.67
C TYR C 59 27.04 -2.14 1.64
N ALA C 60 26.63 -3.28 1.08
CA ALA C 60 26.58 -4.51 1.86
C ALA C 60 28.00 -5.05 2.05
N ASP C 61 28.15 -5.85 3.11
CA ASP C 61 29.47 -6.40 3.42
C ASP C 61 29.98 -7.31 2.30
N SER C 62 29.07 -8.07 1.67
CA SER C 62 29.48 -9.01 0.64
C SER C 62 29.97 -8.34 -0.62
N VAL C 63 29.61 -7.07 -0.85
CA VAL C 63 29.98 -6.36 -2.07
C VAL C 63 30.81 -5.12 -1.80
N LYS C 64 31.05 -4.78 -0.53
CA LYS C 64 31.82 -3.57 -0.22
C LYS C 64 33.24 -3.71 -0.71
N GLY C 65 33.72 -2.70 -1.42
CA GLY C 65 35.02 -2.74 -2.06
C GLY C 65 35.01 -3.24 -3.49
N ARG C 66 33.94 -3.89 -3.92
CA ARG C 66 33.79 -4.37 -5.28
C ARG C 66 32.72 -3.60 -6.06
N PHE C 67 31.59 -3.29 -5.43
CA PHE C 67 30.52 -2.58 -6.09
C PHE C 67 30.59 -1.09 -5.75
N THR C 68 30.18 -0.26 -6.71
CA THR C 68 30.14 1.18 -6.52
C THR C 68 28.83 1.72 -7.07
N ILE C 69 28.12 2.49 -6.25
CA ILE C 69 26.84 3.08 -6.64
C ILE C 69 27.02 4.58 -6.83
N SER C 70 26.39 5.12 -7.86
CA SER C 70 26.51 6.53 -8.19
C SER C 70 25.23 6.98 -8.88
N ARG C 71 25.01 8.29 -8.90
CA ARG C 71 23.79 8.86 -9.45
C ARG C 71 24.13 10.04 -10.34
N ASP C 72 23.62 10.00 -11.58
CA ASP C 72 23.80 11.07 -12.56
C ASP C 72 22.48 11.82 -12.67
N ASN C 73 22.40 12.99 -12.04
CA ASN C 73 21.18 13.77 -12.09
C ASN C 73 20.92 14.39 -13.46
N ALA C 74 21.96 14.58 -14.28
CA ALA C 74 21.76 15.10 -15.62
C ALA C 74 21.02 14.11 -16.51
N LYS C 75 21.16 12.81 -16.23
CA LYS C 75 20.45 11.77 -16.95
C LYS C 75 19.35 11.13 -16.12
N ASN C 76 19.21 11.52 -14.85
CA ASN C 76 18.23 10.93 -13.94
C ASN C 76 18.38 9.41 -13.89
N THR C 77 19.61 8.96 -13.71
CA THR C 77 19.95 7.55 -13.73
C THR C 77 20.91 7.23 -12.60
N VAL C 78 20.66 6.11 -11.92
CA VAL C 78 21.55 5.60 -10.88
C VAL C 78 22.26 4.37 -11.43
N TYR C 79 23.56 4.26 -11.15
CA TYR C 79 24.37 3.19 -11.69
C TYR C 79 24.88 2.30 -10.56
N LEU C 80 25.35 1.11 -10.95
CA LEU C 80 25.95 0.16 -10.01
C LEU C 80 27.15 -0.48 -10.71
N GLN C 81 28.34 0.01 -10.42
CA GLN C 81 29.56 -0.50 -11.04
C GLN C 81 30.00 -1.75 -10.32
N MET C 82 29.87 -2.90 -11.00
CA MET C 82 30.26 -4.19 -10.43
C MET C 82 31.65 -4.56 -10.95
N ASN C 83 32.60 -4.67 -10.03
CA ASN C 83 33.95 -5.13 -10.35
C ASN C 83 34.26 -6.37 -9.52
N SER C 84 35.19 -7.17 -10.05
CA SER C 84 35.63 -8.40 -9.39
C SER C 84 34.45 -9.33 -9.09
N LEU C 85 33.69 -9.63 -10.14
CA LEU C 85 32.45 -10.39 -9.97
C LEU C 85 32.74 -11.83 -9.57
N LYS C 86 31.91 -12.35 -8.68
CA LYS C 86 31.99 -13.71 -8.18
C LYS C 86 30.68 -14.44 -8.47
N PRO C 87 30.70 -15.78 -8.56
CA PRO C 87 29.46 -16.51 -8.82
C PRO C 87 28.37 -16.26 -7.80
N GLU C 88 28.72 -15.85 -6.57
CA GLU C 88 27.71 -15.54 -5.57
C GLU C 88 26.90 -14.29 -5.93
N ASP C 89 27.41 -13.45 -6.83
CA ASP C 89 26.71 -12.24 -7.23
C ASP C 89 25.58 -12.50 -8.21
N THR C 90 25.39 -13.74 -8.64
CA THR C 90 24.33 -14.09 -9.58
C THR C 90 22.97 -13.87 -8.93
N ALA C 91 22.22 -12.89 -9.41
CA ALA C 91 20.91 -12.56 -8.84
C ALA C 91 20.20 -11.60 -9.77
N VAL C 92 18.88 -11.49 -9.57
CA VAL C 92 18.07 -10.49 -10.26
C VAL C 92 18.22 -9.19 -9.47
N TYR C 93 18.83 -8.18 -10.10
CA TYR C 93 19.10 -6.92 -9.43
C TYR C 93 17.99 -5.92 -9.70
N TYR C 94 17.43 -5.36 -8.62
CA TYR C 94 16.39 -4.36 -8.68
C TYR C 94 16.91 -3.03 -8.15
N CYS C 95 16.50 -1.94 -8.80
CA CYS C 95 16.72 -0.60 -8.26
C CYS C 95 15.41 -0.08 -7.69
N ALA C 96 15.52 0.70 -6.61
CA ALA C 96 14.35 1.15 -5.88
C ALA C 96 14.48 2.63 -5.53
N VAL C 97 13.34 3.23 -5.22
CA VAL C 97 13.27 4.58 -4.68
C VAL C 97 12.65 4.48 -3.29
N LEU C 98 13.31 5.06 -2.30
CA LEU C 98 12.91 4.92 -0.91
C LEU C 98 12.73 6.29 -0.27
N GLU C 99 11.74 6.39 0.62
CA GLU C 99 11.52 7.62 1.36
C GLU C 99 12.67 7.86 2.34
N THR C 100 13.19 9.09 2.36
CA THR C 100 14.36 9.38 3.18
C THR C 100 14.01 9.56 4.64
N ARG C 101 12.74 9.76 4.98
CA ARG C 101 12.34 9.98 6.37
C ARG C 101 11.96 8.68 7.07
N SER C 102 11.32 7.76 6.36
CA SER C 102 10.89 6.50 6.93
C SER C 102 11.72 5.30 6.48
N TYR C 103 12.61 5.49 5.50
CA TYR C 103 13.44 4.41 4.97
C TYR C 103 12.58 3.24 4.47
N SER C 104 11.46 3.57 3.85
CA SER C 104 10.52 2.59 3.34
C SER C 104 10.54 2.57 1.81
N PHE C 105 10.17 1.43 1.25
CA PHE C 105 10.11 1.30 -0.20
C PHE C 105 8.97 2.14 -0.77
N ARG C 106 9.22 2.75 -1.93
CA ARG C 106 8.24 3.61 -2.56
C ARG C 106 8.00 3.18 -4.01
N TYR C 107 9.09 2.99 -4.76
CA TYR C 107 9.00 2.61 -6.17
C TYR C 107 10.00 1.51 -6.45
N TRP C 108 9.62 0.58 -7.32
CA TRP C 108 10.47 -0.55 -7.71
C TRP C 108 10.62 -0.61 -9.22
N GLY C 109 11.78 -1.10 -9.65
CA GLY C 109 12.00 -1.37 -11.05
C GLY C 109 11.65 -2.81 -11.42
N GLN C 110 11.73 -3.10 -12.72
CA GLN C 110 11.40 -4.43 -13.20
C GLN C 110 12.47 -5.45 -12.82
N GLY C 111 13.73 -5.03 -12.82
CA GLY C 111 14.82 -5.93 -12.47
C GLY C 111 15.59 -6.44 -13.66
N THR C 112 16.92 -6.44 -13.56
CA THR C 112 17.78 -6.99 -14.60
C THR C 112 18.59 -8.15 -14.04
N GLN C 113 18.74 -9.19 -14.85
CA GLN C 113 19.40 -10.42 -14.42
C GLN C 113 20.91 -10.31 -14.62
N VAL C 114 21.66 -10.72 -13.61
CA VAL C 114 23.12 -10.81 -13.69
C VAL C 114 23.51 -12.24 -13.33
N THR C 115 24.24 -12.90 -14.24
CA THR C 115 24.70 -14.26 -14.04
C THR C 115 26.22 -14.28 -14.19
N VAL C 116 26.92 -14.62 -13.11
CA VAL C 116 28.37 -14.67 -13.10
C VAL C 116 28.78 -16.13 -13.22
N SER C 117 29.26 -16.51 -14.41
CA SER C 117 29.69 -17.88 -14.67
C SER C 117 31.20 -17.99 -14.53
N SER C 118 31.65 -19.10 -13.96
CA SER C 118 33.08 -19.32 -13.75
C SER C 118 33.71 -19.89 -15.02
N LEU C 119 35.03 -19.68 -15.13
CA LEU C 119 35.76 -20.17 -16.29
C LEU C 119 35.94 -21.68 -16.21
N GLU C 120 36.07 -22.30 -17.39
CA GLU C 120 36.26 -23.74 -17.47
C GLU C 120 36.80 -24.14 -18.84
N GLN D 1 6.52 6.57 10.82
CA GLN D 1 6.02 7.69 10.03
C GLN D 1 5.60 8.85 10.93
N VAL D 2 4.64 9.65 10.46
CA VAL D 2 4.15 10.82 11.17
C VAL D 2 2.66 10.67 11.39
N GLN D 3 2.22 10.93 12.62
CA GLN D 3 0.81 10.85 12.98
C GLN D 3 0.17 12.24 12.96
N LEU D 4 -1.13 12.26 12.69
CA LEU D 4 -1.91 13.50 12.65
C LEU D 4 -3.07 13.40 13.63
N GLN D 5 -3.36 14.51 14.31
CA GLN D 5 -4.43 14.56 15.29
C GLN D 5 -5.23 15.84 15.11
N GLU D 6 -6.55 15.70 14.99
CA GLU D 6 -7.44 16.84 14.81
C GLU D 6 -7.97 17.29 16.17
N SER D 7 -8.14 18.61 16.31
CA SER D 7 -8.64 19.20 17.54
C SER D 7 -9.49 20.41 17.22
N GLY D 8 -10.60 20.54 17.92
CA GLY D 8 -11.45 21.72 17.79
C GLY D 8 -12.85 21.45 17.29
N GLY D 9 -13.20 20.18 17.12
CA GLY D 9 -14.51 19.80 16.62
C GLY D 9 -15.48 19.48 17.74
N GLY D 10 -16.77 19.62 17.44
CA GLY D 10 -17.81 19.33 18.40
C GLY D 10 -19.20 19.67 17.92
N LEU D 11 -20.01 20.25 18.80
CA LEU D 11 -21.38 20.62 18.52
C LEU D 11 -21.47 22.13 18.35
N VAL D 12 -21.97 22.57 17.20
CA VAL D 12 -22.10 23.98 16.88
C VAL D 12 -23.47 24.19 16.23
N GLN D 13 -23.94 25.44 16.26
CA GLN D 13 -25.25 25.79 15.74
C GLN D 13 -25.14 26.46 14.38
N ALA D 14 -26.26 26.50 13.68
CA ALA D 14 -26.29 27.07 12.33
C ALA D 14 -25.96 28.55 12.38
N GLY D 15 -25.13 28.99 11.42
CA GLY D 15 -24.66 30.36 11.40
C GLY D 15 -23.51 30.67 12.32
N GLY D 16 -23.06 29.69 13.11
CA GLY D 16 -21.96 29.89 14.03
C GLY D 16 -20.61 29.71 13.36
N SER D 17 -19.58 29.67 14.21
CA SER D 17 -18.21 29.54 13.76
C SER D 17 -17.51 28.42 14.51
N LEU D 18 -16.47 27.87 13.90
CA LEU D 18 -15.70 26.81 14.51
C LEU D 18 -14.32 26.76 13.86
N ARG D 19 -13.30 26.55 14.68
CA ARG D 19 -11.91 26.47 14.24
C ARG D 19 -11.40 25.04 14.44
N LEU D 20 -10.88 24.44 13.37
CA LEU D 20 -10.31 23.10 13.41
C LEU D 20 -8.80 23.19 13.30
N SER D 21 -8.10 22.46 14.16
CA SER D 21 -6.65 22.38 14.15
C SER D 21 -6.22 20.95 13.86
N CYS D 22 -5.04 20.82 13.28
CA CYS D 22 -4.52 19.50 12.87
C CYS D 22 -2.99 19.56 12.96
N ALA D 23 -2.44 19.07 14.06
CA ALA D 23 -1.00 19.09 14.29
C ALA D 23 -0.37 17.77 13.86
N ALA D 24 0.79 17.86 13.23
CA ALA D 24 1.56 16.69 12.83
C ALA D 24 2.75 16.51 13.76
N SER D 25 3.05 15.26 14.09
CA SER D 25 4.13 14.94 15.01
C SER D 25 5.51 14.95 14.34
N GLY D 26 5.62 15.48 13.12
CA GLY D 26 6.87 15.50 12.41
C GLY D 26 6.96 16.68 11.47
N TYR D 27 8.14 16.84 10.88
CA TYR D 27 8.38 17.96 9.98
C TYR D 27 7.70 17.71 8.63
N ILE D 28 6.83 18.63 8.23
CA ILE D 28 6.19 18.58 6.92
C ILE D 28 7.13 19.25 5.93
N SER D 29 7.72 18.46 5.04
CA SER D 29 8.67 18.99 4.09
C SER D 29 8.01 19.97 3.13
N ASP D 30 8.84 20.76 2.44
CA ASP D 30 8.34 21.71 1.47
C ASP D 30 7.58 21.03 0.34
N ALA D 31 7.81 19.74 0.14
CA ALA D 31 7.03 18.98 -0.85
C ALA D 31 5.59 18.83 -0.38
N TYR D 32 5.36 17.93 0.59
CA TYR D 32 4.01 17.57 0.99
C TYR D 32 3.16 18.80 1.30
N TYR D 33 1.87 18.71 0.95
CA TYR D 33 0.88 19.72 1.29
C TYR D 33 -0.24 19.07 2.09
N MET D 34 -0.94 19.87 2.88
CA MET D 34 -1.96 19.39 3.79
C MET D 34 -3.31 20.02 3.47
N GLY D 35 -4.38 19.25 3.67
CA GLY D 35 -5.71 19.70 3.39
C GLY D 35 -6.77 19.11 4.30
N TRP D 36 -8.04 19.24 3.93
CA TRP D 36 -9.14 18.76 4.75
C TRP D 36 -10.16 18.03 3.89
N TYR D 37 -10.67 16.92 4.41
CA TYR D 37 -11.76 16.16 3.80
C TYR D 37 -12.87 15.99 4.82
N ARG D 38 -14.07 15.67 4.32
CA ARG D 38 -15.21 15.42 5.20
C ARG D 38 -16.05 14.29 4.64
N GLN D 39 -16.81 13.65 5.52
CA GLN D 39 -17.67 12.51 5.16
C GLN D 39 -19.02 12.71 5.85
N ALA D 40 -20.01 13.15 5.08
CA ALA D 40 -21.35 13.36 5.62
C ALA D 40 -21.99 12.01 5.95
N PRO D 41 -22.98 12.01 6.84
CA PRO D 41 -23.67 10.76 7.18
C PRO D 41 -24.37 10.16 5.95
N GLY D 42 -24.05 8.91 5.66
CA GLY D 42 -24.63 8.25 4.50
C GLY D 42 -24.08 8.68 3.17
N LYS D 43 -23.03 9.51 3.16
CA LYS D 43 -22.40 9.97 1.93
C LYS D 43 -20.92 9.63 1.94
N GLU D 44 -20.34 9.58 0.75
CA GLU D 44 -18.94 9.21 0.61
C GLU D 44 -18.03 10.37 1.00
N ARG D 45 -16.73 10.09 1.00
CA ARG D 45 -15.74 11.10 1.35
C ARG D 45 -15.77 12.25 0.35
N GLU D 46 -15.50 13.46 0.84
CA GLU D 46 -15.67 14.67 0.06
C GLU D 46 -14.52 15.63 0.30
N PHE D 47 -14.06 16.26 -0.78
CA PHE D 47 -13.03 17.29 -0.67
C PHE D 47 -13.59 18.55 -0.02
N VAL D 48 -12.78 19.18 0.82
CA VAL D 48 -13.19 20.41 1.49
C VAL D 48 -12.25 21.54 1.08
N ALA D 49 -11.05 21.56 1.67
CA ALA D 49 -10.08 22.61 1.38
C ALA D 49 -8.67 22.03 1.46
N THR D 50 -7.75 22.65 0.72
CA THR D 50 -6.36 22.23 0.73
C THR D 50 -5.48 23.46 0.56
N ILE D 51 -4.25 23.37 1.04
CA ILE D 51 -3.30 24.47 0.94
C ILE D 51 -1.94 23.91 0.55
N THR D 52 -1.27 24.59 -0.39
CA THR D 52 0.07 24.23 -0.82
C THR D 52 0.86 25.52 -1.01
N HIS D 53 2.18 25.37 -1.05
CA HIS D 53 3.12 26.47 -1.28
C HIS D 53 3.13 27.45 -0.11
N GLY D 54 2.14 27.36 0.78
CA GLY D 54 2.00 28.29 1.88
C GLY D 54 1.04 29.43 1.63
N THR D 55 0.73 29.71 0.36
CA THR D 55 -0.23 30.75 0.00
C THR D 55 -1.32 30.29 -0.96
N ASN D 56 -1.10 29.22 -1.72
CA ASN D 56 -2.11 28.72 -2.65
C ASN D 56 -3.18 27.97 -1.86
N THR D 57 -4.42 28.46 -1.94
CA THR D 57 -5.55 27.86 -1.25
C THR D 57 -6.60 27.45 -2.27
N TYR D 58 -7.11 26.23 -2.14
CA TYR D 58 -8.13 25.71 -3.04
C TYR D 58 -9.26 25.10 -2.20
N TYR D 59 -10.47 25.65 -2.36
CA TYR D 59 -11.62 25.23 -1.59
C TYR D 59 -12.65 24.57 -2.50
N ALA D 60 -13.55 23.81 -1.88
CA ALA D 60 -14.66 23.23 -2.61
C ALA D 60 -15.75 24.28 -2.84
N ASP D 61 -16.62 24.02 -3.81
CA ASP D 61 -17.64 24.99 -4.19
C ASP D 61 -18.65 25.21 -3.06
N SER D 62 -19.07 24.13 -2.39
CA SER D 62 -20.09 24.26 -1.36
C SER D 62 -19.59 25.05 -0.16
N VAL D 63 -18.27 25.05 0.09
CA VAL D 63 -17.68 25.73 1.23
C VAL D 63 -16.89 26.96 0.82
N LYS D 64 -16.87 27.31 -0.46
CA LYS D 64 -16.10 28.46 -0.91
C LYS D 64 -16.73 29.75 -0.38
N GLY D 65 -15.89 30.61 0.18
CA GLY D 65 -16.34 31.84 0.80
C GLY D 65 -16.74 31.72 2.25
N ARG D 66 -16.95 30.51 2.75
CA ARG D 66 -17.29 30.27 4.15
C ARG D 66 -16.16 29.67 4.95
N PHE D 67 -15.36 28.79 4.35
CA PHE D 67 -14.25 28.15 5.04
C PHE D 67 -12.93 28.75 4.56
N THR D 68 -11.97 28.83 5.48
CA THR D 68 -10.64 29.34 5.19
C THR D 68 -9.60 28.40 5.78
N ILE D 69 -8.57 28.10 5.00
CA ILE D 69 -7.51 27.17 5.39
C ILE D 69 -6.19 27.93 5.47
N SER D 70 -5.36 27.56 6.45
CA SER D 70 -4.06 28.17 6.64
C SER D 70 -3.14 27.18 7.33
N ARG D 71 -1.83 27.42 7.22
CA ARG D 71 -0.85 26.51 7.79
C ARG D 71 0.28 27.30 8.43
N ASP D 72 0.69 26.86 9.62
CA ASP D 72 1.90 27.36 10.28
C ASP D 72 2.99 26.33 9.96
N ASN D 73 3.87 26.67 9.01
CA ASN D 73 4.88 25.73 8.56
C ASN D 73 5.83 25.34 9.67
N ALA D 74 6.13 26.26 10.59
CA ALA D 74 7.04 25.94 11.68
C ALA D 74 6.38 25.15 12.79
N LYS D 75 5.07 25.31 12.98
CA LYS D 75 4.34 24.63 14.03
C LYS D 75 3.80 23.27 13.61
N ASN D 76 3.89 22.93 12.31
CA ASN D 76 3.40 21.66 11.79
C ASN D 76 1.91 21.48 12.10
N THR D 77 1.13 22.53 11.84
CA THR D 77 -0.30 22.52 12.12
C THR D 77 -1.04 23.29 11.04
N VAL D 78 -2.06 22.67 10.46
CA VAL D 78 -2.92 23.32 9.49
C VAL D 78 -4.22 23.71 10.17
N TYR D 79 -4.71 24.91 9.87
CA TYR D 79 -5.90 25.46 10.49
C TYR D 79 -7.02 25.58 9.47
N LEU D 80 -8.23 25.20 9.87
CA LEU D 80 -9.42 25.33 9.03
C LEU D 80 -10.43 26.20 9.76
N GLN D 81 -10.64 27.41 9.25
CA GLN D 81 -11.59 28.34 9.83
C GLN D 81 -12.95 28.16 9.16
N MET D 82 -13.99 27.96 9.96
CA MET D 82 -15.35 27.75 9.47
C MET D 82 -16.23 28.89 9.94
N ASN D 83 -16.93 29.52 8.99
CA ASN D 83 -17.88 30.58 9.30
C ASN D 83 -19.17 30.35 8.51
N SER D 84 -20.27 30.85 9.06
CA SER D 84 -21.59 30.71 8.46
C SER D 84 -21.92 29.24 8.20
N LEU D 85 -21.83 28.46 9.27
CA LEU D 85 -21.99 27.01 9.18
C LEU D 85 -23.43 26.64 8.85
N LYS D 86 -23.59 25.57 8.09
CA LYS D 86 -24.87 25.05 7.65
C LYS D 86 -25.05 23.61 8.13
N PRO D 87 -26.29 23.15 8.26
CA PRO D 87 -26.50 21.75 8.71
C PRO D 87 -25.90 20.71 7.79
N GLU D 88 -25.71 21.02 6.51
CA GLU D 88 -25.11 20.06 5.59
C GLU D 88 -23.64 19.78 5.93
N ASP D 89 -23.00 20.67 6.69
CA ASP D 89 -21.59 20.50 7.03
C ASP D 89 -21.36 19.45 8.11
N THR D 90 -22.42 18.90 8.71
CA THR D 90 -22.27 17.85 9.71
C THR D 90 -21.59 16.64 9.10
N ALA D 91 -20.34 16.39 9.51
CA ALA D 91 -19.55 15.32 8.93
C ALA D 91 -18.34 15.07 9.82
N VAL D 92 -17.62 13.99 9.52
CA VAL D 92 -16.34 13.70 10.15
C VAL D 92 -15.26 14.35 9.29
N TYR D 93 -14.50 15.26 9.89
CA TYR D 93 -13.51 16.05 9.17
C TYR D 93 -12.13 15.47 9.40
N TYR D 94 -11.51 14.98 8.32
CA TYR D 94 -10.16 14.45 8.35
C TYR D 94 -9.19 15.45 7.73
N CYS D 95 -7.98 15.52 8.28
CA CYS D 95 -6.89 16.25 7.66
C CYS D 95 -5.86 15.27 7.12
N ALA D 96 -5.37 15.53 5.91
CA ALA D 96 -4.50 14.59 5.22
C ALA D 96 -3.23 15.29 4.75
N VAL D 97 -2.22 14.48 4.47
CA VAL D 97 -0.97 14.92 3.87
C VAL D 97 -0.80 14.22 2.53
N LEU D 98 -0.50 14.98 1.49
CA LEU D 98 -0.46 14.45 0.14
C LEU D 98 0.83 14.87 -0.56
N GLU D 99 1.27 14.02 -1.49
CA GLU D 99 2.41 14.34 -2.34
C GLU D 99 2.01 15.37 -3.40
N THR D 100 2.97 16.21 -3.80
CA THR D 100 2.67 17.26 -4.76
C THR D 100 2.62 16.73 -6.19
N ARG D 101 3.69 16.09 -6.65
CA ARG D 101 3.79 15.68 -8.04
C ARG D 101 2.70 14.67 -8.41
N SER D 102 2.32 13.80 -7.47
CA SER D 102 1.36 12.75 -7.76
C SER D 102 -0.05 13.07 -7.25
N TYR D 103 -0.18 13.97 -6.28
CA TYR D 103 -1.48 14.32 -5.68
C TYR D 103 -2.17 13.08 -5.11
N SER D 104 -1.40 12.22 -4.48
CA SER D 104 -1.91 10.99 -3.88
C SER D 104 -1.82 11.08 -2.36
N PHE D 105 -2.67 10.28 -1.70
CA PHE D 105 -2.72 10.29 -0.25
C PHE D 105 -1.45 9.69 0.35
N ARG D 106 -1.02 10.24 1.48
CA ARG D 106 0.15 9.73 2.18
C ARG D 106 -0.15 9.48 3.65
N TYR D 107 -0.68 10.49 4.34
CA TYR D 107 -1.00 10.40 5.75
C TYR D 107 -2.44 10.81 5.97
N TRP D 108 -3.19 9.96 6.66
CA TRP D 108 -4.56 10.25 7.04
C TRP D 108 -4.64 10.52 8.54
N GLY D 109 -5.60 11.37 8.93
CA GLY D 109 -5.82 11.67 10.32
C GLY D 109 -6.89 10.77 10.93
N GLN D 110 -7.06 10.92 12.25
CA GLN D 110 -8.07 10.13 12.95
C GLN D 110 -9.48 10.64 12.62
N GLY D 111 -9.65 11.96 12.55
CA GLY D 111 -10.94 12.53 12.18
C GLY D 111 -11.72 13.08 13.35
N THR D 112 -11.95 14.39 13.35
CA THR D 112 -12.77 15.04 14.35
C THR D 112 -14.18 15.25 13.81
N GLN D 113 -15.15 15.27 14.72
CA GLN D 113 -16.56 15.34 14.35
C GLN D 113 -17.09 16.75 14.54
N VAL D 114 -17.82 17.25 13.54
CA VAL D 114 -18.48 18.55 13.60
C VAL D 114 -19.95 18.35 13.26
N THR D 115 -20.83 18.81 14.14
CA THR D 115 -22.27 18.70 13.95
C THR D 115 -22.88 20.09 14.03
N VAL D 116 -23.59 20.49 12.98
CA VAL D 116 -24.26 21.77 12.91
C VAL D 116 -25.76 21.54 13.07
N SER D 117 -26.34 22.14 14.10
CA SER D 117 -27.76 21.98 14.41
C SER D 117 -28.48 23.31 14.27
N SER D 118 -29.74 23.24 13.86
CA SER D 118 -30.55 24.43 13.74
C SER D 118 -30.80 25.06 15.11
N LEU D 119 -31.15 26.35 15.10
CA LEU D 119 -31.30 27.07 16.36
C LEU D 119 -32.48 26.53 17.18
N GLU D 120 -33.59 26.23 16.52
CA GLU D 120 -34.74 25.60 17.18
C GLU D 120 -35.25 26.44 18.35
C1 GOL E . -33.08 12.06 -34.02
O1 GOL E . -33.46 13.24 -33.31
C2 GOL E . -34.32 11.39 -34.61
O2 GOL E . -34.91 12.27 -35.58
C3 GOL E . -33.92 10.09 -35.28
O3 GOL E . -35.05 9.54 -35.96
C1 GOL F . -43.15 -0.66 -33.91
O1 GOL F . -44.38 -0.76 -33.16
C2 GOL F . -43.20 -1.64 -35.08
O2 GOL F . -44.25 -1.26 -35.98
C3 GOL F . -41.86 -1.59 -35.82
O3 GOL F . -41.80 -2.68 -36.75
C1 GOL G . -31.07 23.26 -66.87
O1 GOL G . -30.37 24.38 -66.32
C2 GOL G . -32.43 23.11 -66.19
O2 GOL G . -33.22 24.27 -66.47
C3 GOL G . -33.13 21.87 -66.71
O3 GOL G . -34.36 21.69 -65.99
C1 PLM H . -36.81 10.98 -47.52
O1 PLM H . -36.27 11.20 -48.62
O2 PLM H . -36.15 10.68 -46.50
C2 PLM H . -38.26 11.35 -47.35
C3 PLM H . -38.70 12.18 -48.55
C4 PLM H . -40.18 12.01 -48.85
C5 PLM H . -40.53 12.60 -50.21
C6 PLM H . -39.52 12.14 -51.27
C7 PLM H . -40.22 11.72 -52.55
C8 PLM H . -39.42 10.65 -53.30
C9 PLM H . -40.36 9.68 -54.00
CA PLM H . -39.66 8.40 -54.40
CB PLM H . -38.74 8.61 -55.60
CC PLM H . -38.23 7.28 -56.15
CD PLM H . -37.08 7.51 -57.13
CE PLM H . -36.02 8.36 -56.48
CF PLM H . -34.82 8.58 -57.39
CG PLM H . -34.00 9.77 -56.92
O1 DAO I . -30.83 18.59 -51.49
O2 DAO I . -30.41 20.70 -51.10
C1 DAO I . -30.91 19.80 -51.80
C2 DAO I . -31.93 20.20 -52.83
C3 DAO I . -32.26 19.01 -53.72
C4 DAO I . -33.41 19.35 -54.66
C5 DAO I . -33.70 18.25 -55.67
C6 DAO I . -33.86 16.89 -55.00
C7 DAO I . -33.77 15.76 -56.03
C8 DAO I . -33.56 14.42 -55.35
C9 DAO I . -33.30 13.33 -56.37
C1 PLM J . 26.42 -27.74 48.63
O1 PLM J . 26.20 -27.20 47.53
O2 PLM J . 25.96 -27.29 49.70
C2 PLM J . 27.57 -28.73 48.72
C3 PLM J . 28.17 -28.67 50.11
C4 PLM J . 28.75 -30.01 50.53
C5 PLM J . 29.24 -29.96 51.98
C6 PLM J . 28.22 -29.30 52.88
C7 PLM J . 27.85 -30.21 54.06
C8 PLM J . 26.64 -29.68 54.82
C9 PLM J . 26.22 -30.66 55.91
CA PLM J . 24.95 -30.20 56.61
CB PLM J . 25.14 -28.87 57.32
CC PLM J . 23.92 -28.52 58.16
CD PLM J . 23.97 -27.05 58.61
CE PLM J . 24.12 -26.14 57.40
CF PLM J . 24.05 -24.67 57.80
CG PLM J . 24.35 -23.77 56.61
C1 BUA K . 24.71 -5.54 50.29
C2 BUA K . 25.94 -5.66 51.16
C3 BUA K . 25.95 -7.00 51.91
C4 BUA K . 27.15 -7.05 52.81
O1 BUA K . 27.02 -7.60 53.92
O2 BUA K . 28.28 -6.85 52.30
C1 GOL L . 28.51 14.78 3.51
O1 GOL L . 28.19 13.75 4.44
C2 GOL L . 29.75 14.39 2.70
O2 GOL L . 30.60 13.60 3.54
C3 GOL L . 29.34 13.58 1.48
O3 GOL L . 30.49 13.36 0.65
#